data_7MS6
# 
_entry.id   7MS6 
# 
_audit_conform.dict_name       mmcif_pdbx.dic 
_audit_conform.dict_version    5.380 
_audit_conform.dict_location   http://mmcif.pdb.org/dictionaries/ascii/mmcif_pdbx.dic 
# 
loop_
_database_2.database_id 
_database_2.database_code 
_database_2.pdbx_database_accession 
_database_2.pdbx_DOI 
PDB   7MS6         pdb_00007ms6 10.2210/pdb7ms6/pdb 
WWPDB D_1000256677 ?            ?                   
# 
_pdbx_database_status.status_code                     REL 
_pdbx_database_status.status_code_sf                  REL 
_pdbx_database_status.status_code_mr                  ? 
_pdbx_database_status.entry_id                        7MS6 
_pdbx_database_status.recvd_initial_deposition_date   2021-05-10 
_pdbx_database_status.SG_entry                        N 
_pdbx_database_status.deposit_site                    RCSB 
_pdbx_database_status.process_site                    RCSB 
_pdbx_database_status.status_code_cs                  ? 
_pdbx_database_status.status_code_nmr_data            ? 
_pdbx_database_status.methods_development_category    ? 
_pdbx_database_status.pdb_format_compatible           Y 
# 
loop_
_audit_author.name 
_audit_author.pdbx_ordinal 
_audit_author.identifier_ORCID 
'Mann, M.K.'             1  ? 
'Zepeda-Velazquez, C.A.' 2  ? 
'Alvarez, H.G.'          3  ? 
'Dong, A.'               4  ? 
'Kiyota, T.'             5  ? 
'Aman, A.'               6  ? 
'Arrowsmith, C.H.'       7  ? 
'Al-Awar, R.'            8  ? 
'Harding, R.J.'          9  ? 
'Schapira, M.'           10 ? 
# 
_citation.abstract                  ? 
_citation.abstract_id_CAS           ? 
_citation.book_id_ISBN              ? 
_citation.book_publisher            ? 
_citation.book_publisher_city       ? 
_citation.book_title                ? 
_citation.coordinate_linkage        ? 
_citation.country                   US 
_citation.database_id_Medline       ? 
_citation.details                   ? 
_citation.id                        primary 
_citation.journal_abbrev            J.Med.Chem. 
_citation.journal_id_ASTM           JMCMAR 
_citation.journal_id_CSD            0151 
_citation.journal_id_ISSN           0022-2623 
_citation.journal_full              ? 
_citation.journal_issue             ? 
_citation.journal_volume            64 
_citation.language                  ? 
_citation.page_first                15017 
_citation.page_last                 15036 
_citation.title                     'Structure-Activity Relationship of USP5 Inhibitors.' 
_citation.year                      2021 
_citation.database_id_CSD           ? 
_citation.pdbx_database_id_DOI      10.1021/acs.jmedchem.1c00889 
_citation.pdbx_database_id_PubMed   34648286 
_citation.pdbx_database_id_patent   ? 
_citation.unpublished_flag          ? 
# 
loop_
_citation_author.citation_id 
_citation_author.name 
_citation_author.ordinal 
_citation_author.identifier_ORCID 
primary 'Mann, M.K.'             1  ? 
primary 'Zepeda-Velazquez, C.A.' 2  ? 
primary 'Gonzalez-Alvarez, H.'   3  ? 
primary 'Dong, A.'               4  ? 
primary 'Kiyota, T.'             5  ? 
primary 'Aman, A.M.'             6  ? 
primary 'Loppnau, P.'            7  ? 
primary 'Li, Y.'                 8  ? 
primary 'Wilson, B.'             9  ? 
primary 'Arrowsmith, C.H.'       10 ? 
primary 'Al-Awar, R.'            11 ? 
primary 'Harding, R.J.'          12 ? 
primary 'Schapira, M.'           13 ? 
# 
_cell.angle_alpha                  90.000 
_cell.angle_alpha_esd              ? 
_cell.angle_beta                   90.000 
_cell.angle_beta_esd               ? 
_cell.angle_gamma                  90.000 
_cell.angle_gamma_esd              ? 
_cell.entry_id                     7MS6 
_cell.details                      ? 
_cell.formula_units_Z              ? 
_cell.length_a                     53.575 
_cell.length_a_esd                 ? 
_cell.length_b                     53.575 
_cell.length_b_esd                 ? 
_cell.length_c                     54.097 
_cell.length_c_esd                 ? 
_cell.volume                       ? 
_cell.volume_esd                   ? 
_cell.Z_PDB                        4 
_cell.reciprocal_angle_alpha       ? 
_cell.reciprocal_angle_beta        ? 
_cell.reciprocal_angle_gamma       ? 
_cell.reciprocal_angle_alpha_esd   ? 
_cell.reciprocal_angle_beta_esd    ? 
_cell.reciprocal_angle_gamma_esd   ? 
_cell.reciprocal_length_a          ? 
_cell.reciprocal_length_b          ? 
_cell.reciprocal_length_c          ? 
_cell.reciprocal_length_a_esd      ? 
_cell.reciprocal_length_b_esd      ? 
_cell.reciprocal_length_c_esd      ? 
_cell.pdbx_unique_axis             ? 
# 
_symmetry.entry_id                         7MS6 
_symmetry.cell_setting                     ? 
_symmetry.Int_Tables_number                78 
_symmetry.space_group_name_Hall            ? 
_symmetry.space_group_name_H-M             'P 43' 
_symmetry.pdbx_full_space_group_name_H-M   ? 
# 
loop_
_entity.id 
_entity.type 
_entity.src_method 
_entity.pdbx_description 
_entity.formula_weight 
_entity.pdbx_number_of_molecules 
_entity.pdbx_ec 
_entity.pdbx_mutation 
_entity.pdbx_fragment 
_entity.details 
1 polymer     man 'Ubiquitin carboxyl-terminal hydrolase 5'                      13535.199 1   3.4.19.12 ? 'UNP residues 171-290' 
? 
2 non-polymer syn 'N-[2-fluoro-4-(4-phenylpiperidine-1-sulfonyl)benzoyl]glycine' 420.455   1   ?         ? ?                      
? 
3 non-polymer syn 'SULFATE ION'                                                  96.063    1   ?         ? ?                      
? 
4 non-polymer syn 1,2-ETHANEDIOL                                                 62.068    1   ?         ? ?                      
? 
5 non-polymer syn 'ZINC ION'                                                     65.409    1   ?         ? ?                      
? 
6 water       nat water                                                          18.015    137 ?         ? ?                      
? 
# 
_entity_name_com.entity_id   1 
_entity_name_com.name        
'Deubiquitinating enzyme 5, Isopeptidase T, Ubiquitin thioesterase 5, Ubiquitin-specific-processing protease 5' 
# 
_entity_poly.entity_id                      1 
_entity_poly.type                           'polypeptide(L)' 
_entity_poly.nstd_linkage                   no 
_entity_poly.nstd_monomer                   no 
_entity_poly.pdbx_seq_one_letter_code       
;GGEVRQVSKHAFSLKQLDNPARIPPCGWKCSKCDMRENLWLNLTDGSILCGRRYFDGSGGNNHAVEHYRETGYPLAVKLG
TITPDGADVYSYDEDDMVLDPSLAEHLSHFGIDMLKMQKTD
;
_entity_poly.pdbx_seq_one_letter_code_can   
;GGEVRQVSKHAFSLKQLDNPARIPPCGWKCSKCDMRENLWLNLTDGSILCGRRYFDGSGGNNHAVEHYRETGYPLAVKLG
TITPDGADVYSYDEDDMVLDPSLAEHLSHFGIDMLKMQKTD
;
_entity_poly.pdbx_strand_id                 A 
_entity_poly.pdbx_target_identifier         ? 
# 
loop_
_entity_poly_seq.entity_id 
_entity_poly_seq.num 
_entity_poly_seq.mon_id 
_entity_poly_seq.hetero 
1 1   GLY n 
1 2   GLY n 
1 3   GLU n 
1 4   VAL n 
1 5   ARG n 
1 6   GLN n 
1 7   VAL n 
1 8   SER n 
1 9   LYS n 
1 10  HIS n 
1 11  ALA n 
1 12  PHE n 
1 13  SER n 
1 14  LEU n 
1 15  LYS n 
1 16  GLN n 
1 17  LEU n 
1 18  ASP n 
1 19  ASN n 
1 20  PRO n 
1 21  ALA n 
1 22  ARG n 
1 23  ILE n 
1 24  PRO n 
1 25  PRO n 
1 26  CYS n 
1 27  GLY n 
1 28  TRP n 
1 29  LYS n 
1 30  CYS n 
1 31  SER n 
1 32  LYS n 
1 33  CYS n 
1 34  ASP n 
1 35  MET n 
1 36  ARG n 
1 37  GLU n 
1 38  ASN n 
1 39  LEU n 
1 40  TRP n 
1 41  LEU n 
1 42  ASN n 
1 43  LEU n 
1 44  THR n 
1 45  ASP n 
1 46  GLY n 
1 47  SER n 
1 48  ILE n 
1 49  LEU n 
1 50  CYS n 
1 51  GLY n 
1 52  ARG n 
1 53  ARG n 
1 54  TYR n 
1 55  PHE n 
1 56  ASP n 
1 57  GLY n 
1 58  SER n 
1 59  GLY n 
1 60  GLY n 
1 61  ASN n 
1 62  ASN n 
1 63  HIS n 
1 64  ALA n 
1 65  VAL n 
1 66  GLU n 
1 67  HIS n 
1 68  TYR n 
1 69  ARG n 
1 70  GLU n 
1 71  THR n 
1 72  GLY n 
1 73  TYR n 
1 74  PRO n 
1 75  LEU n 
1 76  ALA n 
1 77  VAL n 
1 78  LYS n 
1 79  LEU n 
1 80  GLY n 
1 81  THR n 
1 82  ILE n 
1 83  THR n 
1 84  PRO n 
1 85  ASP n 
1 86  GLY n 
1 87  ALA n 
1 88  ASP n 
1 89  VAL n 
1 90  TYR n 
1 91  SER n 
1 92  TYR n 
1 93  ASP n 
1 94  GLU n 
1 95  ASP n 
1 96  ASP n 
1 97  MET n 
1 98  VAL n 
1 99  LEU n 
1 100 ASP n 
1 101 PRO n 
1 102 SER n 
1 103 LEU n 
1 104 ALA n 
1 105 GLU n 
1 106 HIS n 
1 107 LEU n 
1 108 SER n 
1 109 HIS n 
1 110 PHE n 
1 111 GLY n 
1 112 ILE n 
1 113 ASP n 
1 114 MET n 
1 115 LEU n 
1 116 LYS n 
1 117 MET n 
1 118 GLN n 
1 119 LYS n 
1 120 THR n 
1 121 ASP n 
# 
_entity_src_gen.entity_id                          1 
_entity_src_gen.pdbx_src_id                        1 
_entity_src_gen.pdbx_alt_source_flag               sample 
_entity_src_gen.pdbx_seq_type                      'Biological sequence' 
_entity_src_gen.pdbx_beg_seq_num                   1 
_entity_src_gen.pdbx_end_seq_num                   121 
_entity_src_gen.gene_src_common_name               Human 
_entity_src_gen.gene_src_genus                     ? 
_entity_src_gen.pdbx_gene_src_gene                 'USP5, ISOT' 
_entity_src_gen.gene_src_species                   ? 
_entity_src_gen.gene_src_strain                    ? 
_entity_src_gen.gene_src_tissue                    ? 
_entity_src_gen.gene_src_tissue_fraction           ? 
_entity_src_gen.gene_src_details                   ? 
_entity_src_gen.pdbx_gene_src_fragment             ? 
_entity_src_gen.pdbx_gene_src_scientific_name      'Homo sapiens' 
_entity_src_gen.pdbx_gene_src_ncbi_taxonomy_id     9606 
_entity_src_gen.pdbx_gene_src_variant              ? 
_entity_src_gen.pdbx_gene_src_cell_line            ? 
_entity_src_gen.pdbx_gene_src_atcc                 ? 
_entity_src_gen.pdbx_gene_src_organ                ? 
_entity_src_gen.pdbx_gene_src_organelle            ? 
_entity_src_gen.pdbx_gene_src_cell                 ? 
_entity_src_gen.pdbx_gene_src_cellular_location    ? 
_entity_src_gen.host_org_common_name               ? 
_entity_src_gen.pdbx_host_org_scientific_name      'Escherichia coli' 
_entity_src_gen.pdbx_host_org_ncbi_taxonomy_id     562 
_entity_src_gen.host_org_genus                     ? 
_entity_src_gen.pdbx_host_org_gene                 ? 
_entity_src_gen.pdbx_host_org_organ                ? 
_entity_src_gen.host_org_species                   ? 
_entity_src_gen.pdbx_host_org_tissue               ? 
_entity_src_gen.pdbx_host_org_tissue_fraction      ? 
_entity_src_gen.pdbx_host_org_strain               ? 
_entity_src_gen.pdbx_host_org_variant              ? 
_entity_src_gen.pdbx_host_org_cell_line            ? 
_entity_src_gen.pdbx_host_org_atcc                 ? 
_entity_src_gen.pdbx_host_org_culture_collection   ? 
_entity_src_gen.pdbx_host_org_cell                 ? 
_entity_src_gen.pdbx_host_org_organelle            ? 
_entity_src_gen.pdbx_host_org_cellular_location    ? 
_entity_src_gen.pdbx_host_org_vector_type          ? 
_entity_src_gen.pdbx_host_org_vector               ? 
_entity_src_gen.host_org_details                   ? 
_entity_src_gen.expression_system_id               ? 
_entity_src_gen.plasmid_name                       ? 
_entity_src_gen.plasmid_details                    ? 
_entity_src_gen.pdbx_description                   ? 
# 
_struct_ref.id                         1 
_struct_ref.db_name                    UNP 
_struct_ref.db_code                    UBP5_HUMAN 
_struct_ref.pdbx_db_accession          P45974 
_struct_ref.pdbx_db_isoform            ? 
_struct_ref.entity_id                  1 
_struct_ref.pdbx_seq_one_letter_code   
;GEVRQVSKHAFSLKQLDNPARIPPCGWKCSKCDMRENLWLNLTDGSILCGRRYFDGSGGNNHAVEHYRETGYPLAVKLGT
ITPDGADVYSYDEDDMVLDPSLAEHLSHFGIDMLKMQKTD
;
_struct_ref.pdbx_align_begin           171 
# 
_struct_ref_seq.align_id                      1 
_struct_ref_seq.ref_id                        1 
_struct_ref_seq.pdbx_PDB_id_code              7MS6 
_struct_ref_seq.pdbx_strand_id                A 
_struct_ref_seq.seq_align_beg                 2 
_struct_ref_seq.pdbx_seq_align_beg_ins_code   ? 
_struct_ref_seq.seq_align_end                 121 
_struct_ref_seq.pdbx_seq_align_end_ins_code   ? 
_struct_ref_seq.pdbx_db_accession             P45974 
_struct_ref_seq.db_align_beg                  171 
_struct_ref_seq.pdbx_db_align_beg_ins_code    ? 
_struct_ref_seq.db_align_end                  290 
_struct_ref_seq.pdbx_db_align_end_ins_code    ? 
_struct_ref_seq.pdbx_auth_seq_align_beg       171 
_struct_ref_seq.pdbx_auth_seq_align_end       290 
# 
_struct_ref_seq_dif.align_id                     1 
_struct_ref_seq_dif.pdbx_pdb_id_code             7MS6 
_struct_ref_seq_dif.mon_id                       GLY 
_struct_ref_seq_dif.pdbx_pdb_strand_id           A 
_struct_ref_seq_dif.seq_num                      1 
_struct_ref_seq_dif.pdbx_pdb_ins_code            ? 
_struct_ref_seq_dif.pdbx_seq_db_name             UNP 
_struct_ref_seq_dif.pdbx_seq_db_accession_code   P45974 
_struct_ref_seq_dif.db_mon_id                    ? 
_struct_ref_seq_dif.pdbx_seq_db_seq_num          ? 
_struct_ref_seq_dif.details                      'expression tag' 
_struct_ref_seq_dif.pdbx_auth_seq_num            170 
_struct_ref_seq_dif.pdbx_ordinal                 1 
# 
loop_
_chem_comp.id 
_chem_comp.type 
_chem_comp.mon_nstd_flag 
_chem_comp.name 
_chem_comp.pdbx_synonyms 
_chem_comp.formula 
_chem_comp.formula_weight 
ALA 'L-peptide linking' y ALANINE                                                        ?                 'C3 H7 N O2'        
89.093  
ARG 'L-peptide linking' y ARGININE                                                       ?                 'C6 H15 N4 O2 1'    
175.209 
ASN 'L-peptide linking' y ASPARAGINE                                                     ?                 'C4 H8 N2 O3'       
132.118 
ASP 'L-peptide linking' y 'ASPARTIC ACID'                                                ?                 'C4 H7 N O4'        
133.103 
CYS 'L-peptide linking' y CYSTEINE                                                       ?                 'C3 H7 N O2 S'      
121.158 
EDO non-polymer         . 1,2-ETHANEDIOL                                                 'ETHYLENE GLYCOL' 'C2 H6 O2'          
62.068  
GLN 'L-peptide linking' y GLUTAMINE                                                      ?                 'C5 H10 N2 O3'      
146.144 
GLU 'L-peptide linking' y 'GLUTAMIC ACID'                                                ?                 'C5 H9 N O4'        
147.129 
GLY 'peptide linking'   y GLYCINE                                                        ?                 'C2 H5 N O2'        
75.067  
HIS 'L-peptide linking' y HISTIDINE                                                      ?                 'C6 H10 N3 O2 1'    
156.162 
HOH non-polymer         . WATER                                                          ?                 'H2 O'              
18.015  
ILE 'L-peptide linking' y ISOLEUCINE                                                     ?                 'C6 H13 N O2'       
131.173 
LEU 'L-peptide linking' y LEUCINE                                                        ?                 'C6 H13 N O2'       
131.173 
LYS 'L-peptide linking' y LYSINE                                                         ?                 'C6 H15 N2 O2 1'    
147.195 
MET 'L-peptide linking' y METHIONINE                                                     ?                 'C5 H11 N O2 S'     
149.211 
PHE 'L-peptide linking' y PHENYLALANINE                                                  ?                 'C9 H11 N O2'       
165.189 
PRO 'L-peptide linking' y PROLINE                                                        ?                 'C5 H9 N O2'        
115.130 
SER 'L-peptide linking' y SERINE                                                         ?                 'C3 H7 N O3'        
105.093 
SO4 non-polymer         . 'SULFATE ION'                                                  ?                 'O4 S -2'           
96.063  
THR 'L-peptide linking' y THREONINE                                                      ?                 'C4 H9 N O3'        
119.119 
TRP 'L-peptide linking' y TRYPTOPHAN                                                     ?                 'C11 H12 N2 O2'     
204.225 
TYR 'L-peptide linking' y TYROSINE                                                       ?                 'C9 H11 N O3'       
181.189 
VAL 'L-peptide linking' y VALINE                                                         ?                 'C5 H11 N O2'       
117.146 
ZN  non-polymer         . 'ZINC ION'                                                     ?                 'Zn 2'              
65.409  
ZPV non-polymer         . 'N-[2-fluoro-4-(4-phenylpiperidine-1-sulfonyl)benzoyl]glycine' ?                 'C20 H21 F N2 O5 S' 
420.455 
# 
_exptl.absorpt_coefficient_mu     ? 
_exptl.absorpt_correction_T_max   ? 
_exptl.absorpt_correction_T_min   ? 
_exptl.absorpt_correction_type    ? 
_exptl.absorpt_process_details    ? 
_exptl.entry_id                   7MS6 
_exptl.crystals_number            1 
_exptl.details                    ? 
_exptl.method                     'X-RAY DIFFRACTION' 
_exptl.method_details             ? 
# 
_exptl_crystal.colour                      ? 
_exptl_crystal.density_diffrn              ? 
_exptl_crystal.density_Matthews            2.87 
_exptl_crystal.density_method              ? 
_exptl_crystal.density_percent_sol         57.11 
_exptl_crystal.description                 ? 
_exptl_crystal.F_000                       ? 
_exptl_crystal.id                          1 
_exptl_crystal.preparation                 ? 
_exptl_crystal.size_max                    ? 
_exptl_crystal.size_mid                    ? 
_exptl_crystal.size_min                    ? 
_exptl_crystal.size_rad                    ? 
_exptl_crystal.colour_lustre               ? 
_exptl_crystal.colour_modifier             ? 
_exptl_crystal.colour_primary              ? 
_exptl_crystal.density_meas                ? 
_exptl_crystal.density_meas_esd            ? 
_exptl_crystal.density_meas_gt             ? 
_exptl_crystal.density_meas_lt             ? 
_exptl_crystal.density_meas_temp           ? 
_exptl_crystal.density_meas_temp_esd       ? 
_exptl_crystal.density_meas_temp_gt        ? 
_exptl_crystal.density_meas_temp_lt        ? 
_exptl_crystal.pdbx_crystal_image_url      ? 
_exptl_crystal.pdbx_crystal_image_format   ? 
_exptl_crystal.pdbx_mosaicity              ? 
_exptl_crystal.pdbx_mosaicity_esd          ? 
# 
_exptl_crystal_grow.apparatus       ? 
_exptl_crystal_grow.atmosphere      ? 
_exptl_crystal_grow.crystal_id      1 
_exptl_crystal_grow.details         ? 
_exptl_crystal_grow.method          'VAPOR DIFFUSION, SITTING DROP' 
_exptl_crystal_grow.method_ref      ? 
_exptl_crystal_grow.pH              ? 
_exptl_crystal_grow.pressure        ? 
_exptl_crystal_grow.pressure_esd    ? 
_exptl_crystal_grow.seeding         ? 
_exptl_crystal_grow.seeding_ref     ? 
_exptl_crystal_grow.temp            298 
_exptl_crystal_grow.temp_details    ? 
_exptl_crystal_grow.temp_esd        ? 
_exptl_crystal_grow.time            ? 
_exptl_crystal_grow.pdbx_details    '2 M ammonium sulfate, 0.2 M sodium acetate, 0.1 M HEPES pH 7.5, 5% MPD' 
_exptl_crystal_grow.pdbx_pH_range   ? 
# 
_diffrn.ambient_environment              ? 
_diffrn.ambient_temp                     100 
_diffrn.ambient_temp_details             ? 
_diffrn.ambient_temp_esd                 ? 
_diffrn.crystal_id                       1 
_diffrn.crystal_support                  ? 
_diffrn.crystal_treatment                ? 
_diffrn.details                          ? 
_diffrn.id                               1 
_diffrn.ambient_pressure                 ? 
_diffrn.ambient_pressure_esd             ? 
_diffrn.ambient_pressure_gt              ? 
_diffrn.ambient_pressure_lt              ? 
_diffrn.ambient_temp_gt                  ? 
_diffrn.ambient_temp_lt                  ? 
_diffrn.pdbx_serial_crystal_experiment   N 
# 
_diffrn_detector.details                      ? 
_diffrn_detector.detector                     CCD 
_diffrn_detector.diffrn_id                    1 
_diffrn_detector.type                         'RIGAKU SATURN A200' 
_diffrn_detector.area_resol_mean              ? 
_diffrn_detector.dtime                        ? 
_diffrn_detector.pdbx_frames_total            ? 
_diffrn_detector.pdbx_collection_time_total   ? 
_diffrn_detector.pdbx_collection_date         2020-11-02 
_diffrn_detector.pdbx_frequency               ? 
# 
_diffrn_radiation.collimation                      ? 
_diffrn_radiation.diffrn_id                        1 
_diffrn_radiation.filter_edge                      ? 
_diffrn_radiation.inhomogeneity                    ? 
_diffrn_radiation.monochromator                    ? 
_diffrn_radiation.polarisn_norm                    ? 
_diffrn_radiation.polarisn_ratio                   ? 
_diffrn_radiation.probe                            ? 
_diffrn_radiation.type                             ? 
_diffrn_radiation.xray_symbol                      ? 
_diffrn_radiation.wavelength_id                    1 
_diffrn_radiation.pdbx_monochromatic_or_laue_m_l   M 
_diffrn_radiation.pdbx_wavelength_list             ? 
_diffrn_radiation.pdbx_wavelength                  ? 
_diffrn_radiation.pdbx_diffrn_protocol             'SINGLE WAVELENGTH' 
_diffrn_radiation.pdbx_analyzer                    ? 
_diffrn_radiation.pdbx_scattering_type             x-ray 
# 
_diffrn_radiation_wavelength.id           1 
_diffrn_radiation_wavelength.wavelength   1.54178 
_diffrn_radiation_wavelength.wt           1.0 
# 
_diffrn_source.current                     ? 
_diffrn_source.details                     ? 
_diffrn_source.diffrn_id                   1 
_diffrn_source.power                       ? 
_diffrn_source.size                        ? 
_diffrn_source.source                      'ROTATING ANODE' 
_diffrn_source.target                      ? 
_diffrn_source.type                        'RIGAKU FR-E SUPERBRIGHT' 
_diffrn_source.voltage                     ? 
_diffrn_source.take-off_angle              ? 
_diffrn_source.pdbx_wavelength_list        1.54178 
_diffrn_source.pdbx_wavelength             ? 
_diffrn_source.pdbx_synchrotron_beamline   ? 
_diffrn_source.pdbx_synchrotron_site       ? 
# 
_reflns.B_iso_Wilson_estimate                          ? 
_reflns.entry_id                                       7MS6 
_reflns.data_reduction_details                         ? 
_reflns.data_reduction_method                          ? 
_reflns.d_resolution_high                              1.550 
_reflns.d_resolution_low                               38.100 
_reflns.details                                        ? 
_reflns.limit_h_max                                    ? 
_reflns.limit_h_min                                    ? 
_reflns.limit_k_max                                    ? 
_reflns.limit_k_min                                    ? 
_reflns.limit_l_max                                    ? 
_reflns.limit_l_min                                    ? 
_reflns.number_all                                     ? 
_reflns.number_obs                                     22155 
_reflns.observed_criterion                             ? 
_reflns.observed_criterion_F_max                       ? 
_reflns.observed_criterion_F_min                       ? 
_reflns.observed_criterion_I_max                       ? 
_reflns.observed_criterion_I_min                       ? 
_reflns.observed_criterion_sigma_F                     ? 
_reflns.observed_criterion_sigma_I                     ? 
_reflns.percent_possible_obs                           99.300 
_reflns.R_free_details                                 ? 
_reflns.Rmerge_F_all                                   ? 
_reflns.Rmerge_F_obs                                   ? 
_reflns.Friedel_coverage                               ? 
_reflns.number_gt                                      ? 
_reflns.threshold_expression                           ? 
_reflns.pdbx_redundancy                                7.800 
_reflns.pdbx_Rmerge_I_obs                              0.044 
_reflns.pdbx_Rmerge_I_all                              ? 
_reflns.pdbx_Rsym_value                                ? 
_reflns.pdbx_netI_over_av_sigmaI                       ? 
_reflns.pdbx_netI_over_sigmaI                          33.500 
_reflns.pdbx_res_netI_over_av_sigmaI_2                 ? 
_reflns.pdbx_res_netI_over_sigmaI_2                    ? 
_reflns.pdbx_chi_squared                               ? 
_reflns.pdbx_scaling_rejects                           ? 
_reflns.pdbx_d_res_high_opt                            ? 
_reflns.pdbx_d_res_low_opt                             ? 
_reflns.pdbx_d_res_opt_method                          ? 
_reflns.phase_calculation_details                      ? 
_reflns.pdbx_Rrim_I_all                                0.047 
_reflns.pdbx_Rpim_I_all                                0.016 
_reflns.pdbx_d_opt                                     ? 
_reflns.pdbx_number_measured_all                       ? 
_reflns.pdbx_diffrn_id                                 1 
_reflns.pdbx_ordinal                                   1 
_reflns.pdbx_CC_half                                   0.998 
_reflns.pdbx_CC_star                                   ? 
_reflns.pdbx_R_split                                   ? 
_reflns.pdbx_aniso_diffraction_limit_axis_1_ortho[1]   ? 
_reflns.pdbx_aniso_diffraction_limit_axis_1_ortho[2]   ? 
_reflns.pdbx_aniso_diffraction_limit_axis_1_ortho[3]   ? 
_reflns.pdbx_aniso_diffraction_limit_axis_2_ortho[1]   ? 
_reflns.pdbx_aniso_diffraction_limit_axis_2_ortho[2]   ? 
_reflns.pdbx_aniso_diffraction_limit_axis_2_ortho[3]   ? 
_reflns.pdbx_aniso_diffraction_limit_axis_3_ortho[1]   ? 
_reflns.pdbx_aniso_diffraction_limit_axis_3_ortho[2]   ? 
_reflns.pdbx_aniso_diffraction_limit_axis_3_ortho[3]   ? 
_reflns.pdbx_aniso_diffraction_limit_1                 ? 
_reflns.pdbx_aniso_diffraction_limit_2                 ? 
_reflns.pdbx_aniso_diffraction_limit_3                 ? 
_reflns.pdbx_aniso_B_tensor_eigenvector_1_ortho[1]     ? 
_reflns.pdbx_aniso_B_tensor_eigenvector_1_ortho[2]     ? 
_reflns.pdbx_aniso_B_tensor_eigenvector_1_ortho[3]     ? 
_reflns.pdbx_aniso_B_tensor_eigenvector_2_ortho[1]     ? 
_reflns.pdbx_aniso_B_tensor_eigenvector_2_ortho[2]     ? 
_reflns.pdbx_aniso_B_tensor_eigenvector_2_ortho[3]     ? 
_reflns.pdbx_aniso_B_tensor_eigenvector_3_ortho[1]     ? 
_reflns.pdbx_aniso_B_tensor_eigenvector_3_ortho[2]     ? 
_reflns.pdbx_aniso_B_tensor_eigenvector_3_ortho[3]     ? 
_reflns.pdbx_aniso_B_tensor_eigenvalue_1               ? 
_reflns.pdbx_aniso_B_tensor_eigenvalue_2               ? 
_reflns.pdbx_aniso_B_tensor_eigenvalue_3               ? 
_reflns.pdbx_orthogonalization_convention              ? 
_reflns.pdbx_percent_possible_ellipsoidal              ? 
_reflns.pdbx_percent_possible_spherical                ? 
_reflns.pdbx_percent_possible_ellipsoidal_anomalous    ? 
_reflns.pdbx_percent_possible_spherical_anomalous      ? 
_reflns.pdbx_redundancy_anomalous                      ? 
_reflns.pdbx_CC_half_anomalous                         ? 
_reflns.pdbx_absDiff_over_sigma_anomalous              ? 
_reflns.pdbx_percent_possible_anomalous                ? 
_reflns.pdbx_observed_signal_threshold                 ? 
_reflns.pdbx_signal_type                               ? 
_reflns.pdbx_signal_details                            ? 
_reflns.pdbx_signal_software_id                        ? 
# 
loop_
_reflns_shell.d_res_high 
_reflns_shell.d_res_low 
_reflns_shell.meanI_over_sigI_all 
_reflns_shell.meanI_over_sigI_obs 
_reflns_shell.number_measured_all 
_reflns_shell.number_measured_obs 
_reflns_shell.number_possible 
_reflns_shell.number_unique_all 
_reflns_shell.number_unique_obs 
_reflns_shell.percent_possible_all 
_reflns_shell.percent_possible_obs 
_reflns_shell.Rmerge_F_all 
_reflns_shell.Rmerge_F_obs 
_reflns_shell.Rmerge_I_all 
_reflns_shell.Rmerge_I_obs 
_reflns_shell.meanI_over_sigI_gt 
_reflns_shell.meanI_over_uI_all 
_reflns_shell.meanI_over_uI_gt 
_reflns_shell.number_measured_gt 
_reflns_shell.number_unique_gt 
_reflns_shell.percent_possible_gt 
_reflns_shell.Rmerge_F_gt 
_reflns_shell.Rmerge_I_gt 
_reflns_shell.pdbx_redundancy 
_reflns_shell.pdbx_Rsym_value 
_reflns_shell.pdbx_chi_squared 
_reflns_shell.pdbx_netI_over_sigmaI_all 
_reflns_shell.pdbx_netI_over_sigmaI_obs 
_reflns_shell.pdbx_Rrim_I_all 
_reflns_shell.pdbx_Rpim_I_all 
_reflns_shell.pdbx_rejects 
_reflns_shell.pdbx_ordinal 
_reflns_shell.pdbx_diffrn_id 
_reflns_shell.pdbx_CC_half 
_reflns_shell.pdbx_CC_star 
_reflns_shell.pdbx_R_split 
_reflns_shell.pdbx_percent_possible_ellipsoidal 
_reflns_shell.pdbx_percent_possible_spherical 
_reflns_shell.pdbx_percent_possible_ellipsoidal_anomalous 
_reflns_shell.pdbx_percent_possible_spherical_anomalous 
_reflns_shell.pdbx_redundancy_anomalous 
_reflns_shell.pdbx_CC_half_anomalous 
_reflns_shell.pdbx_absDiff_over_sigma_anomalous 
_reflns_shell.pdbx_percent_possible_anomalous 
1.550 1.580  ? ? 6918 ? ? ? 1082 97.300 ? ? ? ? 0.115 ? ? ? ? ? ? ? ? 6.400 ? ? ? 13.700 0.125 0.049 ? 1 1 0.984 ? ? ? ? ? ? ? ? ? 
? 
8.490 38.070 ? ? 1002 ? ? ? 144  99.200 ? ? ? ? 0.062 ? ? ? ? ? ? ? ? 7.000 ? ? ? 47.800 0.067 0.025 ? 2 1 0.993 ? ? ? ? ? ? ? ? ? 
? 
# 
_refine.aniso_B[1][1]                            -0.2200 
_refine.aniso_B[1][2]                            -0.0000 
_refine.aniso_B[1][3]                            0.0000 
_refine.aniso_B[2][2]                            -0.2200 
_refine.aniso_B[2][3]                            -0.0000 
_refine.aniso_B[3][3]                            0.4400 
_refine.B_iso_max                                61.820 
_refine.B_iso_mean                               12.4570 
_refine.B_iso_min                                6.720 
_refine.correlation_coeff_Fo_to_Fc               0.9600 
_refine.correlation_coeff_Fo_to_Fc_free          0.9530 
_refine.details                                  
'HYDROGENS HAVE BEEN ADDED IN THE RIDING POSITIONS U VALUES      : REFINED INDIVIDUALLY' 
_refine.diff_density_max                         ? 
_refine.diff_density_max_esd                     ? 
_refine.diff_density_min                         ? 
_refine.diff_density_min_esd                     ? 
_refine.diff_density_rms                         ? 
_refine.diff_density_rms_esd                     ? 
_refine.entry_id                                 7MS6 
_refine.pdbx_refine_id                           'X-RAY DIFFRACTION' 
_refine.ls_abs_structure_details                 ? 
_refine.ls_abs_structure_Flack                   ? 
_refine.ls_abs_structure_Flack_esd               ? 
_refine.ls_abs_structure_Rogers                  ? 
_refine.ls_abs_structure_Rogers_esd              ? 
_refine.ls_d_res_high                            1.5500 
_refine.ls_d_res_low                             38.0700 
_refine.ls_extinction_coef                       ? 
_refine.ls_extinction_coef_esd                   ? 
_refine.ls_extinction_expression                 ? 
_refine.ls_extinction_method                     ? 
_refine.ls_goodness_of_fit_all                   ? 
_refine.ls_goodness_of_fit_all_esd               ? 
_refine.ls_goodness_of_fit_obs                   ? 
_refine.ls_goodness_of_fit_obs_esd               ? 
_refine.ls_hydrogen_treatment                    ? 
_refine.ls_matrix_type                           ? 
_refine.ls_number_constraints                    ? 
_refine.ls_number_parameters                     ? 
_refine.ls_number_reflns_all                     ? 
_refine.ls_number_reflns_obs                     21067 
_refine.ls_number_reflns_R_free                  1075 
_refine.ls_number_reflns_R_work                  ? 
_refine.ls_number_restraints                     ? 
_refine.ls_percent_reflns_obs                    99.2700 
_refine.ls_percent_reflns_R_free                 4.9000 
_refine.ls_R_factor_all                          ? 
_refine.ls_R_factor_obs                          0.1486 
_refine.ls_R_factor_R_free                       0.1638 
_refine.ls_R_factor_R_free_error                 ? 
_refine.ls_R_factor_R_free_error_details         ? 
_refine.ls_R_factor_R_work                       0.1478 
_refine.ls_R_Fsqd_factor_obs                     ? 
_refine.ls_R_I_factor_obs                        ? 
_refine.ls_redundancy_reflns_all                 ? 
_refine.ls_redundancy_reflns_obs                 ? 
_refine.ls_restrained_S_all                      ? 
_refine.ls_restrained_S_obs                      ? 
_refine.ls_shift_over_esd_max                    ? 
_refine.ls_shift_over_esd_mean                   ? 
_refine.ls_structure_factor_coef                 ? 
_refine.ls_weighting_details                     ? 
_refine.ls_weighting_scheme                      ? 
_refine.ls_wR_factor_all                         ? 
_refine.ls_wR_factor_obs                         ? 
_refine.ls_wR_factor_R_free                      ? 
_refine.ls_wR_factor_R_work                      ? 
_refine.occupancy_max                            ? 
_refine.occupancy_min                            ? 
_refine.solvent_model_details                    MASK 
_refine.solvent_model_param_bsol                 ? 
_refine.solvent_model_param_ksol                 ? 
_refine.pdbx_R_complete                          ? 
_refine.ls_R_factor_gt                           ? 
_refine.ls_goodness_of_fit_gt                    ? 
_refine.ls_goodness_of_fit_ref                   ? 
_refine.ls_shift_over_su_max                     ? 
_refine.ls_shift_over_su_max_lt                  ? 
_refine.ls_shift_over_su_mean                    ? 
_refine.ls_shift_over_su_mean_lt                 ? 
_refine.pdbx_ls_sigma_I                          ? 
_refine.pdbx_ls_sigma_F                          0.000 
_refine.pdbx_ls_sigma_Fsqd                       ? 
_refine.pdbx_data_cutoff_high_absF               ? 
_refine.pdbx_data_cutoff_high_rms_absF           ? 
_refine.pdbx_data_cutoff_low_absF                ? 
_refine.pdbx_isotropic_thermal_model             ? 
_refine.pdbx_ls_cross_valid_method               THROUGHOUT 
_refine.pdbx_method_to_determine_struct          'FOURIER SYNTHESIS' 
_refine.pdbx_starting_model                      6NFT 
_refine.pdbx_stereochemistry_target_values       'MAXIMUM LIKELIHOOD' 
_refine.pdbx_R_Free_selection_details            RANDOM 
_refine.pdbx_stereochem_target_val_spec_case     ? 
_refine.pdbx_overall_ESU_R                       0.0590 
_refine.pdbx_overall_ESU_R_Free                  0.0580 
_refine.pdbx_solvent_vdw_probe_radii             1.2000 
_refine.pdbx_solvent_ion_probe_radii             0.8000 
_refine.pdbx_solvent_shrinkage_radii             0.8000 
_refine.pdbx_real_space_R                        ? 
_refine.pdbx_density_correlation                 ? 
_refine.pdbx_pd_number_of_powder_patterns        ? 
_refine.pdbx_pd_number_of_points                 ? 
_refine.pdbx_pd_meas_number_of_points            ? 
_refine.pdbx_pd_proc_ls_prof_R_factor            ? 
_refine.pdbx_pd_proc_ls_prof_wR_factor           ? 
_refine.pdbx_pd_Marquardt_correlation_coeff      ? 
_refine.pdbx_pd_Fsqrd_R_factor                   ? 
_refine.pdbx_pd_ls_matrix_band_width             ? 
_refine.pdbx_overall_phase_error                 ? 
_refine.pdbx_overall_SU_R_free_Cruickshank_DPI   ? 
_refine.pdbx_overall_SU_R_free_Blow_DPI          ? 
_refine.pdbx_overall_SU_R_Blow_DPI               ? 
_refine.pdbx_TLS_residual_ADP_flag               ? 
_refine.pdbx_diffrn_id                           1 
_refine.overall_SU_B                             0.8330 
_refine.overall_SU_ML                            0.0310 
_refine.overall_SU_R_Cruickshank_DPI             ? 
_refine.overall_SU_R_free                        ? 
_refine.overall_FOM_free_R_set                   ? 
_refine.overall_FOM_work_R_set                   ? 
_refine.pdbx_average_fsc_overall                 ? 
_refine.pdbx_average_fsc_work                    ? 
_refine.pdbx_average_fsc_free                    ? 
# 
_refine_hist.pdbx_refine_id                   'X-RAY DIFFRACTION' 
_refine_hist.cycle_id                         final 
_refine_hist.details                          ? 
_refine_hist.d_res_high                       1.5500 
_refine_hist.d_res_low                        38.0700 
_refine_hist.number_atoms_solvent             137 
_refine_hist.number_atoms_total               1034 
_refine_hist.number_reflns_all                ? 
_refine_hist.number_reflns_obs                ? 
_refine_hist.number_reflns_R_free             ? 
_refine_hist.number_reflns_R_work             ? 
_refine_hist.R_factor_all                     ? 
_refine_hist.R_factor_obs                     ? 
_refine_hist.R_factor_R_free                  ? 
_refine_hist.R_factor_R_work                  ? 
_refine_hist.pdbx_number_residues_total       111 
_refine_hist.pdbx_B_iso_mean_ligand           17.93 
_refine_hist.pdbx_B_iso_mean_solvent          25.90 
_refine_hist.pdbx_number_atoms_protein        858 
_refine_hist.pdbx_number_atoms_nucleic_acid   0 
_refine_hist.pdbx_number_atoms_ligand         39 
_refine_hist.pdbx_number_atoms_lipid          ? 
_refine_hist.pdbx_number_atoms_carb           ? 
_refine_hist.pdbx_pseudo_atom_details         ? 
# 
loop_
_refine_ls_restr.pdbx_refine_id 
_refine_ls_restr.criterion 
_refine_ls_restr.dev_ideal 
_refine_ls_restr.dev_ideal_target 
_refine_ls_restr.number 
_refine_ls_restr.rejects 
_refine_ls_restr.type 
_refine_ls_restr.weight 
_refine_ls_restr.pdbx_restraint_function 
'X-RAY DIFFRACTION' ? 0.015  0.013  962  ? r_bond_refined_d       ? ? 
'X-RAY DIFFRACTION' ? 0.001  0.017  827  ? r_bond_other_d         ? ? 
'X-RAY DIFFRACTION' ? 1.978  1.627  1312 ? r_angle_refined_deg    ? ? 
'X-RAY DIFFRACTION' ? 1.627  1.622  1917 ? r_angle_other_deg      ? ? 
'X-RAY DIFFRACTION' ? 6.572  5.000  119  ? r_dihedral_angle_1_deg ? ? 
'X-RAY DIFFRACTION' ? 33.820 22.500 52   ? r_dihedral_angle_2_deg ? ? 
'X-RAY DIFFRACTION' ? 10.123 15.000 143  ? r_dihedral_angle_3_deg ? ? 
'X-RAY DIFFRACTION' ? 20.786 15.000 6    ? r_dihedral_angle_4_deg ? ? 
'X-RAY DIFFRACTION' ? 0.114  0.200  117  ? r_chiral_restr         ? ? 
'X-RAY DIFFRACTION' ? 0.012  0.020  1193 ? r_gen_planes_refined   ? ? 
'X-RAY DIFFRACTION' ? 0.002  0.020  223  ? r_gen_planes_other     ? ? 
# 
_refine_ls_shell.pdbx_refine_id                   'X-RAY DIFFRACTION' 
_refine_ls_shell.d_res_high                       1.5500 
_refine_ls_shell.d_res_low                        1.5900 
_refine_ls_shell.number_reflns_all                1594 
_refine_ls_shell.number_reflns_obs                ? 
_refine_ls_shell.number_reflns_R_free             137 
_refine_ls_shell.number_reflns_R_work             1457 
_refine_ls_shell.percent_reflns_obs               97.2500 
_refine_ls_shell.percent_reflns_R_free            ? 
_refine_ls_shell.R_factor_all                     ? 
_refine_ls_shell.R_factor_obs                     ? 
_refine_ls_shell.R_factor_R_free                  0.1620 
_refine_ls_shell.R_factor_R_free_error            0.0000 
_refine_ls_shell.R_factor_R_work                  0.1490 
_refine_ls_shell.redundancy_reflns_all            ? 
_refine_ls_shell.redundancy_reflns_obs            ? 
_refine_ls_shell.wR_factor_all                    ? 
_refine_ls_shell.wR_factor_obs                    ? 
_refine_ls_shell.wR_factor_R_free                 ? 
_refine_ls_shell.wR_factor_R_work                 ? 
_refine_ls_shell.pdbx_R_complete                  ? 
_refine_ls_shell.pdbx_total_number_of_bins_used   20 
_refine_ls_shell.pdbx_phase_error                 ? 
_refine_ls_shell.pdbx_fsc_work                    ? 
_refine_ls_shell.pdbx_fsc_free                    ? 
# 
_struct.entry_id                     7MS6 
_struct.title                        
;Structure of USP5 zinc-finger ubiquitin binding domain co-crystallized with (2-fluoro-4-((4-phenylpiperidin-1-yl)sulfonyl)benzoyl)glycine
;
_struct.pdbx_model_details           ? 
_struct.pdbx_formula_weight          ? 
_struct.pdbx_formula_weight_method   ? 
_struct.pdbx_model_type_details      ? 
_struct.pdbx_CASP_flag               N 
# 
_struct_keywords.entry_id        7MS6 
_struct_keywords.text            'USP5, ubiquitin, USP, ubiquitin specific protease, HYDROLASE, HYDROLASE-INHIBITOR complex' 
_struct_keywords.pdbx_keywords   HYDROLASE/INHIBITOR 
# 
loop_
_struct_asym.id 
_struct_asym.pdbx_blank_PDB_chainid_flag 
_struct_asym.pdbx_modified 
_struct_asym.entity_id 
_struct_asym.details 
A N N 1 ? 
B N N 2 ? 
C N N 3 ? 
D N N 4 ? 
E N N 5 ? 
F N N 6 ? 
# 
loop_
_struct_conf.conf_type_id 
_struct_conf.id 
_struct_conf.pdbx_PDB_helix_id 
_struct_conf.beg_label_comp_id 
_struct_conf.beg_label_asym_id 
_struct_conf.beg_label_seq_id 
_struct_conf.pdbx_beg_PDB_ins_code 
_struct_conf.end_label_comp_id 
_struct_conf.end_label_asym_id 
_struct_conf.end_label_seq_id 
_struct_conf.pdbx_end_PDB_ins_code 
_struct_conf.beg_auth_comp_id 
_struct_conf.beg_auth_asym_id 
_struct_conf.beg_auth_seq_id 
_struct_conf.end_auth_comp_id 
_struct_conf.end_auth_asym_id 
_struct_conf.end_auth_seq_id 
_struct_conf.pdbx_PDB_helix_class 
_struct_conf.details 
_struct_conf.pdbx_PDB_helix_length 
HELX_P HELX_P1 AA1 ASN A 62  ? GLY A 72  ? ASN A 231 GLY A 241 1 ? 11 
HELX_P HELX_P2 AA2 SER A 102 ? HIS A 109 ? SER A 271 HIS A 278 1 ? 8  
# 
_struct_conf_type.id          HELX_P 
_struct_conf_type.criteria    ? 
_struct_conf_type.reference   ? 
# 
loop_
_struct_conn.id 
_struct_conn.conn_type_id 
_struct_conn.pdbx_leaving_atom_flag 
_struct_conn.pdbx_PDB_id 
_struct_conn.ptnr1_label_asym_id 
_struct_conn.ptnr1_label_comp_id 
_struct_conn.ptnr1_label_seq_id 
_struct_conn.ptnr1_label_atom_id 
_struct_conn.pdbx_ptnr1_label_alt_id 
_struct_conn.pdbx_ptnr1_PDB_ins_code 
_struct_conn.pdbx_ptnr1_standard_comp_id 
_struct_conn.ptnr1_symmetry 
_struct_conn.ptnr2_label_asym_id 
_struct_conn.ptnr2_label_comp_id 
_struct_conn.ptnr2_label_seq_id 
_struct_conn.ptnr2_label_atom_id 
_struct_conn.pdbx_ptnr2_label_alt_id 
_struct_conn.pdbx_ptnr2_PDB_ins_code 
_struct_conn.ptnr1_auth_asym_id 
_struct_conn.ptnr1_auth_comp_id 
_struct_conn.ptnr1_auth_seq_id 
_struct_conn.ptnr2_auth_asym_id 
_struct_conn.ptnr2_auth_comp_id 
_struct_conn.ptnr2_auth_seq_id 
_struct_conn.ptnr2_symmetry 
_struct_conn.pdbx_ptnr3_label_atom_id 
_struct_conn.pdbx_ptnr3_label_seq_id 
_struct_conn.pdbx_ptnr3_label_comp_id 
_struct_conn.pdbx_ptnr3_label_asym_id 
_struct_conn.pdbx_ptnr3_label_alt_id 
_struct_conn.pdbx_ptnr3_PDB_ins_code 
_struct_conn.details 
_struct_conn.pdbx_dist_value 
_struct_conn.pdbx_value_order 
_struct_conn.pdbx_role 
metalc1 metalc ? ? A CYS 30 SG  ? ? ? 1_555 E ZN . ZN ? ? A CYS 199 A ZN 304 1_555 ? ? ? ? ? ? ? 2.288 ? ? 
metalc2 metalc ? ? A CYS 33 SG  ? ? ? 1_555 E ZN . ZN ? ? A CYS 202 A ZN 304 1_555 ? ? ? ? ? ? ? 2.300 ? ? 
metalc3 metalc ? ? A CYS 50 SG  ? ? ? 1_555 E ZN . ZN ? ? A CYS 219 A ZN 304 1_555 ? ? ? ? ? ? ? 2.314 ? ? 
metalc4 metalc ? ? A HIS 63 ND1 ? ? ? 1_555 E ZN . ZN ? ? A HIS 232 A ZN 304 1_555 ? ? ? ? ? ? ? 2.059 ? ? 
# 
_struct_conn_type.id          metalc 
_struct_conn_type.criteria    ? 
_struct_conn_type.reference   ? 
# 
_struct_sheet.id               AA1 
_struct_sheet.type             ? 
_struct_sheet.number_strands   6 
_struct_sheet.details          ? 
# 
loop_
_struct_sheet_order.sheet_id 
_struct_sheet_order.range_id_1 
_struct_sheet_order.range_id_2 
_struct_sheet_order.offset 
_struct_sheet_order.sense 
AA1 1 2 ? parallel      
AA1 2 3 ? anti-parallel 
AA1 3 4 ? anti-parallel 
AA1 4 5 ? anti-parallel 
AA1 5 6 ? anti-parallel 
# 
loop_
_struct_sheet_range.sheet_id 
_struct_sheet_range.id 
_struct_sheet_range.beg_label_comp_id 
_struct_sheet_range.beg_label_asym_id 
_struct_sheet_range.beg_label_seq_id 
_struct_sheet_range.pdbx_beg_PDB_ins_code 
_struct_sheet_range.end_label_comp_id 
_struct_sheet_range.end_label_asym_id 
_struct_sheet_range.end_label_seq_id 
_struct_sheet_range.pdbx_end_PDB_ins_code 
_struct_sheet_range.beg_auth_comp_id 
_struct_sheet_range.beg_auth_asym_id 
_struct_sheet_range.beg_auth_seq_id 
_struct_sheet_range.end_auth_comp_id 
_struct_sheet_range.end_auth_asym_id 
_struct_sheet_range.end_auth_seq_id 
AA1 1 GLN A 6  ? VAL A 7  ? GLN A 175 VAL A 176 
AA1 2 ASP A 96 ? LEU A 99 ? ASP A 265 LEU A 268 
AA1 3 VAL A 89 ? SER A 91 ? VAL A 258 SER A 260 
AA1 4 LEU A 75 ? LYS A 78 ? LEU A 244 LYS A 247 
AA1 5 LEU A 39 ? ASN A 42 ? LEU A 208 ASN A 211 
AA1 6 ILE A 48 ? CYS A 50 ? ILE A 217 CYS A 219 
# 
loop_
_pdbx_struct_sheet_hbond.sheet_id 
_pdbx_struct_sheet_hbond.range_id_1 
_pdbx_struct_sheet_hbond.range_id_2 
_pdbx_struct_sheet_hbond.range_1_label_atom_id 
_pdbx_struct_sheet_hbond.range_1_label_comp_id 
_pdbx_struct_sheet_hbond.range_1_label_asym_id 
_pdbx_struct_sheet_hbond.range_1_label_seq_id 
_pdbx_struct_sheet_hbond.range_1_PDB_ins_code 
_pdbx_struct_sheet_hbond.range_1_auth_atom_id 
_pdbx_struct_sheet_hbond.range_1_auth_comp_id 
_pdbx_struct_sheet_hbond.range_1_auth_asym_id 
_pdbx_struct_sheet_hbond.range_1_auth_seq_id 
_pdbx_struct_sheet_hbond.range_2_label_atom_id 
_pdbx_struct_sheet_hbond.range_2_label_comp_id 
_pdbx_struct_sheet_hbond.range_2_label_asym_id 
_pdbx_struct_sheet_hbond.range_2_label_seq_id 
_pdbx_struct_sheet_hbond.range_2_PDB_ins_code 
_pdbx_struct_sheet_hbond.range_2_auth_atom_id 
_pdbx_struct_sheet_hbond.range_2_auth_comp_id 
_pdbx_struct_sheet_hbond.range_2_auth_asym_id 
_pdbx_struct_sheet_hbond.range_2_auth_seq_id 
AA1 1 2 N GLN A 6  ? N GLN A 175 O LEU A 99 ? O LEU A 268 
AA1 2 3 O VAL A 98 ? O VAL A 267 N VAL A 89 ? N VAL A 258 
AA1 3 4 O TYR A 90 ? O TYR A 259 N ALA A 76 ? N ALA A 245 
AA1 4 5 O VAL A 77 ? O VAL A 246 N LEU A 41 ? N LEU A 210 
AA1 5 6 N TRP A 40 ? N TRP A 209 O LEU A 49 ? O LEU A 218 
# 
_atom_sites.entry_id                    7MS6 
_atom_sites.Cartn_transf_matrix[1][1]   ? 
_atom_sites.Cartn_transf_matrix[1][2]   ? 
_atom_sites.Cartn_transf_matrix[1][3]   ? 
_atom_sites.Cartn_transf_matrix[2][1]   ? 
_atom_sites.Cartn_transf_matrix[2][2]   ? 
_atom_sites.Cartn_transf_matrix[2][3]   ? 
_atom_sites.Cartn_transf_matrix[3][1]   ? 
_atom_sites.Cartn_transf_matrix[3][2]   ? 
_atom_sites.Cartn_transf_matrix[3][3]   ? 
_atom_sites.Cartn_transf_vector[1]      ? 
_atom_sites.Cartn_transf_vector[2]      ? 
_atom_sites.Cartn_transf_vector[3]      ? 
_atom_sites.fract_transf_matrix[1][1]   0.00635204 
_atom_sites.fract_transf_matrix[1][2]   -0.00936413 
_atom_sites.fract_transf_matrix[1][3]   0.01484409 
_atom_sites.fract_transf_matrix[2][1]   -0.01348198 
_atom_sites.fract_transf_matrix[2][2]   0.00750389 
_atom_sites.fract_transf_matrix[2][3]   0.01050286 
_atom_sites.fract_transf_matrix[3][1]   -0.01112863 
_atom_sites.fract_transf_matrix[3][2]   -0.01415853 
_atom_sites.fract_transf_matrix[3][3]   -0.00416952 
_atom_sites.fract_transf_vector[1]      -0.192017 
_atom_sites.fract_transf_vector[2]      0.348124 
_atom_sites.fract_transf_vector[3]      -0.086468 
_atom_sites.solution_primary            ? 
_atom_sites.solution_secondary          ? 
_atom_sites.solution_hydrogens          ? 
_atom_sites.special_details             ? 
# 
loop_
_atom_type.symbol 
C  
F  
N  
O  
S  
ZN 
# 
loop_
_atom_site.group_PDB 
_atom_site.id 
_atom_site.type_symbol 
_atom_site.label_atom_id 
_atom_site.label_alt_id 
_atom_site.label_comp_id 
_atom_site.label_asym_id 
_atom_site.label_entity_id 
_atom_site.label_seq_id 
_atom_site.pdbx_PDB_ins_code 
_atom_site.Cartn_x 
_atom_site.Cartn_y 
_atom_site.Cartn_z 
_atom_site.occupancy 
_atom_site.B_iso_or_equiv 
_atom_site.pdbx_formal_charge 
_atom_site.auth_seq_id 
_atom_site.auth_comp_id 
_atom_site.auth_asym_id 
_atom_site.auth_atom_id 
_atom_site.pdbx_PDB_model_num 
ATOM   1    N  N   . VAL A 1 4   ? 2.816   -4.738  19.858  1.00 45.66 ? 173 VAL A N   1 
ATOM   2    C  CA  . VAL A 1 4   ? 3.024   -5.570  18.636  1.00 40.52 ? 173 VAL A CA  1 
ATOM   3    C  C   . VAL A 1 4   ? 1.875   -5.252  17.670  1.00 32.43 ? 173 VAL A C   1 
ATOM   4    O  O   . VAL A 1 4   ? 0.724   -5.088  18.117  1.00 31.08 ? 173 VAL A O   1 
ATOM   5    C  CB  . VAL A 1 4   ? 3.094   -7.078  18.959  1.00 38.30 ? 173 VAL A CB  1 
ATOM   6    N  N   . ARG A 1 5   ? 2.173   -5.134  16.377  1.00 26.23 ? 174 ARG A N   1 
ATOM   7    C  CA  . ARG A 1 5   ? 1.110   -4.964  15.352  1.00 20.32 ? 174 ARG A CA  1 
ATOM   8    C  C   . ARG A 1 5   ? 0.300   -6.256  15.279  1.00 16.50 ? 174 ARG A C   1 
ATOM   9    O  O   . ARG A 1 5   ? 0.899   -7.363  15.378  1.00 21.11 ? 174 ARG A O   1 
ATOM   10   C  CB  . ARG A 1 5   ? 1.720   -4.603  13.989  1.00 18.67 ? 174 ARG A CB  1 
ATOM   11   C  CG  . ARG A 1 5   ? 2.210   -3.175  13.954  1.00 20.97 ? 174 ARG A CG  1 
ATOM   12   C  CD  . ARG A 1 5   ? 2.933   -2.833  12.682  1.00 17.99 ? 174 ARG A CD  1 
ATOM   13   N  NE  . ARG A 1 5   ? 3.604   -1.569  12.858  1.00 19.56 ? 174 ARG A NE  1 
ATOM   14   C  CZ  . ARG A 1 5   ? 4.468   -1.031  12.019  1.00 18.79 ? 174 ARG A CZ  1 
ATOM   15   N  NH1 . ARG A 1 5   ? 4.664   -1.584  10.851  1.00 15.29 ? 174 ARG A NH1 1 
ATOM   16   N  NH2 . ARG A 1 5   ? 5.099   0.096   12.319  1.00 22.28 ? 174 ARG A NH2 1 
ATOM   17   N  N   . GLN A 1 6   ? -0.991  -6.103  15.140  1.00 16.06 ? 175 GLN A N   1 
ATOM   18   C  CA  . GLN A 1 6   ? -1.953  -7.215  15.059  1.00 15.73 ? 175 GLN A CA  1 
ATOM   19   C  C   . GLN A 1 6   ? -2.119  -7.632  13.597  1.00 14.70 ? 175 GLN A C   1 
ATOM   20   O  O   . GLN A 1 6   ? -2.013  -6.814  12.672  1.00 14.37 ? 175 GLN A O   1 
ATOM   21   C  CB  . GLN A 1 6   ? -3.307  -6.887  15.676  1.00 19.29 ? 175 GLN A CB  1 
ATOM   22   C  CG  . GLN A 1 6   ? -3.209  -6.607  17.180  1.00 22.46 ? 175 GLN A CG  1 
ATOM   23   C  CD  . GLN A 1 6   ? -2.603  -7.779  17.912  1.00 30.30 ? 175 GLN A CD  1 
ATOM   24   O  OE1 . GLN A 1 6   ? -1.453  -7.752  18.383  1.00 35.84 ? 175 GLN A OE1 1 
ATOM   25   N  NE2 . GLN A 1 6   ? -3.344  -8.876  17.907  1.00 32.16 ? 175 GLN A NE2 1 
ATOM   26   N  N   . VAL A 1 7   ? -2.416  -8.899  13.377  1.00 13.38 ? 176 VAL A N   1 
ATOM   27   C  CA  . VAL A 1 7   ? -2.708  -9.390  12.011  1.00 11.73 ? 176 VAL A CA  1 
ATOM   28   C  C   . VAL A 1 7   ? -4.017  -8.776  11.533  1.00 10.55 ? 176 VAL A C   1 
ATOM   29   O  O   . VAL A 1 7   ? -5.021  -8.737  12.250  1.00 11.05 ? 176 VAL A O   1 
ATOM   30   C  CB  . VAL A 1 7   ? -2.803  -10.921 12.022  1.00 10.74 ? 176 VAL A CB  1 
ATOM   31   C  CG1 . VAL A 1 7   ? -3.381  -11.440 10.690  1.00 11.34 ? 176 VAL A CG1 1 
ATOM   32   C  CG2 . VAL A 1 7   ? -1.448  -11.484 12.384  1.00 11.95 ? 176 VAL A CG2 1 
ATOM   33   N  N   . SER A 1 8   ? -4.072  -8.263  10.288  1.00 10.39 ? 177 SER A N   1 
ATOM   34   C  CA  . SER A 1 8   ? -5.305  -7.788  9.687   1.00 10.64 ? 177 SER A CA  1 
ATOM   35   C  C   . SER A 1 8   ? -6.366  -8.867  9.529   1.00 11.19 ? 177 SER A C   1 
ATOM   36   O  O   . SER A 1 8   ? -6.041  -9.969  9.064   1.00 11.32 ? 177 SER A O   1 
ATOM   37   C  CB  . SER A 1 8   ? -4.995  -7.129  8.345   1.00 10.41 ? 177 SER A CB  1 
ATOM   38   O  OG  . SER A 1 8   ? -6.196  -6.758  7.691   1.00 10.83 ? 177 SER A OG  1 
ATOM   39   N  N   . LYS A 1 9   ? -7.613  -8.463  9.764   1.00 13.89 ? 178 LYS A N   1 
ATOM   40   C  CA  . LYS A 1 9   ? -8.776  -9.308  9.489   1.00 15.20 ? 178 LYS A CA  1 
ATOM   41   C  C   . LYS A 1 9   ? -8.871  -9.598  7.990   1.00 16.25 ? 178 LYS A C   1 
ATOM   42   O  O   . LYS A 1 9   ? -9.624  -10.530 7.607   1.00 17.48 ? 178 LYS A O   1 
ATOM   43   C  CB  . LYS A 1 9   ? -10.074 -8.677  9.989   1.00 15.90 ? 178 LYS A CB  1 
ATOM   44   C  CG  . LYS A 1 9   ? -10.612 -7.522  9.177   1.00 17.98 ? 178 LYS A CG  1 
ATOM   45   C  CD  . LYS A 1 9   ? -11.846 -6.858  9.792   1.00 21.65 ? 178 LYS A CD  1 
ATOM   46   C  CE  . LYS A 1 9   ? -12.517 -5.885  8.860   1.00 26.57 ? 178 LYS A CE  1 
ATOM   47   N  N   . HIS A 1 10  ? -8.160  -8.833  7.135   1.00 12.55 ? 179 HIS A N   1 
ATOM   48   C  CA  . HIS A 1 10  ? -8.190  -9.049  5.683   1.00 12.41 ? 179 HIS A CA  1 
ATOM   49   C  C   . HIS A 1 10  ? -7.050  -9.932  5.196   1.00 12.39 ? 179 HIS A C   1 
ATOM   50   O  O   . HIS A 1 10  ? -6.993  -10.198 4.006   1.00 12.48 ? 179 HIS A O   1 
ATOM   51   C  CB  . HIS A 1 10  ? -8.069  -7.686  5.003   1.00 13.29 ? 179 HIS A CB  1 
ATOM   52   C  CG  . HIS A 1 10  ? -9.167  -6.763  5.383   1.00 14.68 ? 179 HIS A CG  1 
ATOM   53   N  ND1 . HIS A 1 10  ? -10.450 -6.981  4.928   1.00 17.29 ? 179 HIS A ND1 1 
ATOM   54   C  CD2 . HIS A 1 10  ? -9.199  -5.647  6.165   1.00 17.79 ? 179 HIS A CD2 1 
ATOM   55   C  CE1 . HIS A 1 10  ? -11.224 -5.992  5.411   1.00 19.58 ? 179 HIS A CE1 1 
ATOM   56   N  NE2 . HIS A 1 10  ? -10.480 -5.206  6.176   1.00 18.83 ? 179 HIS A NE2 1 
ATOM   57   N  N   . ALA A 1 11  ? -6.133  -10.358 6.044   1.00 11.67 ? 180 ALA A N   1 
ATOM   58   C  CA  . ALA A 1 11  ? -4.881  -10.997 5.568   1.00 11.47 ? 180 ALA A CA  1 
ATOM   59   C  C   . ALA A 1 11  ? -5.160  -12.266 4.759   1.00 11.60 ? 180 ALA A C   1 
ATOM   60   O  O   . ALA A 1 11  ? -4.342  -12.560 3.844   1.00 11.72 ? 180 ALA A O   1 
ATOM   61   C  CB  . ALA A 1 11  ? -3.981  -11.320 6.707   1.00 12.91 ? 180 ALA A CB  1 
ATOM   62   N  N   . PHE A 1 12  ? -6.221  -13.006 5.054   1.00 11.78 ? 181 PHE A N   1 
ATOM   63   C  CA  . PHE A 1 12  ? -6.467  -14.313 4.389   1.00 13.10 ? 181 PHE A CA  1 
ATOM   64   C  C   . PHE A 1 12  ? -7.682  -14.270 3.471   1.00 14.32 ? 181 PHE A C   1 
ATOM   65   O  O   . PHE A 1 12  ? -8.028  -15.322 2.891   1.00 20.17 ? 181 PHE A O   1 
ATOM   66   C  CB  . PHE A 1 12  ? -6.592  -15.419 5.427   1.00 13.75 ? 181 PHE A CB  1 
ATOM   67   C  CG  . PHE A 1 12  ? -5.387  -15.435 6.334   1.00 12.76 ? 181 PHE A CG  1 
ATOM   68   C  CD1 . PHE A 1 12  ? -4.124  -15.658 5.824   1.00 14.14 ? 181 PHE A CD1 1 
ATOM   69   C  CD2 . PHE A 1 12  ? -5.514  -15.146 7.687   1.00 13.30 ? 181 PHE A CD2 1 
ATOM   70   C  CE1 . PHE A 1 12  ? -3.008  -15.594 6.651   1.00 14.12 ? 181 PHE A CE1 1 
ATOM   71   C  CE2 . PHE A 1 12  ? -4.413  -15.100 8.515   1.00 14.07 ? 181 PHE A CE2 1 
ATOM   72   C  CZ  . PHE A 1 12  ? -3.164  -15.324 8.006   1.00 14.07 ? 181 PHE A CZ  1 
ATOM   73   N  N   . SER A 1 13  ? -8.282  -13.118 3.325   1.00 12.36 ? 182 SER A N   1 
ATOM   74   C  CA  . SER A 1 13  ? -9.529  -12.946 2.549   1.00 13.25 ? 182 SER A CA  1 
ATOM   75   C  C   . SER A 1 13  ? -9.399  -11.814 1.528   1.00 13.43 ? 182 SER A C   1 
ATOM   76   O  O   . SER A 1 13  ? -10.402 -11.463 0.960   1.00 16.64 ? 182 SER A O   1 
ATOM   77   C  CB  . SER A 1 13  ? -10.682 -12.635 3.456   1.00 13.38 ? 182 SER A CB  1 
ATOM   78   O  OG  . SER A 1 13  ? -10.457 -11.512 4.280   1.00 17.18 ? 182 SER A OG  1 
ATOM   79   N  N   . LEU A 1 14  ? -8.225  -11.281 1.294   1.00 12.97 ? 183 LEU A N   1 
ATOM   80   C  CA  . LEU A 1 14  ? -8.128  -10.081 0.445   1.00 12.10 ? 183 LEU A CA  1 
ATOM   81   C  C   . LEU A 1 14  ? -8.361  -10.463 -1.014  1.00 13.85 ? 183 LEU A C   1 
ATOM   82   O  O   . LEU A 1 14  ? -7.657  -11.315 -1.547  1.00 16.63 ? 183 LEU A O   1 
ATOM   83   C  CB  . LEU A 1 14  ? -6.731  -9.495  0.626   1.00 12.42 ? 183 LEU A CB  1 
ATOM   84   C  CG  . LEU A 1 14  ? -6.599  -8.094  0.025   1.00 13.43 ? 183 LEU A CG  1 
ATOM   85   C  CD1 . LEU A 1 14  ? -7.281  -7.064  0.903   1.00 13.99 ? 183 LEU A CD1 1 
ATOM   86   C  CD2 . LEU A 1 14  ? -5.134  -7.739  -0.172  1.00 13.41 ? 183 LEU A CD2 1 
ATOM   87   N  N   . LYS A 1 15  ? -9.292  -9.789  -1.682  1.00 16.21 ? 184 LYS A N   1 
ATOM   88   C  CA  . LYS A 1 15  ? -9.513  -10.058 -3.122  1.00 16.36 ? 184 LYS A CA  1 
ATOM   89   C  C   . LYS A 1 15  ? -8.582  -9.073  -3.831  1.00 16.57 ? 184 LYS A C   1 
ATOM   90   O  O   . LYS A 1 15  ? -8.407  -7.909  -3.390  1.00 24.64 ? 184 LYS A O   1 
ATOM   91   C  CB  . LYS A 1 15  ? -11.003 -9.947  -3.498  1.00 19.89 ? 184 LYS A CB  1 
ATOM   92   N  N   . GLN A 1 16  ? -7.761  -9.624  -4.663  1.00 11.49 ? 185 GLN A N   1 
ATOM   93   C  CA  . GLN A 1 16  ? -6.853  -8.830  -5.514  1.00 10.22 ? 185 GLN A CA  1 
ATOM   94   C  C   . GLN A 1 16  ? -7.407  -8.859  -6.932  1.00 10.76 ? 185 GLN A C   1 
ATOM   95   O  O   . GLN A 1 16  ? -7.891  -9.910  -7.370  1.00 13.47 ? 185 GLN A O   1 
ATOM   96   C  CB  . GLN A 1 16  ? -5.422  -9.330  -5.406  1.00 10.18 ? 185 GLN A CB  1 
ATOM   97   C  CG  . GLN A 1 16  ? -4.872  -9.312  -3.990  1.00 9.39  ? 185 GLN A CG  1 
ATOM   98   C  CD  . GLN A 1 16  ? -3.408  -9.635  -4.022  1.00 9.95  ? 185 GLN A CD  1 
ATOM   99   O  OE1 . GLN A 1 16  ? -2.983  -10.797 -4.137  1.00 10.71 ? 185 GLN A OE1 1 
ATOM   100  N  NE2 . GLN A 1 16  ? -2.582  -8.606  -3.935  1.00 9.27  ? 185 GLN A NE2 1 
ATOM   101  N  N   . LEU A 1 17  ? -7.337  -7.729  -7.612  1.00 9.86  ? 186 LEU A N   1 
ATOM   102  C  CA  . LEU A 1 17  ? -8.057  -7.639  -8.901  1.00 10.15 ? 186 LEU A CA  1 
ATOM   103  C  C   . LEU A 1 17  ? -7.338  -8.420  -10.001 1.00 9.42  ? 186 LEU A C   1 
ATOM   104  O  O   . LEU A 1 17  ? -6.104  -8.505  -10.085 1.00 10.47 ? 186 LEU A O   1 
ATOM   105  C  CB  . LEU A 1 17  ? -8.181  -6.168  -9.273  1.00 9.48  ? 186 LEU A CB  1 
ATOM   106  C  CG  . LEU A 1 17  ? -8.885  -5.257  -8.273  1.00 10.26 ? 186 LEU A CG  1 
ATOM   107  C  CD1 . LEU A 1 17  ? -9.093  -3.905  -8.935  1.00 10.85 ? 186 LEU A CD1 1 
ATOM   108  C  CD2 . LEU A 1 17  ? -10.193 -5.825  -7.762  1.00 12.31 ? 186 LEU A CD2 1 
ATOM   109  N  N   . ASP A 1 18  ? -8.170  -8.854  -10.951 1.00 11.23 ? 187 ASP A N   1 
ATOM   110  C  CA  . ASP A 1 18  ? -7.653  -9.630  -12.094 1.00 11.72 ? 187 ASP A CA  1 
ATOM   111  C  C   . ASP A 1 18  ? -6.861  -8.713  -13.037 1.00 10.75 ? 187 ASP A C   1 
ATOM   112  O  O   . ASP A 1 18  ? -7.117  -7.470  -13.033 1.00 10.63 ? 187 ASP A O   1 
ATOM   113  C  CB  . ASP A 1 18  ? -8.818  -10.291 -12.826 1.00 13.61 ? 187 ASP A CB  1 
ATOM   114  C  CG  . ASP A 1 18  ? -9.426  -11.474 -12.091 1.00 19.86 ? 187 ASP A CG  1 
ATOM   115  O  OD1 . ASP A 1 18  ? -8.732  -12.067 -11.263 1.00 22.72 ? 187 ASP A OD1 1 
ATOM   116  O  OD2 . ASP A 1 18  ? -10.596 -11.783 -12.404 1.00 26.68 ? 187 ASP A OD2 1 
ATOM   117  N  N   . ASN A 1 19  ? -5.963  -9.276  -13.834 1.00 11.16 ? 188 ASN A N   1 
ATOM   118  C  CA  . ASN A 1 19  ? -5.130  -8.540  -14.811 1.00 10.58 ? 188 ASN A CA  1 
ATOM   119  C  C   . ASN A 1 19  ? -4.444  -7.378  -14.101 1.00 10.88 ? 188 ASN A C   1 
ATOM   120  O  O   . ASN A 1 19  ? -4.557  -6.203  -14.498 1.00 10.25 ? 188 ASN A O   1 
ATOM   121  C  CB  . ASN A 1 19  ? -5.991  -8.062  -15.993 1.00 10.80 ? 188 ASN A CB  1 
ATOM   122  C  CG  . ASN A 1 19  ? -5.234  -7.408  -17.117 1.00 13.04 ? 188 ASN A CG  1 
ATOM   123  O  OD1 . ASN A 1 19  ? -5.704  -6.379  -17.599 1.00 15.41 ? 188 ASN A OD1 1 
ATOM   124  N  ND2 . ASN A 1 19  ? -4.065  -7.904  -17.461 1.00 14.17 ? 188 ASN A ND2 1 
ATOM   125  N  N   . PRO A 1 20  ? -3.676  -7.670  -13.032 1.00 10.36 ? 189 PRO A N   1 
ATOM   126  C  CA  . PRO A 1 20  ? -2.907  -6.617  -12.390 1.00 11.31 ? 189 PRO A CA  1 
ATOM   127  C  C   . PRO A 1 20  ? -1.754  -6.102  -13.248 1.00 11.91 ? 189 PRO A C   1 
ATOM   128  O  O   . PRO A 1 20  ? -1.234  -6.801  -14.096 1.00 14.87 ? 189 PRO A O   1 
ATOM   129  C  CB  . PRO A 1 20  ? -2.365  -7.333  -11.161 1.00 12.09 ? 189 PRO A CB  1 
ATOM   130  C  CG  . PRO A 1 20  ? -2.195  -8.728  -11.615 1.00 11.17 ? 189 PRO A CG  1 
ATOM   131  C  CD  . PRO A 1 20  ? -3.451  -8.992  -12.409 1.00 11.13 ? 189 PRO A CD  1 
ATOM   132  N  N   . ALA A 1 21  ? -1.339  -4.858  -13.019 1.00 16.26 ? 190 ALA A N   1 
ATOM   133  C  CA  . ALA A 1 21  ? -0.134  -4.336  -13.700 1.00 15.51 ? 190 ALA A CA  1 
ATOM   134  C  C   . ALA A 1 21  ? 1.059   -4.603  -12.798 1.00 14.23 ? 190 ALA A C   1 
ATOM   135  O  O   . ALA A 1 21  ? 0.933   -4.655  -11.647 1.00 18.33 ? 190 ALA A O   1 
ATOM   136  C  CB  . ALA A 1 21  ? -0.262  -2.870  -14.026 1.00 17.05 ? 190 ALA A CB  1 
ATOM   137  N  N   . ARG A 1 22  ? 2.175   -4.898  -13.395 1.00 14.47 ? 191 ARG A N   1 
ATOM   138  C  CA  . ARG A 1 22  ? 3.435   -5.148  -12.687 1.00 12.98 ? 191 ARG A CA  1 
ATOM   139  C  C   . ARG A 1 22  ? 3.987   -3.847  -12.093 1.00 11.70 ? 191 ARG A C   1 
ATOM   140  O  O   . ARG A 1 22  ? 3.928   -2.724  -12.722 1.00 13.29 ? 191 ARG A O   1 
ATOM   141  C  CB  . ARG A 1 22  ? 4.438   -5.738  -13.687 1.00 16.56 ? 191 ARG A CB  1 
ATOM   142  N  N   . ILE A 1 23  ? 4.563   -3.966  -10.913 1.00 10.15 ? 192 ILE A N   1 
ATOM   143  C  CA  . ILE A 1 23  ? 5.185   -2.851  -10.181 1.00 10.74 ? 192 ILE A CA  1 
ATOM   144  C  C   . ILE A 1 23  ? 6.681   -3.118  -10.084 1.00 9.99  ? 192 ILE A C   1 
ATOM   145  O  O   . ILE A 1 23  ? 7.077   -4.181  -9.601  1.00 10.69 ? 192 ILE A O   1 
ATOM   146  C  CB  . ILE A 1 23  ? 4.586   -2.720  -8.780  1.00 11.19 ? 192 ILE A CB  1 
ATOM   147  C  CG1 . ILE A 1 23  ? 3.061   -2.541  -8.823  1.00 13.03 ? 192 ILE A CG1 1 
ATOM   148  C  CG2 . ILE A 1 23  ? 5.280   -1.632  -8.003  1.00 11.11 ? 192 ILE A CG2 1 
ATOM   149  C  CD1 . ILE A 1 23  ? 2.630   -1.243  -9.360  1.00 13.23 ? 192 ILE A CD1 1 
ATOM   150  N  N   . PRO A 1 24  ? 7.533   -2.244  -10.636 1.00 9.48  ? 193 PRO A N   1 
ATOM   151  C  CA  . PRO A 1 24  ? 8.977   -2.445  -10.598 1.00 9.40  ? 193 PRO A CA  1 
ATOM   152  C  C   . PRO A 1 24  ? 9.576   -2.027  -9.283  1.00 10.14 ? 193 PRO A C   1 
ATOM   153  O  O   . PRO A 1 24  ? 8.911   -1.529  -8.394  1.00 10.40 ? 193 PRO A O   1 
ATOM   154  C  CB  . PRO A 1 24  ? 9.422   -1.539  -11.752 1.00 10.94 ? 193 PRO A CB  1 
ATOM   155  C  CG  . PRO A 1 24  ? 8.507   -0.388  -11.702 1.00 10.54 ? 193 PRO A CG  1 
ATOM   156  C  CD  . PRO A 1 24  ? 7.161   -0.981  -11.320 1.00 9.72  ? 193 PRO A CD  1 
ATOM   157  N  N   . PRO A 1 25  ? 10.887  -2.236  -9.105  1.00 12.36 ? 194 PRO A N   1 
ATOM   158  C  CA  . PRO A 1 25  ? 11.482  -1.977  -7.807  1.00 12.59 ? 194 PRO A CA  1 
ATOM   159  C  C   . PRO A 1 25  ? 11.823  -0.555  -7.441  1.00 13.18 ? 194 PRO A C   1 
ATOM   160  O  O   . PRO A 1 25  ? 12.333  -0.293  -6.343  1.00 14.12 ? 194 PRO A O   1 
ATOM   161  C  CB  . PRO A 1 25  ? 12.808  -2.747  -7.858  1.00 14.95 ? 194 PRO A CB  1 
ATOM   162  C  CG  . PRO A 1 25  ? 12.799  -3.556  -9.085  1.00 15.36 ? 194 PRO A CG  1 
ATOM   163  C  CD  . PRO A 1 25  ? 11.723  -3.053  -9.990  1.00 13.43 ? 194 PRO A CD  1 
ATOM   164  N  N   . CYS A 1 26  ? 11.570  0.386   -8.344  1.00 11.76 ? 195 CYS A N   1 
ATOM   165  C  CA  . CYS A 1 26  ? 11.814  1.816   -8.108  1.00 12.68 ? 195 CYS A CA  1 
ATOM   166  C  C   . CYS A 1 26  ? 11.131  2.616   -9.214  1.00 11.56 ? 195 CYS A C   1 
ATOM   167  O  O   . CYS A 1 26  ? 10.567  2.017   -10.133 1.00 12.47 ? 195 CYS A O   1 
ATOM   168  C  CB  . CYS A 1 26  ? 13.312  2.151   -7.969  1.00 14.25 ? 195 CYS A CB  1 
ATOM   169  S  SG  . CYS A 1 26  ? 14.206  1.688   -9.461  1.00 18.12 ? 195 CYS A SG  1 
ATOM   170  N  N   . GLY A 1 27  ? 11.242  3.936   -9.170  1.00 12.39 ? 196 GLY A N   1 
ATOM   171  C  CA  . GLY A 1 27  ? 10.741  4.803   -10.211 1.00 11.33 ? 196 GLY A CA  1 
ATOM   172  C  C   . GLY A 1 27  ? 9.291   5.215   -9.989  1.00 10.83 ? 196 GLY A C   1 
ATOM   173  O  O   . GLY A 1 27  ? 8.634   5.715   -10.935 1.00 12.73 ? 196 GLY A O   1 
ATOM   174  N  N   . TRP A 1 28  ? 8.747   4.998   -8.803  1.00 9.83  ? 197 TRP A N   1 
ATOM   175  C  CA  . TRP A 1 28  ? 7.305   5.229   -8.538  1.00 9.66  ? 197 TRP A CA  1 
ATOM   176  C  C   . TRP A 1 28  ? 7.001   6.709   -8.374  1.00 9.89  ? 197 TRP A C   1 
ATOM   177  O  O   . TRP A 1 28  ? 7.857   7.490   -7.862  1.00 11.22 ? 197 TRP A O   1 
ATOM   178  C  CB  . TRP A 1 28  ? 6.908   4.506   -7.269  1.00 11.35 ? 197 TRP A CB  1 
ATOM   179  C  CG  . TRP A 1 28  ? 7.532   3.161   -7.056  1.00 11.73 ? 197 TRP A CG  1 
ATOM   180  C  CD1 . TRP A 1 28  ? 7.375   2.050   -7.829  1.00 12.05 ? 197 TRP A CD1 1 
ATOM   181  C  CD2 . TRP A 1 28  ? 8.387   2.763   -5.977  1.00 11.18 ? 197 TRP A CD2 1 
ATOM   182  N  NE1 . TRP A 1 28  ? 8.057   0.982   -7.283  1.00 11.20 ? 197 TRP A NE1 1 
ATOM   183  C  CE2 . TRP A 1 28  ? 8.692   1.399   -6.166  1.00 11.69 ? 197 TRP A CE2 1 
ATOM   184  C  CE3 . TRP A 1 28  ? 8.958   3.444   -4.894  1.00 12.93 ? 197 TRP A CE3 1 
ATOM   185  C  CZ2 . TRP A 1 28  ? 9.516   0.700   -5.307  1.00 13.47 ? 197 TRP A CZ2 1 
ATOM   186  C  CZ3 . TRP A 1 28  ? 9.799   2.722   -4.057  1.00 13.76 ? 197 TRP A CZ3 1 
ATOM   187  C  CH2 . TRP A 1 28  ? 10.047  1.380   -4.248  1.00 13.91 ? 197 TRP A CH2 1 
ATOM   188  N  N   . LYS A 1 29  ? 5.763   7.085   -8.680  1.00 8.79  ? 198 LYS A N   1 
ATOM   189  C  CA  . LYS A 1 29  ? 5.252   8.441   -8.432  1.00 8.76  ? 198 LYS A CA  1 
ATOM   190  C  C   . LYS A 1 29  ? 3.794   8.269   -8.066  1.00 8.63  ? 198 LYS A C   1 
ATOM   191  O  O   . LYS A 1 29  ? 3.090   7.441   -8.663  1.00 8.71  ? 198 LYS A O   1 
ATOM   192  C  CB  . LYS A 1 29  ? 5.427   9.373   -9.633  1.00 9.36  ? 198 LYS A CB  1 
ATOM   193  C  CG  . LYS A 1 29  ? 5.072   10.813  -9.385  1.00 10.34 ? 198 LYS A CG  1 
ATOM   194  C  CD  . LYS A 1 29  ? 5.123   11.656  -10.649 1.00 11.51 ? 198 LYS A CD  1 
ATOM   195  C  CE  . LYS A 1 29  ? 3.936   11.453  -11.542 1.00 11.01 ? 198 LYS A CE  1 
ATOM   196  N  NZ  . LYS A 1 29  ? 2.696   12.022  -10.979 1.00 11.87 ? 198 LYS A NZ  1 
ATOM   197  N  N   . CYS A 1 30  ? 3.318   9.103   -7.152  1.00 7.59  ? 199 CYS A N   1 
ATOM   198  C  CA  . CYS A 1 30  ? 1.866   9.182   -6.925  1.00 7.67  ? 199 CYS A CA  1 
ATOM   199  C  C   . CYS A 1 30  ? 1.146   9.421   -8.239  1.00 7.07  ? 199 CYS A C   1 
ATOM   200  O  O   . CYS A 1 30  ? 1.543   10.289  -9.030  1.00 8.13  ? 199 CYS A O   1 
ATOM   201  C  CB  . CYS A 1 30  ? 1.518   10.307  -5.943  1.00 7.86  ? 199 CYS A CB  1 
ATOM   202  S  SG  . CYS A 1 30  ? -0.244  10.421  -5.568  1.00 7.96  ? 199 CYS A SG  1 
ATOM   203  N  N   . SER A 1 31  ? 0.049   8.744   -8.490  1.00 7.54  ? 200 SER A N   1 
ATOM   204  C  CA  . SER A 1 31  ? -0.684  8.967   -9.750  1.00 8.49  ? 200 SER A CA  1 
ATOM   205  C  C   . SER A 1 31  ? -1.327  10.346  -9.767  1.00 9.33  ? 200 SER A C   1 
ATOM   206  O  O   . SER A 1 31  ? -1.612  10.848  -10.873 1.00 10.84 ? 200 SER A O   1 
ATOM   207  C  CB  . SER A 1 31  ? -1.752  7.959   -9.921  1.00 8.76  ? 200 SER A CB  1 
ATOM   208  O  OG  . SER A 1 31  ? -1.254  6.627   -9.768  1.00 10.88 ? 200 SER A OG  1 
ATOM   209  N  N   . LYS A 1 32  ? -1.574  10.985  -8.650  1.00 8.65  ? 201 LYS A N   1 
ATOM   210  C  CA  . LYS A 1 32  ? -2.347  12.259  -8.605  1.00 8.93  ? 201 LYS A CA  1 
ATOM   211  C  C   . LYS A 1 32  ? -1.525  13.450  -8.173  1.00 9.81  ? 201 LYS A C   1 
ATOM   212  O  O   . LYS A 1 32  ? -2.129  14.574  -8.140  1.00 12.52 ? 201 LYS A O   1 
ATOM   213  C  CB  . LYS A 1 32  ? -3.568  12.094  -7.692  1.00 10.57 ? 201 LYS A CB  1 
ATOM   214  C  CG  . LYS A 1 32  ? -4.588  11.086  -8.189  1.00 12.73 ? 201 LYS A CG  1 
ATOM   215  C  CD  . LYS A 1 32  ? -5.891  11.117  -7.471  1.00 15.41 ? 201 LYS A CD  1 
ATOM   216  C  CE  . LYS A 1 32  ? -6.621  12.432  -7.604  1.00 17.90 ? 201 LYS A CE  1 
ATOM   217  N  NZ  . LYS A 1 32  ? -8.012  12.315  -7.056  1.00 20.05 ? 201 LYS A NZ  1 
ATOM   218  N  N   . CYS A 1 33  ? -0.249  13.300  -7.913  1.00 8.86  ? 202 CYS A N   1 
ATOM   219  C  CA  . CYS A 1 33  ? 0.590   14.469  -7.571  1.00 9.65  ? 202 CYS A CA  1 
ATOM   220  C  C   . CYS A 1 33  ? 2.054   14.121  -7.834  1.00 9.71  ? 202 CYS A C   1 
ATOM   221  O  O   . CYS A 1 33  ? 2.370   12.991  -8.260  1.00 10.27 ? 202 CYS A O   1 
ATOM   222  C  CB  . CYS A 1 33  ? 0.305   15.009  -6.176  1.00 9.59  ? 202 CYS A CB  1 
ATOM   223  S  SG  . CYS A 1 33  ? 1.004   14.013  -4.821  1.00 10.24 ? 202 CYS A SG  1 
ATOM   224  N  N   A ASP A 1 34  ? 2.957   15.056  -7.577  0.50 10.60 ? 203 ASP A N   1 
ATOM   225  N  N   B ASP A 1 34  ? 2.977   15.043  -7.578  0.50 11.00 ? 203 ASP A N   1 
ATOM   226  C  CA  A ASP A 1 34  ? 4.384   14.905  -7.920  0.50 11.48 ? 203 ASP A CA  1 
ATOM   227  C  CA  B ASP A 1 34  ? 4.396   14.845  -7.944  0.50 12.23 ? 203 ASP A CA  1 
ATOM   228  C  C   A ASP A 1 34  ? 5.151   14.060  -6.898  0.50 11.65 ? 203 ASP A C   1 
ATOM   229  C  C   B ASP A 1 34  ? 5.167   14.058  -6.884  0.50 12.05 ? 203 ASP A C   1 
ATOM   230  O  O   A ASP A 1 34  ? 6.371   13.826  -7.116  0.50 12.47 ? 203 ASP A O   1 
ATOM   231  O  O   B ASP A 1 34  ? 6.396   13.834  -7.070  0.50 12.59 ? 203 ASP A O   1 
ATOM   232  C  CB  A ASP A 1 34  ? 5.051   16.278  -8.026  0.50 12.54 ? 203 ASP A CB  1 
ATOM   233  C  CB  B ASP A 1 34  ? 5.089   16.179  -8.236  0.50 14.14 ? 203 ASP A CB  1 
ATOM   234  C  CG  A ASP A 1 34  ? 4.577   17.152  -9.180  0.50 15.55 ? 203 ASP A CG  1 
ATOM   235  C  CG  B ASP A 1 34  ? 5.327   17.091  -7.045  0.50 18.45 ? 203 ASP A CG  1 
ATOM   236  O  OD1 A ASP A 1 34  ? 3.984   16.623  -10.134 0.50 17.96 ? 203 ASP A OD1 1 
ATOM   237  O  OD1 B ASP A 1 34  ? 5.022   16.697  -5.910  0.50 21.52 ? 203 ASP A OD1 1 
ATOM   238  O  OD2 A ASP A 1 34  ? 4.861   18.360  -9.113  0.50 20.99 ? 203 ASP A OD2 1 
ATOM   239  O  OD2 B ASP A 1 34  ? 5.824   18.245  -7.285  0.50 23.02 ? 203 ASP A OD2 1 
ATOM   240  N  N   . MET A 1 35  ? 4.513   13.612  -5.807  1.00 11.34 ? 204 MET A N   1 
ATOM   241  C  CA  . MET A 1 35  ? 5.300   12.973  -4.746  1.00 11.22 ? 204 MET A CA  1 
ATOM   242  C  C   . MET A 1 35  ? 5.965   11.687  -5.227  1.00 11.14 ? 204 MET A C   1 
ATOM   243  O  O   . MET A 1 35  ? 5.318   10.825  -5.869  1.00 11.50 ? 204 MET A O   1 
ATOM   244  C  CB  . MET A 1 35  ? 4.412   12.678  -3.537  1.00 12.49 ? 204 MET A CB  1 
ATOM   245  C  CG  . MET A 1 35  ? 4.125   13.969  -2.822  1.00 13.56 ? 204 MET A CG  1 
ATOM   246  S  SD  . MET A 1 35  ? 3.263   13.723  -1.257  1.00 13.54 ? 204 MET A SD  1 
ATOM   247  C  CE  . MET A 1 35  ? 4.498   12.798  -0.337  1.00 16.19 ? 204 MET A CE  1 
ATOM   248  N  N   A ARG A 1 36  ? 7.239   11.517  -4.869  0.50 11.70 ? 205 ARG A N   1 
ATOM   249  N  N   B ARG A 1 36  ? 7.237   11.503  -4.852  0.50 11.16 ? 205 ARG A N   1 
ATOM   250  C  CA  A ARG A 1 36  ? 8.007   10.294  -5.186  0.50 12.46 ? 205 ARG A CA  1 
ATOM   251  C  CA  B ARG A 1 36  ? 8.013   10.276  -5.153  0.50 11.52 ? 205 ARG A CA  1 
ATOM   252  C  C   A ARG A 1 36  ? 8.491   9.637   -3.894  0.50 12.13 ? 205 ARG A C   1 
ATOM   253  C  C   B ARG A 1 36  ? 8.393   9.525   -3.873  0.50 11.38 ? 205 ARG A C   1 
ATOM   254  O  O   A ARG A 1 36  ? 9.316   8.743   -3.985  0.50 13.55 ? 205 ARG A O   1 
ATOM   255  O  O   B ARG A 1 36  ? 8.909   8.422   -3.985  0.50 11.94 ? 205 ARG A O   1 
ATOM   256  C  CB  A ARG A 1 36  ? 9.156   10.634  -6.134  0.50 14.28 ? 205 ARG A CB  1 
ATOM   257  C  CB  B ARG A 1 36  ? 9.287   10.608  -5.924  0.50 12.56 ? 205 ARG A CB  1 
ATOM   258  C  CG  A ARG A 1 36  ? 8.648   11.116  -7.481  0.50 16.50 ? 205 ARG A CG  1 
ATOM   259  C  CG  B ARG A 1 36  ? 9.057   11.544  -7.096  0.50 14.17 ? 205 ARG A CG  1 
ATOM   260  C  CD  A ARG A 1 36  ? 9.792   11.545  -8.370  0.50 19.06 ? 205 ARG A CD  1 
ATOM   261  C  CD  B ARG A 1 36  ? 10.264  11.518  -8.003  0.50 15.59 ? 205 ARG A CD  1 
ATOM   262  N  NE  A ARG A 1 36  ? 9.273   12.115  -9.588  0.50 23.36 ? 205 ARG A NE  1 
ATOM   263  N  NE  B ARG A 1 36  ? 10.371  10.258  -8.733  0.50 16.85 ? 205 ARG A NE  1 
ATOM   264  C  CZ  A ARG A 1 36  ? 9.031   11.421  -10.694 0.50 25.54 ? 205 ARG A CZ  1 
ATOM   265  C  CZ  B ARG A 1 36  ? 9.664   9.963   -9.820  0.50 16.27 ? 205 ARG A CZ  1 
ATOM   266  N  NH1 A ARG A 1 36  ? 8.548   12.037  -11.760 0.50 28.60 ? 205 ARG A NH1 1 
ATOM   267  N  NH1 B ARG A 1 36  ? 9.796   8.798   -10.436 0.50 16.70 ? 205 ARG A NH1 1 
ATOM   268  N  NH2 A ARG A 1 36  ? 9.281   10.123  -10.724 0.50 27.95 ? 205 ARG A NH2 1 
ATOM   269  N  NH2 B ARG A 1 36  ? 8.795   10.841  -10.279 0.50 15.62 ? 205 ARG A NH2 1 
ATOM   270  N  N   A GLU A 1 37  ? 7.967   10.099  -2.765  0.50 12.13 ? 206 GLU A N   1 
ATOM   271  N  N   B GLU A 1 37  ? 8.090   10.096  -2.714  0.50 12.07 ? 206 GLU A N   1 
ATOM   272  C  CA  A GLU A 1 37  ? 8.255   9.524   -1.434  0.50 12.22 ? 206 GLU A CA  1 
ATOM   273  C  CA  B GLU A 1 37  ? 8.314   9.424   -1.417  0.50 12.52 ? 206 GLU A CA  1 
ATOM   274  C  C   A GLU A 1 37  ? 6.949   9.360   -0.676  0.50 10.56 ? 206 GLU A C   1 
ATOM   275  C  C   B GLU A 1 37  ? 6.985   9.343   -0.684  0.50 10.71 ? 206 GLU A C   1 
ATOM   276  O  O   A GLU A 1 37  ? 5.956   9.957   -1.075  0.50 9.78  ? 206 GLU A O   1 
ATOM   277  O  O   B GLU A 1 37  ? 6.029   9.981   -1.108  0.50 10.08 ? 206 GLU A O   1 
ATOM   278  C  CB  A GLU A 1 37  ? 9.220   10.401  -0.645  0.50 14.51 ? 206 GLU A CB  1 
ATOM   279  C  CB  B GLU A 1 37  ? 9.342   10.143  -0.547  0.50 15.05 ? 206 GLU A CB  1 
ATOM   280  C  CG  A GLU A 1 37  ? 10.593  10.438  -1.277  0.50 18.05 ? 206 GLU A CG  1 
ATOM   281  C  CG  B GLU A 1 37  ? 9.056   11.616  -0.392  0.50 18.87 ? 206 GLU A CG  1 
ATOM   282  C  CD  A GLU A 1 37  ? 11.583  11.293  -0.516  0.50 21.83 ? 206 GLU A CD  1 
ATOM   283  C  CD  B GLU A 1 37  ? 10.071  12.367  0.453   0.50 23.64 ? 206 GLU A CD  1 
ATOM   284  O  OE1 A GLU A 1 37  ? 11.379  12.518  -0.470  0.50 27.80 ? 206 GLU A OE1 1 
ATOM   285  O  OE1 B GLU A 1 37  ? 11.155  11.809  0.729   0.50 26.04 ? 206 GLU A OE1 1 
ATOM   286  O  OE2 A GLU A 1 37  ? 12.511  10.722  0.059   0.50 28.80 ? 206 GLU A OE2 1 
ATOM   287  O  OE2 B GLU A 1 37  ? 9.768   13.509  0.823   0.50 30.85 ? 206 GLU A OE2 1 
ATOM   288  N  N   . ASN A 1 38  ? 6.964   8.570   0.392   1.00 10.13 ? 207 ASN A N   1 
ATOM   289  C  CA  . ASN A 1 38  ? 5.742   8.322   1.172   1.00 9.17  ? 207 ASN A CA  1 
ATOM   290  C  C   . ASN A 1 38  ? 4.616   7.895   0.243   1.00 8.93  ? 207 ASN A C   1 
ATOM   291  O  O   . ASN A 1 38  ? 3.498   8.433   0.293   1.00 9.37  ? 207 ASN A O   1 
ATOM   292  C  CB  . ASN A 1 38  ? 5.328   9.555   1.957   1.00 9.78  ? 207 ASN A CB  1 
ATOM   293  C  CG  . ASN A 1 38  ? 4.249   9.322   2.974   1.00 10.49 ? 207 ASN A CG  1 
ATOM   294  O  OD1 . ASN A 1 38  ? 4.004   8.219   3.422   1.00 11.37 ? 207 ASN A OD1 1 
ATOM   295  N  ND2 . ASN A 1 38  ? 3.607   10.415  3.343   1.00 11.55 ? 207 ASN A ND2 1 
ATOM   296  N  N   . LEU A 1 39  ? 4.897   6.844   -0.503  1.00 7.68  ? 208 LEU A N   1 
ATOM   297  C  CA  . LEU A 1 39  ? 3.965   6.247   -1.480  1.00 7.57  ? 208 LEU A CA  1 
ATOM   298  C  C   . LEU A 1 39  ? 3.452   4.899   -0.974  1.00 8.42  ? 208 LEU A C   1 
ATOM   299  O  O   . LEU A 1 39  ? 4.236   4.100   -0.437  1.00 9.34  ? 208 LEU A O   1 
ATOM   300  C  CB  . LEU A 1 39  ? 4.616   6.087   -2.852  1.00 8.03  ? 208 LEU A CB  1 
ATOM   301  C  CG  . LEU A 1 39  ? 5.133   7.396   -3.465  1.00 8.72  ? 208 LEU A CG  1 
ATOM   302  C  CD1 . LEU A 1 39  ? 5.685   7.056   -4.848  1.00 9.06  ? 208 LEU A CD1 1 
ATOM   303  C  CD2 . LEU A 1 39  ? 4.021   8.471   -3.550  1.00 10.07 ? 208 LEU A CD2 1 
ATOM   304  N  N   . TRP A 1 40  ? 2.170   4.659   -1.179  1.00 7.23  ? 209 TRP A N   1 
ATOM   305  C  CA  . TRP A 1 40  ? 1.455   3.492   -0.627  1.00 7.31  ? 209 TRP A CA  1 
ATOM   306  C  C   . TRP A 1 40  ? 0.867   2.735   -1.789  1.00 7.71  ? 209 TRP A C   1 
ATOM   307  O  O   . TRP A 1 40  ? 0.100   3.296   -2.591  1.00 7.51  ? 209 TRP A O   1 
ATOM   308  C  CB  . TRP A 1 40  ? 0.433   3.940   0.385   1.00 7.24  ? 209 TRP A CB  1 
ATOM   309  C  CG  . TRP A 1 40  ? 1.070   4.565   1.589   1.00 7.56  ? 209 TRP A CG  1 
ATOM   310  C  CD1 . TRP A 1 40  ? 1.580   5.837   1.708   1.00 7.92  ? 209 TRP A CD1 1 
ATOM   311  C  CD2 . TRP A 1 40  ? 1.302   3.915   2.840   1.00 7.21  ? 209 TRP A CD2 1 
ATOM   312  N  NE1 . TRP A 1 40  ? 2.108   5.994   2.953   1.00 8.20  ? 209 TRP A NE1 1 
ATOM   313  C  CE2 . TRP A 1 40  ? 1.920   4.846   3.683   1.00 7.93  ? 209 TRP A CE2 1 
ATOM   314  C  CE3 . TRP A 1 40  ? 0.976   2.663   3.363   1.00 8.01  ? 209 TRP A CE3 1 
ATOM   315  C  CZ2 . TRP A 1 40  ? 2.266   4.560   5.000   1.00 7.94  ? 209 TRP A CZ2 1 
ATOM   316  C  CZ3 . TRP A 1 40  ? 1.347   2.386   4.655   1.00 8.02  ? 209 TRP A CZ3 1 
ATOM   317  C  CH2 . TRP A 1 40  ? 1.940   3.323   5.475   1.00 8.37  ? 209 TRP A CH2 1 
ATOM   318  N  N   . LEU A 1 41  ? 1.186   1.444   -1.840  1.00 7.14  ? 210 LEU A N   1 
ATOM   319  C  CA  . LEU A 1 41  ? 0.727   0.480   -2.843  1.00 7.29  ? 210 LEU A CA  1 
ATOM   320  C  C   . LEU A 1 41  ? -0.499  -0.196  -2.253  1.00 7.20  ? 210 LEU A C   1 
ATOM   321  O  O   . LEU A 1 41  ? -0.385  -0.966  -1.281  1.00 7.32  ? 210 LEU A O   1 
ATOM   322  C  CB  . LEU A 1 41  ? 1.828   -0.521  -3.158  1.00 8.12  ? 210 LEU A CB  1 
ATOM   323  C  CG  . LEU A 1 41  ? 1.439   -1.659  -4.092  1.00 10.01 ? 210 LEU A CG  1 
ATOM   324  C  CD1 . LEU A 1 41  ? 1.276   -1.129  -5.514  1.00 10.51 ? 210 LEU A CD1 1 
ATOM   325  C  CD2 . LEU A 1 41  ? 2.486   -2.780  -4.083  1.00 11.06 ? 210 LEU A CD2 1 
ATOM   326  N  N   . ASN A 1 42  ? -1.673  0.049   -2.832  1.00 6.79  ? 211 ASN A N   1 
ATOM   327  C  CA  . ASN A 1 42  ? -2.873  -0.612  -2.341  1.00 6.99  ? 211 ASN A CA  1 
ATOM   328  C  C   . ASN A 1 42  ? -2.799  -2.062  -2.806  1.00 7.10  ? 211 ASN A C   1 
ATOM   329  O  O   . ASN A 1 42  ? -2.685  -2.359  -4.022  1.00 7.63  ? 211 ASN A O   1 
ATOM   330  C  CB  . ASN A 1 42  ? -4.134  0.060   -2.803  1.00 7.80  ? 211 ASN A CB  1 
ATOM   331  C  CG  . ASN A 1 42  ? -5.330  -0.440  -2.048  1.00 7.87  ? 211 ASN A CG  1 
ATOM   332  O  OD1 . ASN A 1 42  ? -5.699  -1.595  -2.162  1.00 8.58  ? 211 ASN A OD1 1 
ATOM   333  N  ND2 . ASN A 1 42  ? -5.942  0.431   -1.253  1.00 8.49  ? 211 ASN A ND2 1 
ATOM   334  N  N   . LEU A 1 43  ? -2.975  -3.022  -1.900  1.00 7.53  ? 212 LEU A N   1 
ATOM   335  C  CA  . LEU A 1 43  ? -2.788  -4.434  -2.269  1.00 7.62  ? 212 LEU A CA  1 
ATOM   336  C  C   . LEU A 1 43  ? -3.971  -5.008  -3.043  1.00 7.86  ? 212 LEU A C   1 
ATOM   337  O  O   . LEU A 1 43  ? -3.827  -6.107  -3.633  1.00 8.36  ? 212 LEU A O   1 
ATOM   338  C  CB  . LEU A 1 43  ? -2.573  -5.216  -0.984  1.00 7.98  ? 212 LEU A CB  1 
ATOM   339  C  CG  . LEU A 1 43  ? -1.263  -4.904  -0.295  1.00 9.59  ? 212 LEU A CG  1 
ATOM   340  C  CD1 . LEU A 1 43  ? -1.173  -5.777  0.970   1.00 10.35 ? 212 LEU A CD1 1 
ATOM   341  C  CD2 . LEU A 1 43  ? -0.045  -5.171  -1.161  1.00 10.71 ? 212 LEU A CD2 1 
ATOM   342  N  N   . THR A 1 44  ? -5.087  -4.299  -3.153  1.00 7.81  ? 213 THR A N   1 
ATOM   343  C  CA  . THR A 1 44  ? -6.224  -4.803  -3.957  1.00 8.17  ? 213 THR A CA  1 
ATOM   344  C  C   . THR A 1 44  ? -5.917  -4.532  -5.433  1.00 8.31  ? 213 THR A C   1 
ATOM   345  O  O   . THR A 1 44  ? -6.056  -5.447  -6.281  1.00 9.11  ? 213 THR A O   1 
ATOM   346  C  CB  . THR A 1 44  ? -7.542  -4.170  -3.547  1.00 9.09  ? 213 THR A CB  1 
ATOM   347  O  OG1 . THR A 1 44  ? -7.837  -4.599  -2.207  1.00 11.12 ? 213 THR A OG1 1 
ATOM   348  C  CG2 . THR A 1 44  ? -8.656  -4.576  -4.469  1.00 9.28  ? 213 THR A CG2 1 
ATOM   349  N  N   . ASP A 1 45  ? -5.536  -3.299  -5.761  1.00 8.34  ? 214 ASP A N   1 
ATOM   350  C  CA  . ASP A 1 45  ? -5.506  -2.863  -7.178  1.00 8.74  ? 214 ASP A CA  1 
ATOM   351  C  C   . ASP A 1 45  ? -4.141  -2.433  -7.684  1.00 8.81  ? 214 ASP A C   1 
ATOM   352  O  O   . ASP A 1 45  ? -4.057  -2.054  -8.879  1.00 9.76  ? 214 ASP A O   1 
ATOM   353  C  CB  . ASP A 1 45  ? -6.538  -1.764  -7.461  1.00 8.88  ? 214 ASP A CB  1 
ATOM   354  C  CG  . ASP A 1 45  ? -6.338  -0.458  -6.734  1.00 9.64  ? 214 ASP A CG  1 
ATOM   355  O  OD1 . ASP A 1 45  ? -5.370  -0.326  -5.916  1.00 8.62  ? 214 ASP A OD1 1 
ATOM   356  O  OD2 . ASP A 1 45  ? -7.192  0.428   -7.023  1.00 11.51 ? 214 ASP A OD2 1 
ATOM   357  N  N   . GLY A 1 46  ? -3.116  -2.384  -6.854  1.00 8.20  ? 215 GLY A N   1 
ATOM   358  C  CA  . GLY A 1 46  ? -1.780  -2.007  -7.288  1.00 8.41  ? 215 GLY A CA  1 
ATOM   359  C  C   . GLY A 1 46  ? -1.666  -0.501  -7.544  1.00 8.05  ? 215 GLY A C   1 
ATOM   360  O  O   . GLY A 1 46  ? -0.684  -0.057  -8.137  1.00 9.59  ? 215 GLY A O   1 
ATOM   361  N  N   . SER A 1 47  ? -2.616  0.287   -7.069  1.00 7.42  ? 216 SER A N   1 
ATOM   362  C  CA  . SER A 1 47  ? -2.518  1.756   -7.153  1.00 6.93  ? 216 SER A CA  1 
ATOM   363  C  C   . SER A 1 47  ? -1.354  2.265   -6.301  1.00 6.81  ? 216 SER A C   1 
ATOM   364  O  O   . SER A 1 47  ? -1.099  1.690   -5.210  1.00 6.96  ? 216 SER A O   1 
ATOM   365  C  CB  . SER A 1 47  ? -3.797  2.467   -6.745  1.00 7.13  ? 216 SER A CB  1 
ATOM   366  O  OG  . SER A 1 47  ? -4.200  2.120   -5.424  1.00 7.45  ? 216 SER A OG  1 
ATOM   367  N  N   . ILE A 1 48  ? -0.665  3.292   -6.758  1.00 7.25  ? 217 ILE A N   1 
ATOM   368  C  CA  . ILE A 1 48  ? 0.466   3.907   -6.024  1.00 7.48  ? 217 ILE A CA  1 
ATOM   369  C  C   . ILE A 1 48  ? 0.130   5.366   -5.781  1.00 7.23  ? 217 ILE A C   1 
ATOM   370  O  O   . ILE A 1 48  ? -0.009  6.135   -6.767  1.00 7.32  ? 217 ILE A O   1 
ATOM   371  C  CB  . ILE A 1 48  ? 1.801   3.784   -6.781  1.00 7.67  ? 217 ILE A CB  1 
ATOM   372  C  CG1 . ILE A 1 48  ? 2.179   2.296   -6.806  1.00 8.24  ? 217 ILE A CG1 1 
ATOM   373  C  CG2 . ILE A 1 48  ? 2.874   4.673   -6.133  1.00 8.22  ? 217 ILE A CG2 1 
ATOM   374  C  CD1 . ILE A 1 48  ? 3.411   2.010   -7.620  1.00 8.77  ? 217 ILE A CD1 1 
ATOM   375  N  N   . LEU A 1 49  ? -0.119  5.684   -4.518  1.00 6.91  ? 218 LEU A N   1 
ATOM   376  C  CA  . LEU A 1 49  ? -0.715  6.984   -4.135  1.00 6.75  ? 218 LEU A CA  1 
ATOM   377  C  C   . LEU A 1 49  ? -0.090  7.435   -2.843  1.00 6.72  ? 218 LEU A C   1 
ATOM   378  O  O   . LEU A 1 49  ? 0.327   6.608   -2.002  1.00 7.38  ? 218 LEU A O   1 
ATOM   379  C  CB  . LEU A 1 49  ? -2.223  6.844   -4.004  1.00 7.00  ? 218 LEU A CB  1 
ATOM   380  C  CG  . LEU A 1 49  ? -2.947  6.459   -5.299  1.00 7.22  ? 218 LEU A CG  1 
ATOM   381  C  CD1 . LEU A 1 49  ? -4.362  6.004   -4.988  1.00 7.86  ? 218 LEU A CD1 1 
ATOM   382  C  CD2 . LEU A 1 49  ? -2.950  7.579   -6.340  1.00 7.26  ? 218 LEU A CD2 1 
ATOM   383  N  N   . CYS A 1 50  ? 0.027   8.761   -2.637  1.00 7.07  ? 219 CYS A N   1 
ATOM   384  C  CA  . CYS A 1 50  ? 0.761   9.316   -1.497  1.00 7.90  ? 219 CYS A CA  1 
ATOM   385  C  C   . CYS A 1 50  ? 0.006   9.185   -0.175  1.00 7.44  ? 219 CYS A C   1 
ATOM   386  O  O   . CYS A 1 50  ? -1.221  9.116   -0.096  1.00 7.37  ? 219 CYS A O   1 
ATOM   387  C  CB  . CYS A 1 50  ? 1.119   10.764  -1.801  1.00 9.58  ? 219 CYS A CB  1 
ATOM   388  S  SG  . CYS A 1 50  ? -0.323  11.841  -2.024  1.00 8.80  ? 219 CYS A SG  1 
ATOM   389  N  N   . GLY A 1 51  ? 0.824   9.249   0.879   1.00 8.44  ? 220 GLY A N   1 
ATOM   390  C  CA  . GLY A 1 51  ? 0.306   9.137   2.242   1.00 8.83  ? 220 GLY A CA  1 
ATOM   391  C  C   . GLY A 1 51  ? -0.435  10.369  2.740   1.00 8.72  ? 220 GLY A C   1 
ATOM   392  O  O   . GLY A 1 51  ? -0.468  11.430  2.070   1.00 8.33  ? 220 GLY A O   1 
ATOM   393  N  N   . ARG A 1 52  ? -1.070  10.226  3.900   1.00 8.58  ? 221 ARG A N   1 
ATOM   394  C  CA  . ARG A 1 52  ? -1.992  11.254  4.382   1.00 8.91  ? 221 ARG A CA  1 
ATOM   395  C  C   . ARG A 1 52  ? -1.180  12.423  4.985   1.00 7.83  ? 221 ARG A C   1 
ATOM   396  O  O   . ARG A 1 52  ? -0.025  12.300  5.364   1.00 8.31  ? 221 ARG A O   1 
ATOM   397  C  CB  . ARG A 1 52  ? -3.015  10.647  5.344   1.00 11.09 ? 221 ARG A CB  1 
ATOM   398  C  CG  . ARG A 1 52  ? -2.576  10.504  6.776   1.00 11.15 ? 221 ARG A CG  1 
ATOM   399  C  CD  . ARG A 1 52  ? -3.813  10.108  7.633   1.00 12.66 ? 221 ARG A CD  1 
ATOM   400  N  NE  . ARG A 1 52  ? -4.172  8.773   7.339   1.00 13.84 ? 221 ARG A NE  1 
ATOM   401  C  CZ  . ARG A 1 52  ? -5.367  8.249   7.391   1.00 11.92 ? 221 ARG A CZ  1 
ATOM   402  N  NH1 . ARG A 1 52  ? -6.463  8.981   7.568   1.00 11.17 ? 221 ARG A NH1 1 
ATOM   403  N  NH2 . ARG A 1 52  ? -5.480  6.946   7.219   1.00 11.73 ? 221 ARG A NH2 1 
ATOM   404  N  N   . ARG A 1 53  ? -1.860  13.558  5.046   1.00 7.84  ? 222 ARG A N   1 
ATOM   405  C  CA  . ARG A 1 53  ? -1.364  14.789  5.696   1.00 8.20  ? 222 ARG A CA  1 
ATOM   406  C  C   . ARG A 1 53  ? -1.764  14.791  7.152   1.00 7.70  ? 222 ARG A C   1 
ATOM   407  O  O   . ARG A 1 53  ? -2.912  14.473  7.500   1.00 8.73  ? 222 ARG A O   1 
ATOM   408  C  CB  . ARG A 1 53  ? -1.994  15.990  5.011   1.00 8.53  ? 222 ARG A CB  1 
ATOM   409  C  CG  . ARG A 1 53  ? -1.363  17.303  5.412   1.00 8.32  ? 222 ARG A CG  1 
ATOM   410  C  CD  . ARG A 1 53  ? 0.085   17.563  5.051   1.00 8.59  ? 222 ARG A CD  1 
ATOM   411  N  NE  . ARG A 1 53  ? 0.304   17.436  3.612   1.00 9.25  ? 222 ARG A NE  1 
ATOM   412  C  CZ  . ARG A 1 53  ? 1.356   17.929  2.968   1.00 10.15 ? 222 ARG A CZ  1 
ATOM   413  N  NH1 . ARG A 1 53  ? 1.421   17.794  1.647   1.00 11.14 ? 222 ARG A NH1 1 
ATOM   414  N  NH2 . ARG A 1 53  ? 2.272   18.605  3.627   1.00 12.47 ? 222 ARG A NH2 1 
ATOM   415  N  N   . TYR A 1 54  ? -0.819  15.174  7.992   1.00 8.67  ? 223 TYR A N   1 
ATOM   416  C  CA  . TYR A 1 54  ? -1.041  15.303  9.445   1.00 8.77  ? 223 TYR A CA  1 
ATOM   417  C  C   . TYR A 1 54  ? -1.130  16.773  9.880   1.00 8.97  ? 223 TYR A C   1 
ATOM   418  O  O   . TYR A 1 54  ? -0.750  17.707  9.151   1.00 8.16  ? 223 TYR A O   1 
ATOM   419  C  CB  . TYR A 1 54  ? 0.015   14.500  10.214  1.00 10.15 ? 223 TYR A CB  1 
ATOM   420  C  CG  . TYR A 1 54  ? -0.099  13.014  9.984   1.00 10.23 ? 223 TYR A CG  1 
ATOM   421  C  CD1 . TYR A 1 54  ? -1.039  12.279  10.677  1.00 11.22 ? 223 TYR A CD1 1 
ATOM   422  C  CD2 . TYR A 1 54  ? 0.674   12.394  9.039   1.00 10.70 ? 223 TYR A CD2 1 
ATOM   423  C  CE1 . TYR A 1 54  ? -1.202  10.912  10.429  1.00 12.01 ? 223 TYR A CE1 1 
ATOM   424  C  CE2 . TYR A 1 54  ? 0.547   11.043  8.809   1.00 11.79 ? 223 TYR A CE2 1 
ATOM   425  C  CZ  . TYR A 1 54  ? -0.377  10.319  9.509   1.00 11.49 ? 223 TYR A CZ  1 
ATOM   426  O  OH  . TYR A 1 54  ? -0.555  8.974   9.241   1.00 13.47 ? 223 TYR A OH  1 
ATOM   427  N  N   . PHE A 1 55  ? -1.581  16.967  11.123  1.00 8.59  ? 224 PHE A N   1 
ATOM   428  C  CA  . PHE A 1 55  ? -1.857  18.297  11.702  1.00 8.55  ? 224 PHE A CA  1 
ATOM   429  C  C   . PHE A 1 55  ? -0.606  19.186  11.688  1.00 9.04  ? 224 PHE A C   1 
ATOM   430  O  O   . PHE A 1 55  ? -0.808  20.406  11.749  1.00 9.44  ? 224 PHE A O   1 
ATOM   431  C  CB  . PHE A 1 55  ? -2.332  18.120  13.162  1.00 8.32  ? 224 PHE A CB  1 
ATOM   432  C  CG  . PHE A 1 55  ? -1.230  17.579  14.039  1.00 8.39  ? 224 PHE A CG  1 
ATOM   433  C  CD1 . PHE A 1 55  ? -0.973  16.212  14.077  1.00 8.95  ? 224 PHE A CD1 1 
ATOM   434  C  CD2 . PHE A 1 55  ? -0.444  18.449  14.774  1.00 9.52  ? 224 PHE A CD2 1 
ATOM   435  C  CE1 . PHE A 1 55  ? 0.110   15.746  14.807  1.00 9.85  ? 224 PHE A CE1 1 
ATOM   436  C  CE2 . PHE A 1 55  ? 0.649   17.955  15.478  1.00 9.10  ? 224 PHE A CE2 1 
ATOM   437  C  CZ  . PHE A 1 55  ? 0.911   16.617  15.489  1.00 9.57  ? 224 PHE A CZ  1 
ATOM   438  N  N   . ASP A 1 56  ? 0.622   18.657  11.710  1.00 8.18  ? 225 ASP A N   1 
ATOM   439  C  CA  . ASP A 1 56  ? 1.858   19.456  11.782  1.00 8.78  ? 225 ASP A CA  1 
ATOM   440  C  C   . ASP A 1 56  ? 2.386   19.791  10.396  1.00 8.84  ? 225 ASP A C   1 
ATOM   441  O  O   . ASP A 1 56  ? 3.445   20.418  10.277  1.00 9.39  ? 225 ASP A O   1 
ATOM   442  C  CB  . ASP A 1 56  ? 2.890   18.741  12.640  1.00 9.47  ? 225 ASP A CB  1 
ATOM   443  C  CG  . ASP A 1 56  ? 3.373   17.435  12.051  1.00 10.74 ? 225 ASP A CG  1 
ATOM   444  O  OD1 . ASP A 1 56  ? 2.692   16.904  11.150  1.00 9.89  ? 225 ASP A OD1 1 
ATOM   445  O  OD2 . ASP A 1 56  ? 4.444   16.968  12.449  1.00 11.18 ? 225 ASP A OD2 1 
ATOM   446  N  N   . GLY A 1 57  ? 1.645   19.372  9.355   1.00 10.18 ? 226 GLY A N   1 
ATOM   447  C  CA  . GLY A 1 57  ? 2.121   19.569  7.987   1.00 11.12 ? 226 GLY A CA  1 
ATOM   448  C  C   . GLY A 1 57  ? 2.895   18.398  7.418   1.00 11.72 ? 226 GLY A C   1 
ATOM   449  O  O   . GLY A 1 57  ? 3.253   18.434  6.234   1.00 12.77 ? 226 GLY A O   1 
ATOM   450  N  N   . SER A 1 58  ? 3.263   17.429  8.249   1.00 10.32 ? 227 SER A N   1 
ATOM   451  C  CA  . SER A 1 58  ? 3.998   16.234  7.763   1.00 10.38 ? 227 SER A CA  1 
ATOM   452  C  C   . SER A 1 58  ? 3.057   15.387  6.914   1.00 9.78  ? 227 SER A C   1 
ATOM   453  O  O   . SER A 1 58  ? 1.826   15.487  7.027   1.00 9.38  ? 227 SER A O   1 
ATOM   454  C  CB  . SER A 1 58  ? 4.602   15.489  8.867   1.00 10.56 ? 227 SER A CB  1 
ATOM   455  O  OG  . SER A 1 58  ? 3.665   14.837  9.673   1.00 11.49 ? 227 SER A OG  1 
ATOM   456  N  N   . GLY A 1 59  ? 3.677   14.548  6.102   1.00 9.87  ? 228 GLY A N   1 
ATOM   457  C  CA  . GLY A 1 59  ? 2.932   13.615  5.265   1.00 9.46  ? 228 GLY A CA  1 
ATOM   458  C  C   . GLY A 1 59  ? 2.651   14.151  3.882   1.00 9.98  ? 228 GLY A C   1 
ATOM   459  O  O   . GLY A 1 59  ? 3.259   15.155  3.437   1.00 12.78 ? 228 GLY A O   1 
ATOM   460  N  N   . GLY A 1 60  ? 1.743   13.461  3.206   1.00 8.79  ? 229 GLY A N   1 
ATOM   461  C  CA  . GLY A 1 60  ? 1.495   13.689  1.783   1.00 8.81  ? 229 GLY A CA  1 
ATOM   462  C  C   . GLY A 1 60  ? 0.182   14.349  1.512   1.00 8.60  ? 229 GLY A C   1 
ATOM   463  O  O   . GLY A 1 60  ? -0.397  15.046  2.335   1.00 9.71  ? 229 GLY A O   1 
ATOM   464  N  N   . ASN A 1 61  ? -0.333  14.127  0.301   1.00 9.47  ? 230 ASN A N   1 
ATOM   465  C  CA  . ASN A 1 61  ? -1.549  14.797  -0.219  1.00 9.62  ? 230 ASN A CA  1 
ATOM   466  C  C   . ASN A 1 61  ? -2.778  13.920  -0.182  1.00 9.25  ? 230 ASN A C   1 
ATOM   467  O  O   . ASN A 1 61  ? -3.781  14.250  -0.849  1.00 9.31  ? 230 ASN A O   1 
ATOM   468  C  CB  . ASN A 1 61  ? -1.246  15.340  -1.597  1.00 10.03 ? 230 ASN A CB  1 
ATOM   469  C  CG  . ASN A 1 61  ? -0.207  16.434  -1.524  1.00 11.13 ? 230 ASN A CG  1 
ATOM   470  O  OD1 . ASN A 1 61  ? -0.303  17.328  -0.637  1.00 12.30 ? 230 ASN A OD1 1 
ATOM   471  N  ND2 . ASN A 1 61  ? 0.761   16.412  -2.406  1.00 12.97 ? 230 ASN A ND2 1 
ATOM   472  N  N   . ASN A 1 62  ? -2.790  12.883  0.677   1.00 7.96  ? 231 ASN A N   1 
ATOM   473  C  CA  . ASN A 1 62  ? -3.988  12.125  1.015   1.00 7.95  ? 231 ASN A CA  1 
ATOM   474  C  C   . ASN A 1 62  ? -4.509  11.285  -0.158  1.00 7.66  ? 231 ASN A C   1 
ATOM   475  O  O   . ASN A 1 62  ? -5.627  10.796  -0.103  1.00 8.23  ? 231 ASN A O   1 
ATOM   476  C  CB  . ASN A 1 62  ? -5.147  13.013  1.482   1.00 8.32  ? 231 ASN A CB  1 
ATOM   477  C  CG  . ASN A 1 62  ? -4.806  13.829  2.688   1.00 8.13  ? 231 ASN A CG  1 
ATOM   478  O  OD1 . ASN A 1 62  ? -4.340  13.324  3.697   1.00 9.19  ? 231 ASN A OD1 1 
ATOM   479  N  ND2 . ASN A 1 62  ? -5.042  15.134  2.597   1.00 10.38 ? 231 ASN A ND2 1 
ATOM   480  N  N   . HIS A 1 63  ? -3.681  11.019  -1.166  1.00 7.87  ? 232 HIS A N   1 
ATOM   481  C  CA  . HIS A 1 63  ? -4.225  10.329  -2.344  1.00 7.16  ? 232 HIS A CA  1 
ATOM   482  C  C   . HIS A 1 63  ? -4.557  8.856   -2.030  1.00 7.45  ? 232 HIS A C   1 
ATOM   483  O  O   . HIS A 1 63  ? -5.557  8.358   -2.494  1.00 8.30  ? 232 HIS A O   1 
ATOM   484  C  CB  . HIS A 1 63  ? -3.389  10.621  -3.585  1.00 7.96  ? 232 HIS A CB  1 
ATOM   485  C  CG  . HIS A 1 63  ? -3.530  12.057  -3.986  1.00 8.36  ? 232 HIS A CG  1 
ATOM   486  N  ND1 . HIS A 1 63  ? -2.447  12.780  -4.298  1.00 10.10 ? 232 HIS A ND1 1 
ATOM   487  C  CD2 . HIS A 1 63  ? -4.664  12.798  -4.174  1.00 9.26  ? 232 HIS A CD2 1 
ATOM   488  C  CE1 . HIS A 1 63  ? -2.921  14.001  -4.619  1.00 9.00  ? 232 HIS A CE1 1 
ATOM   489  N  NE2 . HIS A 1 63  ? -4.286  14.015  -4.618  1.00 10.16 ? 232 HIS A NE2 1 
ATOM   490  N  N   . ALA A 1 64  ? -3.771  8.176   -1.223  1.00 7.55  ? 233 ALA A N   1 
ATOM   491  C  CA  . ALA A 1 64  ? -4.052  6.783   -0.886  1.00 7.56  ? 233 ALA A CA  1 
ATOM   492  C  C   . ALA A 1 64  ? -5.290  6.631   -0.019  1.00 7.60  ? 233 ALA A C   1 
ATOM   493  O  O   . ALA A 1 64  ? -6.109  5.780   -0.285  1.00 7.92  ? 233 ALA A O   1 
ATOM   494  C  CB  . ALA A 1 64  ? -2.829  6.155   -0.258  1.00 7.79  ? 233 ALA A CB  1 
ATOM   495  N  N   . VAL A 1 65  ? -5.460  7.530   0.945   1.00 7.39  ? 234 VAL A N   1 
ATOM   496  C  CA  . VAL A 1 65  ? -6.657  7.440   1.820   1.00 8.46  ? 234 VAL A CA  1 
ATOM   497  C  C   . VAL A 1 65  ? -7.880  7.907   1.036   1.00 8.47  ? 234 VAL A C   1 
ATOM   498  O  O   . VAL A 1 65  ? -8.942  7.304   1.179   1.00 8.54  ? 234 VAL A O   1 
ATOM   499  C  CB  . VAL A 1 65  ? -6.498  8.162   3.161   1.00 8.88  ? 234 VAL A CB  1 
ATOM   500  C  CG1 . VAL A 1 65  ? -6.402  9.666   2.976   1.00 9.03  ? 234 VAL A CG1 1 
ATOM   501  C  CG2 . VAL A 1 65  ? -7.664  7.827   4.092   1.00 9.70  ? 234 VAL A CG2 1 
ATOM   502  N  N   . GLU A 1 66  ? -7.732  8.912   0.161   1.00 8.04  ? 235 GLU A N   1 
ATOM   503  C  CA  . GLU A 1 66  ? -8.855  9.275   -0.748  1.00 8.49  ? 235 GLU A CA  1 
ATOM   504  C  C   . GLU A 1 66  ? -9.302  8.047   -1.537  1.00 8.57  ? 235 GLU A C   1 
ATOM   505  O  O   . GLU A 1 66  ? -10.498 7.795   -1.761  1.00 9.13  ? 235 GLU A O   1 
ATOM   506  C  CB  . GLU A 1 66  ? -8.397  10.376  -1.683  1.00 9.69  ? 235 GLU A CB  1 
ATOM   507  C  CG  . GLU A 1 66  ? -9.421  10.808  -2.695  1.00 11.60 ? 235 GLU A CG  1 
ATOM   508  C  CD  . GLU A 1 66  ? -8.883  11.833  -3.660  1.00 14.86 ? 235 GLU A CD  1 
ATOM   509  O  OE1 . GLU A 1 66  ? -7.870  11.541  -4.364  1.00 15.64 ? 235 GLU A OE1 1 
ATOM   510  O  OE2 . GLU A 1 66  ? -9.562  12.920  -3.807  1.00 17.79 ? 235 GLU A OE2 1 
ATOM   511  N  N   . HIS A 1 67  ? -8.327  7.281   -2.015  1.00 8.27  ? 236 HIS A N   1 
ATOM   512  C  CA  . HIS A 1 67  ? -8.609  6.107   -2.866  1.00 8.46  ? 236 HIS A CA  1 
ATOM   513  C  C   . HIS A 1 67  ? -9.318  5.017   -2.070  1.00 8.46  ? 236 HIS A C   1 
ATOM   514  O  O   . HIS A 1 67  ? -10.278 4.419   -2.519  1.00 8.91  ? 236 HIS A O   1 
ATOM   515  C  CB  . HIS A 1 67  ? -7.310  5.611   -3.489  1.00 9.12  ? 236 HIS A CB  1 
ATOM   516  C  CG  . HIS A 1 67  ? -7.483  4.545   -4.511  1.00 9.22  ? 236 HIS A CG  1 
ATOM   517  N  ND1 . HIS A 1 67  ? -8.165  4.771   -5.717  1.00 11.63 ? 236 HIS A ND1 1 
ATOM   518  C  CD2 . HIS A 1 67  ? -7.129  3.245   -4.519  1.00 9.53  ? 236 HIS A CD2 1 
ATOM   519  C  CE1 . HIS A 1 67  ? -8.136  3.607   -6.414  1.00 10.06 ? 236 HIS A CE1 1 
ATOM   520  N  NE2 . HIS A 1 67  ? -7.528  2.682   -5.732  1.00 8.80  ? 236 HIS A NE2 1 
ATOM   521  N  N   . TYR A 1 68  ? -8.900  4.817   -0.838  1.00 8.98  ? 237 TYR A N   1 
ATOM   522  C  CA  . TYR A 1 68  ? -9.620  3.898   0.069   1.00 9.16  ? 237 TYR A CA  1 
ATOM   523  C  C   . TYR A 1 68  ? -11.070 4.379   0.255   1.00 9.40  ? 237 TYR A C   1 
ATOM   524  O  O   . TYR A 1 68  ? -12.012 3.612   0.158   1.00 9.97  ? 237 TYR A O   1 
ATOM   525  C  CB  . TYR A 1 68  ? -8.986  3.827   1.446   1.00 9.07  ? 237 TYR A CB  1 
ATOM   526  C  CG  . TYR A 1 68  ? -9.946  3.285   2.492   1.00 9.66  ? 237 TYR A CG  1 
ATOM   527  C  CD1 . TYR A 1 68  ? -10.313 1.942   2.498   1.00 10.29 ? 237 TYR A CD1 1 
ATOM   528  C  CD2 . TYR A 1 68  ? -10.522 4.129   3.414   1.00 9.88  ? 237 TYR A CD2 1 
ATOM   529  C  CE1 . TYR A 1 68  ? -11.204 1.467   3.442   1.00 11.04 ? 237 TYR A CE1 1 
ATOM   530  C  CE2 . TYR A 1 68  ? -11.397 3.649   4.362   1.00 11.12 ? 237 TYR A CE2 1 
ATOM   531  C  CZ  . TYR A 1 68  ? -11.717 2.319   4.389   1.00 10.96 ? 237 TYR A CZ  1 
ATOM   532  O  OH  . TYR A 1 68  ? -12.632 1.786   5.288   1.00 13.32 ? 237 TYR A OH  1 
ATOM   533  N  N   . ARG A 1 69  ? -11.246 5.660   0.468   1.00 9.89  ? 238 ARG A N   1 
ATOM   534  C  CA  . ARG A 1 69  ? -12.624 6.173   0.696   1.00 10.59 ? 238 ARG A CA  1 
ATOM   535  C  C   . ARG A 1 69  ? -13.467 5.954   -0.564  1.00 11.99 ? 238 ARG A C   1 
ATOM   536  O  O   . ARG A 1 69  ? -14.694 5.777   -0.413  1.00 13.71 ? 238 ARG A O   1 
ATOM   537  C  CB  . ARG A 1 69  ? -12.566 7.651   1.083   1.00 10.51 ? 238 ARG A CB  1 
ATOM   538  C  CG  . ARG A 1 69  ? -11.982 7.860   2.459   1.00 9.71  ? 238 ARG A CG  1 
ATOM   539  C  CD  . ARG A 1 69  ? -11.655 9.316   2.705   1.00 10.46 ? 238 ARG A CD  1 
ATOM   540  N  NE  . ARG A 1 69  ? -11.115 9.508   4.032   1.00 10.32 ? 238 ARG A NE  1 
ATOM   541  C  CZ  . ARG A 1 69  ? -10.180 10.394  4.382   1.00 10.38 ? 238 ARG A CZ  1 
ATOM   542  N  NH1 . ARG A 1 69  ? -9.741  11.257  3.478   1.00 11.91 ? 238 ARG A NH1 1 
ATOM   543  N  NH2 . ARG A 1 69  ? -9.730  10.468  5.627   1.00 11.21 ? 238 ARG A NH2 1 
ATOM   544  N  N   . GLU A 1 70  ? -12.903 6.004   -1.759  1.00 10.90 ? 239 GLU A N   1 
ATOM   545  C  CA  . GLU A 1 70  ? -13.672 5.781   -2.998  1.00 11.82 ? 239 GLU A CA  1 
ATOM   546  C  C   . GLU A 1 70  ? -13.930 4.298   -3.252  1.00 12.31 ? 239 GLU A C   1 
ATOM   547  O  O   . GLU A 1 70  ? -14.875 4.011   -4.020  1.00 15.94 ? 239 GLU A O   1 
ATOM   548  C  CB  . GLU A 1 70  ? -12.886 6.368   -4.171  1.00 12.82 ? 239 GLU A CB  1 
ATOM   549  C  CG  . GLU A 1 70  ? -12.765 7.889   -4.170  1.00 15.90 ? 239 GLU A CG  1 
ATOM   550  C  CD  . GLU A 1 70  ? -11.830 8.487   -5.207  1.00 22.22 ? 239 GLU A CD  1 
ATOM   551  O  OE1 . GLU A 1 70  ? -11.126 7.729   -5.909  1.00 28.04 ? 239 GLU A OE1 1 
ATOM   552  O  OE2 . GLU A 1 70  ? -11.756 9.747   -5.243  1.00 25.26 ? 239 GLU A OE2 1 
ATOM   553  N  N   . THR A 1 71  ? -13.094 3.394   -2.804  1.00 10.98 ? 240 THR A N   1 
ATOM   554  C  CA  . THR A 1 71  ? -13.105 1.989   -3.283  1.00 10.54 ? 240 THR A CA  1 
ATOM   555  C  C   . THR A 1 71  ? -13.409 0.985   -2.170  1.00 10.17 ? 240 THR A C   1 
ATOM   556  O  O   . THR A 1 71  ? -13.910 -0.109  -2.477  1.00 11.70 ? 240 THR A O   1 
ATOM   557  C  CB  . THR A 1 71  ? -11.747 1.570   -3.851  1.00 10.86 ? 240 THR A CB  1 
ATOM   558  O  OG1 . THR A 1 71  ? -10.725 1.684   -2.850  1.00 10.28 ? 240 THR A OG1 1 
ATOM   559  C  CG2 . THR A 1 71  ? -11.365 2.353   -5.075  1.00 12.11 ? 240 THR A CG2 1 
ATOM   560  N  N   . GLY A 1 72  ? -13.073 1.281   -0.919  1.00 9.57  ? 241 GLY A N   1 
ATOM   561  C  CA  . GLY A 1 72  ? -13.115 0.328   0.190   1.00 10.10 ? 241 GLY A CA  1 
ATOM   562  C  C   . GLY A 1 72  ? -11.949 -0.639  0.217   1.00 10.24 ? 241 GLY A C   1 
ATOM   563  O  O   . GLY A 1 72  ? -11.949 -1.507  1.057   1.00 13.06 ? 241 GLY A O   1 
ATOM   564  N  N   . TYR A 1 73  ? -10.954 -0.446  -0.638  1.00 10.53 ? 242 TYR A N   1 
ATOM   565  C  CA  . TYR A 1 73  ? -9.830  -1.400  -0.703  1.00 9.37  ? 242 TYR A CA  1 
ATOM   566  C  C   . TYR A 1 73  ? -8.903  -1.203  0.499   1.00 9.26  ? 242 TYR A C   1 
ATOM   567  O  O   . TYR A 1 73  ? -8.366  -0.124  0.653   1.00 9.06  ? 242 TYR A O   1 
ATOM   568  C  CB  . TYR A 1 73  ? -9.068  -1.170  -1.995  1.00 10.02 ? 242 TYR A CB  1 
ATOM   569  C  CG  . TYR A 1 73  ? -9.799  -1.433  -3.304  1.00 10.03 ? 242 TYR A CG  1 
ATOM   570  C  CD1 . TYR A 1 73  ? -10.997 -2.088  -3.326  1.00 10.08 ? 242 TYR A CD1 1 
ATOM   571  C  CD2 . TYR A 1 73  ? -9.288  -0.939  -4.482  1.00 9.80  ? 242 TYR A CD2 1 
ATOM   572  C  CE1 . TYR A 1 73  ? -11.664 -2.329  -4.531  1.00 11.29 ? 242 TYR A CE1 1 
ATOM   573  C  CE2 . TYR A 1 73  ? -9.932  -1.163  -5.702  1.00 11.32 ? 242 TYR A CE2 1 
ATOM   574  C  CZ  . TYR A 1 73  ? -11.120 -1.867  -5.702  1.00 12.59 ? 242 TYR A CZ  1 
ATOM   575  O  OH  . TYR A 1 73  ? -11.776 -2.103  -6.907  1.00 15.66 ? 242 TYR A OH  1 
ATOM   576  N  N   . PRO A 1 74  ? -8.859  -2.158  1.462   1.00 9.66  ? 243 PRO A N   1 
ATOM   577  C  CA  . PRO A 1 74  ? -8.464  -1.787  2.817   1.00 9.03  ? 243 PRO A CA  1 
ATOM   578  C  C   . PRO A 1 74  ? -6.982  -1.706  3.161   1.00 8.57  ? 243 PRO A C   1 
ATOM   579  O  O   . PRO A 1 74  ? -6.667  -1.078  4.169   1.00 9.12  ? 243 PRO A O   1 
ATOM   580  C  CB  . PRO A 1 74  ? -9.143  -2.887  3.631   1.00 10.60 ? 243 PRO A CB  1 
ATOM   581  C  CG  . PRO A 1 74  ? -9.136  -4.058  2.741   1.00 10.19 ? 243 PRO A CG  1 
ATOM   582  C  CD  . PRO A 1 74  ? -9.449  -3.502  1.373   1.00 10.43 ? 243 PRO A CD  1 
ATOM   583  N  N   . LEU A 1 75  ? -6.132  -2.440  2.480   1.00 8.04  ? 244 LEU A N   1 
ATOM   584  C  CA  . LEU A 1 75  ? -4.709  -2.563  2.848   1.00 8.16  ? 244 LEU A CA  1 
ATOM   585  C  C   . LEU A 1 75  ? -3.819  -1.844  1.844   1.00 8.01  ? 244 LEU A C   1 
ATOM   586  O  O   . LEU A 1 75  ? -3.998  -1.994  0.640   1.00 8.40  ? 244 LEU A O   1 
ATOM   587  C  CB  . LEU A 1 75  ? -4.251  -4.014  2.922   1.00 8.87  ? 244 LEU A CB  1 
ATOM   588  C  CG  . LEU A 1 75  ? -4.975  -4.927  3.920   1.00 9.50  ? 244 LEU A CG  1 
ATOM   589  C  CD1 . LEU A 1 75  ? -4.314  -6.284  3.932   1.00 10.46 ? 244 LEU A CD1 1 
ATOM   590  C  CD2 . LEU A 1 75  ? -5.039  -4.317  5.293   1.00 10.34 ? 244 LEU A CD2 1 
ATOM   591  N  N   . ALA A 1 76  ? -2.823  -1.166  2.398   1.00 8.14  ? 245 ALA A N   1 
ATOM   592  C  CA  . ALA A 1 76  ? -1.756  -0.594  1.578   1.00 7.23  ? 245 ALA A CA  1 
ATOM   593  C  C   . ALA A 1 76  ? -0.417  -0.802  2.262   1.00 7.90  ? 245 ALA A C   1 
ATOM   594  O  O   . ALA A 1 76  ? -0.283  -0.690  3.469   1.00 8.72  ? 245 ALA A O   1 
ATOM   595  C  CB  . ALA A 1 76  ? -2.030  0.839   1.224   1.00 7.99  ? 245 ALA A CB  1 
ATOM   596  N  N   . VAL A 1 77  ? 0.597   -0.984  1.430   1.00 7.67  ? 246 VAL A N   1 
ATOM   597  C  CA  . VAL A 1 77  ? 1.976   -1.154  1.870   1.00 8.86  ? 246 VAL A CA  1 
ATOM   598  C  C   . VAL A 1 77  ? 2.813   0.046   1.478   1.00 8.46  ? 246 VAL A C   1 
ATOM   599  O  O   . VAL A 1 77  ? 2.727   0.564   0.373   1.00 8.92  ? 246 VAL A O   1 
ATOM   600  C  CB  . VAL A 1 77  ? 2.569   -2.470  1.348   1.00 10.20 ? 246 VAL A CB  1 
ATOM   601  C  CG1 . VAL A 1 77  ? 2.601   -2.610  -0.124  1.00 12.91 ? 246 VAL A CG1 1 
ATOM   602  C  CG2 . VAL A 1 77  ? 3.966   -2.682  1.928   1.00 12.10 ? 246 VAL A CG2 1 
ATOM   603  N  N   . LYS A 1 78  ? 3.653   0.505   2.402   1.00 8.31  ? 247 LYS A N   1 
ATOM   604  C  CA  . LYS A 1 78  ? 4.485   1.698   2.144   1.00 8.98  ? 247 LYS A CA  1 
ATOM   605  C  C   . LYS A 1 78  ? 5.685   1.263   1.296   1.00 9.70  ? 247 LYS A C   1 
ATOM   606  O  O   . LYS A 1 78  ? 6.529   0.446   1.729   1.00 9.47  ? 247 LYS A O   1 
ATOM   607  C  CB  . LYS A 1 78  ? 4.934   2.393   3.409   1.00 9.55  ? 247 LYS A CB  1 
ATOM   608  C  CG  . LYS A 1 78  ? 5.624   3.706   3.137   1.00 10.40 ? 247 LYS A CG  1 
ATOM   609  C  CD  . LYS A 1 78  ? 5.994   4.388   4.440   1.00 10.65 ? 247 LYS A CD  1 
ATOM   610  C  CE  . LYS A 1 78  ? 6.606   5.722   4.166   1.00 13.24 ? 247 LYS A CE  1 
ATOM   611  N  NZ  . LYS A 1 78  ? 7.063   6.407   5.391   1.00 15.99 ? 247 LYS A NZ  1 
ATOM   612  N  N   . LEU A 1 79  ? 5.759   1.768   0.071   1.00 8.79  ? 248 LEU A N   1 
ATOM   613  C  CA  . LEU A 1 79  ? 6.892   1.412   -0.821  1.00 10.22 ? 248 LEU A CA  1 
ATOM   614  C  C   . LEU A 1 79  ? 8.165   1.942   -0.169  1.00 10.79 ? 248 LEU A C   1 
ATOM   615  O  O   . LEU A 1 79  ? 8.188   3.027   0.430   1.00 11.35 ? 248 LEU A O   1 
ATOM   616  C  CB  . LEU A 1 79  ? 6.647   1.969   -2.229  1.00 10.02 ? 248 LEU A CB  1 
ATOM   617  C  CG  . LEU A 1 79  ? 5.505   1.286   -2.964  1.00 10.53 ? 248 LEU A CG  1 
ATOM   618  C  CD1 . LEU A 1 79  ? 5.098   2.122   -4.187  1.00 10.35 ? 248 LEU A CD1 1 
ATOM   619  C  CD2 . LEU A 1 79  ? 5.852   -0.116  -3.434  1.00 11.47 ? 248 LEU A CD2 1 
ATOM   620  N  N   . GLY A 1 80  ? 9.234   1.164   -0.343  1.00 12.85 ? 249 GLY A N   1 
ATOM   621  C  CA  . GLY A 1 80  ? 10.508  1.495   0.308   1.00 13.57 ? 249 GLY A CA  1 
ATOM   622  C  C   . GLY A 1 80  ? 10.642  0.881   1.656   1.00 15.07 ? 249 GLY A C   1 
ATOM   623  O  O   . GLY A 1 80  ? 11.716  0.995   2.231   1.00 15.32 ? 249 GLY A O   1 
ATOM   624  N  N   . THR A 1 81  ? 9.607   0.214   2.184   1.00 12.18 ? 250 THR A N   1 
ATOM   625  C  CA  . THR A 1 81  ? 9.710   -0.472  3.485   1.00 11.30 ? 250 THR A CA  1 
ATOM   626  C  C   . THR A 1 81  ? 9.717   -1.978  3.345   1.00 12.26 ? 250 THR A C   1 
ATOM   627  O  O   . THR A 1 81  ? 9.741   -2.679  4.398   1.00 13.30 ? 250 THR A O   1 
ATOM   628  C  CB  . THR A 1 81  ? 8.608   -0.024  4.437   1.00 10.66 ? 250 THR A CB  1 
ATOM   629  O  OG1 . THR A 1 81  ? 7.334   -0.604  4.093   1.00 11.17 ? 250 THR A OG1 1 
ATOM   630  C  CG2 . THR A 1 81  ? 8.485   1.483   4.543   1.00 11.19 ? 250 THR A CG2 1 
ATOM   631  N  N   . ILE A 1 82  ? 9.610   -2.484  2.131   1.00 13.01 ? 251 ILE A N   1 
ATOM   632  C  CA  . ILE A 1 82  ? 9.498   -3.948  1.901   1.00 13.41 ? 251 ILE A CA  1 
ATOM   633  C  C   . ILE A 1 82  ? 10.906  -4.560  2.049   1.00 15.13 ? 251 ILE A C   1 
ATOM   634  O  O   . ILE A 1 82  ? 11.809  -4.067  1.368   1.00 17.48 ? 251 ILE A O   1 
ATOM   635  C  CB  . ILE A 1 82  ? 8.856   -4.242  0.544   1.00 14.31 ? 251 ILE A CB  1 
ATOM   636  C  CG1 . ILE A 1 82  ? 7.429   -3.671  0.462   1.00 13.24 ? 251 ILE A CG1 1 
ATOM   637  C  CG2 . ILE A 1 82  ? 8.821   -5.724  0.346   1.00 16.70 ? 251 ILE A CG2 1 
ATOM   638  C  CD1 . ILE A 1 82  ? 6.926   -3.553  -0.930  1.00 12.81 ? 251 ILE A CD1 1 
ATOM   639  N  N   . THR A 1 83  ? 10.986  -5.561  2.902   1.00 17.26 ? 252 THR A N   1 
ATOM   640  C  CA  . THR A 1 83  ? 12.173  -6.457  3.047   1.00 19.19 ? 252 THR A CA  1 
ATOM   641  C  C   . THR A 1 83  ? 11.719  -7.915  3.026   1.00 18.70 ? 252 THR A C   1 
ATOM   642  O  O   . THR A 1 83  ? 10.532  -8.258  3.073   1.00 18.44 ? 252 THR A O   1 
ATOM   643  C  CB  . THR A 1 83  ? 12.876  -6.162  4.384   1.00 18.15 ? 252 THR A CB  1 
ATOM   644  O  OG1 . THR A 1 83  ? 12.202  -6.840  5.436   1.00 21.38 ? 252 THR A OG1 1 
ATOM   645  C  CG2 . THR A 1 83  ? 13.010  -4.692  4.714   1.00 21.58 ? 252 THR A CG2 1 
ATOM   646  N  N   . PRO A 1 84  ? 12.660  -8.908  3.049   1.00 20.03 ? 253 PRO A N   1 
ATOM   647  C  CA  . PRO A 1 84  ? 12.237  -10.292 3.214   1.00 21.12 ? 253 PRO A CA  1 
ATOM   648  C  C   . PRO A 1 84  ? 11.445  -10.620 4.477   1.00 21.62 ? 253 PRO A C   1 
ATOM   649  O  O   . PRO A 1 84  ? 10.730  -11.604 4.477   1.00 26.78 ? 253 PRO A O   1 
ATOM   650  C  CB  . PRO A 1 84  ? 13.587  -11.065 3.213   1.00 22.62 ? 253 PRO A CB  1 
ATOM   651  C  CG  . PRO A 1 84  ? 14.513  -10.152 2.467   1.00 22.55 ? 253 PRO A CG  1 
ATOM   652  C  CD  . PRO A 1 84  ? 14.103  -8.738  2.834   1.00 23.99 ? 253 PRO A CD  1 
ATOM   653  N  N   . ASP A 1 85  ? 11.530  -9.774  5.503   1.00 25.17 ? 254 ASP A N   1 
ATOM   654  C  CA  . ASP A 1 85  ? 10.922  -10.051 6.828   1.00 27.40 ? 254 ASP A CA  1 
ATOM   655  C  C   . ASP A 1 85  ? 9.574   -9.354  6.948   1.00 24.20 ? 254 ASP A C   1 
ATOM   656  O  O   . ASP A 1 85  ? 8.808   -9.715  7.852   1.00 24.46 ? 254 ASP A O   1 
ATOM   657  C  CB  . ASP A 1 85  ? 11.867  -9.595  7.933   1.00 30.29 ? 254 ASP A CB  1 
ATOM   658  C  CG  . ASP A 1 85  ? 13.130  -10.429 7.906   1.00 37.36 ? 254 ASP A CG  1 
ATOM   659  O  OD1 . ASP A 1 85  ? 12.992  -11.657 7.673   1.00 39.08 ? 254 ASP A OD1 1 
ATOM   660  O  OD2 . ASP A 1 85  ? 14.220  -9.841  8.005   1.00 40.95 ? 254 ASP A OD2 1 
ATOM   661  N  N   . GLY A 1 86  ? 9.249   -8.432  6.036   1.00 19.94 ? 255 GLY A N   1 
ATOM   662  C  CA  . GLY A 1 86  ? 7.972   -7.721  6.194   1.00 18.59 ? 255 GLY A CA  1 
ATOM   663  C  C   . GLY A 1 86  ? 7.975   -6.354  5.542   1.00 15.48 ? 255 GLY A C   1 
ATOM   664  O  O   . GLY A 1 86  ? 8.760   -6.083  4.684   1.00 15.69 ? 255 GLY A O   1 
ATOM   665  N  N   . ALA A 1 87  ? 7.051   -5.511  5.978   1.00 15.06 ? 256 ALA A N   1 
ATOM   666  C  CA  . ALA A 1 87  ? 6.880   -4.156  5.402   1.00 12.74 ? 256 ALA A CA  1 
ATOM   667  C  C   . ALA A 1 87  ? 6.001   -3.373  6.350   1.00 11.76 ? 256 ALA A C   1 
ATOM   668  O  O   . ALA A 1 87  ? 5.333   -3.967  7.224   1.00 13.35 ? 256 ALA A O   1 
ATOM   669  C  CB  . ALA A 1 87  ? 6.242   -4.195  4.037   1.00 12.37 ? 256 ALA A CB  1 
ATOM   670  N  N   . ASP A 1 88  ? 5.869   -2.072  6.088   1.00 10.47 ? 257 ASP A N   1 
ATOM   671  C  CA  . ASP A 1 88  ? 4.858   -1.285  6.804   1.00 10.40 ? 257 ASP A CA  1 
ATOM   672  C  C   . ASP A 1 88  ? 3.558   -1.384  6.034   1.00 8.56  ? 257 ASP A C   1 
ATOM   673  O  O   . ASP A 1 88  ? 3.462   -0.906  4.889   1.00 9.75  ? 257 ASP A O   1 
ATOM   674  C  CB  . ASP A 1 88  ? 5.327   0.165   6.911   1.00 10.41 ? 257 ASP A CB  1 
ATOM   675  C  CG  . ASP A 1 88  ? 6.419   0.375   7.953   1.00 14.66 ? 257 ASP A CG  1 
ATOM   676  O  OD1 . ASP A 1 88  ? 6.484   -0.391  8.924   1.00 16.53 ? 257 ASP A OD1 1 
ATOM   677  O  OD2 . ASP A 1 88  ? 7.191   1.340   7.769   1.00 20.08 ? 257 ASP A OD2 1 
ATOM   678  N  N   . VAL A 1 89  ? 2.560   -1.996  6.642   1.00 8.41  ? 258 VAL A N   1 
ATOM   679  C  CA  . VAL A 1 89  ? 1.223   -2.212  6.048   1.00 8.58  ? 258 VAL A CA  1 
ATOM   680  C  C   . VAL A 1 89  ? 0.206   -1.485  6.907   1.00 9.09  ? 258 VAL A C   1 
ATOM   681  O  O   . VAL A 1 89  ? 0.201   -1.667  8.173   1.00 7.97  ? 258 VAL A O   1 
ATOM   682  C  CB  . VAL A 1 89  ? 0.864   -3.713  5.932   1.00 9.05  ? 258 VAL A CB  1 
ATOM   683  C  CG1 . VAL A 1 89  ? -0.473  -3.890  5.251   1.00 9.31  ? 258 VAL A CG1 1 
ATOM   684  C  CG2 . VAL A 1 89  ? 1.973   -4.442  5.209   1.00 10.36 ? 258 VAL A CG2 1 
ATOM   685  N  N   . TYR A 1 90  ? -0.644  -0.649  6.281   1.00 8.67  ? 259 TYR A N   1 
ATOM   686  C  CA  . TYR A 1 90  ? -1.712  0.038   7.027   1.00 8.81  ? 259 TYR A CA  1 
ATOM   687  C  C   . TYR A 1 90  ? -3.048  -0.531  6.563   1.00 9.04  ? 259 TYR A C   1 
ATOM   688  O  O   . TYR A 1 90  ? -3.234  -0.829  5.355   1.00 9.00  ? 259 TYR A O   1 
ATOM   689  C  CB  . TYR A 1 90  ? -1.668  1.554   6.784   1.00 8.68  ? 259 TYR A CB  1 
ATOM   690  C  CG  . TYR A 1 90  ? -2.719  2.335   7.537   1.00 8.31  ? 259 TYR A CG  1 
ATOM   691  C  CD1 . TYR A 1 90  ? -2.575  2.528   8.898   1.00 8.69  ? 259 TYR A CD1 1 
ATOM   692  C  CD2 . TYR A 1 90  ? -3.882  2.805   6.904   1.00 8.91  ? 259 TYR A CD2 1 
ATOM   693  C  CE1 . TYR A 1 90  ? -3.531  3.236   9.602   1.00 9.05  ? 259 TYR A CE1 1 
ATOM   694  C  CE2 . TYR A 1 90  ? -4.802  3.553   7.598   1.00 9.32  ? 259 TYR A CE2 1 
ATOM   695  C  CZ  . TYR A 1 90  ? -4.662  3.704   8.957   1.00 9.71  ? 259 TYR A CZ  1 
ATOM   696  O  OH  . TYR A 1 90  ? -5.600  4.434   9.670   1.00 11.80 ? 259 TYR A OH  1 
ATOM   697  N  N   . SER A 1 91  ? -3.985  -0.672  7.493   1.00 8.32  ? 260 SER A N   1 
ATOM   698  C  CA  . SER A 1 91  ? -5.376  -1.019  7.195   1.00 9.21  ? 260 SER A CA  1 
ATOM   699  C  C   . SER A 1 91  ? -6.276  0.189   7.422   1.00 10.09 ? 260 SER A C   1 
ATOM   700  O  O   . SER A 1 91  ? -6.447  0.587   8.581   1.00 10.01 ? 260 SER A O   1 
ATOM   701  C  CB  . SER A 1 91  ? -5.852  -2.174  8.073   1.00 9.73  ? 260 SER A CB  1 
ATOM   702  O  OG  . SER A 1 91  ? -7.212  -2.380  7.790   1.00 9.71  ? 260 SER A OG  1 
ATOM   703  N  N   . TYR A 1 92  ? -6.827  0.745   6.359   1.00 10.49 ? 261 TYR A N   1 
ATOM   704  C  CA  . TYR A 1 92  ? -7.737  1.895   6.450   1.00 9.99  ? 261 TYR A CA  1 
ATOM   705  C  C   . TYR A 1 92  ? -9.025  1.472   7.153   1.00 12.26 ? 261 TYR A C   1 
ATOM   706  O  O   . TYR A 1 92  ? -9.604  2.317   7.843   1.00 12.90 ? 261 TYR A O   1 
ATOM   707  C  CB  . TYR A 1 92  ? -8.057  2.411   5.055   1.00 9.60  ? 261 TYR A CB  1 
ATOM   708  C  CG  . TYR A 1 92  ? -6.852  2.959   4.335   1.00 8.36  ? 261 TYR A CG  1 
ATOM   709  C  CD1 . TYR A 1 92  ? -6.365  4.207   4.605   1.00 7.85  ? 261 TYR A CD1 1 
ATOM   710  C  CD2 . TYR A 1 92  ? -6.201  2.243   3.354   1.00 8.72  ? 261 TYR A CD2 1 
ATOM   711  C  CE1 . TYR A 1 92  ? -5.247  4.736   3.981   1.00 8.41  ? 261 TYR A CE1 1 
ATOM   712  C  CE2 . TYR A 1 92  ? -5.109  2.748   2.692   1.00 8.27  ? 261 TYR A CE2 1 
ATOM   713  C  CZ  . TYR A 1 92  ? -4.608  3.997   3.022   1.00 8.27  ? 261 TYR A CZ  1 
ATOM   714  O  OH  . TYR A 1 92  ? -3.494  4.431   2.366   1.00 9.38  ? 261 TYR A OH  1 
ATOM   715  N  N   . ASP A 1 93  ? -9.451  0.235   6.952   1.00 12.42 ? 262 ASP A N   1 
ATOM   716  C  CA  . ASP A 1 93  ? -10.699 -0.359  7.506   1.00 15.78 ? 262 ASP A CA  1 
ATOM   717  C  C   . ASP A 1 93  ? -10.527 -0.497  9.014   1.00 14.68 ? 262 ASP A C   1 
ATOM   718  O  O   . ASP A 1 93  ? -11.475 -0.272  9.806   1.00 17.08 ? 262 ASP A O   1 
ATOM   719  C  CB  . ASP A 1 93  ? -10.864 -1.788  6.926   1.00 19.17 ? 262 ASP A CB  1 
ATOM   720  C  CG  . ASP A 1 93  ? -12.192 -2.390  7.266   1.00 22.83 ? 262 ASP A CG  1 
ATOM   721  O  OD1 . ASP A 1 93  ? -13.227 -1.621  7.374   1.00 23.26 ? 262 ASP A OD1 1 
ATOM   722  O  OD2 . ASP A 1 93  ? -12.169 -3.550  7.571   1.00 26.28 ? 262 ASP A OD2 1 
ATOM   723  N  N   . GLU A 1 94  ? -9.348  -0.875  9.466   1.00 11.43 ? 263 GLU A N   1 
ATOM   724  C  CA  . GLU A 1 94  ? -9.083  -1.238  10.884  1.00 11.19 ? 263 GLU A CA  1 
ATOM   725  C  C   . GLU A 1 94  ? -8.455  -0.093  11.636  1.00 12.56 ? 263 GLU A C   1 
ATOM   726  O  O   . GLU A 1 94  ? -8.232  -0.196  12.860  1.00 14.10 ? 263 GLU A O   1 
ATOM   727  C  CB  . GLU A 1 94  ? -8.238  -2.497  10.943  1.00 11.64 ? 263 GLU A CB  1 
ATOM   728  C  CG  . GLU A 1 94  ? -8.974  -3.700  10.428  1.00 11.86 ? 263 GLU A CG  1 
ATOM   729  C  CD  . GLU A 1 94  ? -8.093  -4.871  10.040  1.00 12.60 ? 263 GLU A CD  1 
ATOM   730  O  OE1 . GLU A 1 94  ? -8.070  -5.887  10.792  1.00 14.34 ? 263 GLU A OE1 1 
ATOM   731  O  OE2 . GLU A 1 94  ? -7.378  -4.762  8.994   1.00 12.58 ? 263 GLU A OE2 1 
ATOM   732  N  N   . ASP A 1 95  ? -8.146  1.000   10.918  1.00 12.70 ? 264 ASP A N   1 
ATOM   733  C  CA  . ASP A 1 95  ? -7.528  2.183   11.526  1.00 13.82 ? 264 ASP A CA  1 
ATOM   734  C  C   . ASP A 1 95  ? -6.261  1.803   12.265  1.00 12.82 ? 264 ASP A C   1 
ATOM   735  O  O   . ASP A 1 95  ? -6.046  2.276   13.410  1.00 16.01 ? 264 ASP A O   1 
ATOM   736  C  CB  . ASP A 1 95  ? -8.540  2.884   12.433  1.00 15.42 ? 264 ASP A CB  1 
ATOM   737  C  CG  . ASP A 1 95  ? -8.024  4.211   12.940  1.00 22.65 ? 264 ASP A CG  1 
ATOM   738  O  OD1 . ASP A 1 95  ? -7.114  4.805   12.281  1.00 29.18 ? 264 ASP A OD1 1 
ATOM   739  O  OD2 . ASP A 1 95  ? -8.445  4.566   14.050  1.00 31.80 ? 264 ASP A OD2 1 
ATOM   740  N  N   . ASP A 1 96  ? -5.341  1.051   11.675  1.00 11.07 ? 265 ASP A N   1 
ATOM   741  C  CA  . ASP A 1 96  ? -4.097  0.696   12.375  1.00 12.77 ? 265 ASP A CA  1 
ATOM   742  C  C   . ASP A 1 96  ? -3.062  0.146   11.392  1.00 10.74 ? 265 ASP A C   1 
ATOM   743  O  O   . ASP A 1 96  ? -3.427  -0.392  10.332  1.00 10.07 ? 265 ASP A O   1 
ATOM   744  C  CB  . ASP A 1 96  ? -4.343  -0.421  13.400  1.00 17.19 ? 265 ASP A CB  1 
ATOM   745  C  CG  . ASP A 1 96  ? -4.568  -0.048  14.851  1.00 25.11 ? 265 ASP A CG  1 
ATOM   746  O  OD1 . ASP A 1 96  ? -3.794  0.712   15.354  1.00 30.85 ? 265 ASP A OD1 1 
ATOM   747  O  OD2 . ASP A 1 96  ? -5.520  -0.622  15.462  1.00 32.79 ? 265 ASP A OD2 1 
ATOM   748  N  N   . MET A 1 97  ? -1.803  0.298   11.745  1.00 11.07 ? 266 MET A N   1 
ATOM   749  C  CA  . MET A 1 97  ? -0.723  -0.497  11.160  1.00 10.01 ? 266 MET A CA  1 
ATOM   750  C  C   . MET A 1 97  ? -1.029  -1.957  11.526  1.00 11.88 ? 266 MET A C   1 
ATOM   751  O  O   . MET A 1 97  ? -1.465  -2.230  12.666  1.00 13.79 ? 266 MET A O   1 
ATOM   752  C  CB  . MET A 1 97  ? 0.645   -0.106  11.676  1.00 11.79 ? 266 MET A CB  1 
ATOM   753  C  CG  . MET A 1 97  ? 0.970   1.371   11.394  1.00 12.34 ? 266 MET A CG  1 
ATOM   754  S  SD  . MET A 1 97  ? 1.049   1.767   9.652   1.00 11.31 ? 266 MET A SD  1 
ATOM   755  C  CE  . MET A 1 97  ? 2.369   0.685   9.149   1.00 12.21 ? 266 MET A CE  1 
ATOM   756  N  N   . VAL A 1 98  ? -0.791  -2.865  10.590  1.00 10.33 ? 267 VAL A N   1 
ATOM   757  C  CA  . VAL A 1 98  ? -1.169  -4.286  10.728  1.00 10.60 ? 267 VAL A CA  1 
ATOM   758  C  C   . VAL A 1 98  ? -0.077  -5.177  10.174  1.00 10.20 ? 267 VAL A C   1 
ATOM   759  O  O   . VAL A 1 98  ? 0.788   -4.754  9.404   1.00 10.15 ? 267 VAL A O   1 
ATOM   760  C  CB  . VAL A 1 98  ? -2.493  -4.586  10.015  1.00 9.15  ? 267 VAL A CB  1 
ATOM   761  C  CG1 . VAL A 1 98  ? -3.663  -3.949  10.689  1.00 9.45  ? 267 VAL A CG1 1 
ATOM   762  C  CG2 . VAL A 1 98  ? -2.466  -4.253  8.525   1.00 9.23  ? 267 VAL A CG2 1 
ATOM   763  N  N   . LEU A 1 99  ? -0.112  -6.468  10.566  1.00 10.30 ? 268 LEU A N   1 
ATOM   764  C  CA  . LEU A 1 99  ? 0.695   -7.482  9.891   1.00 10.80 ? 268 LEU A CA  1 
ATOM   765  C  C   . LEU A 1 99  ? -0.175  -8.169  8.847   1.00 8.82  ? 268 LEU A C   1 
ATOM   766  O  O   . LEU A 1 99  ? -1.389  -8.360  9.020   1.00 9.32  ? 268 LEU A O   1 
ATOM   767  C  CB  . LEU A 1 99  ? 1.169   -8.554  10.881  1.00 12.37 ? 268 LEU A CB  1 
ATOM   768  C  CG  . LEU A 1 99  ? 2.040   -8.031  12.013  1.00 15.17 ? 268 LEU A CG  1 
ATOM   769  C  CD1 . LEU A 1 99  ? 2.453   -9.240  12.846  1.00 19.49 ? 268 LEU A CD1 1 
ATOM   770  C  CD2 . LEU A 1 99  ? 3.269   -7.288  11.516  1.00 16.86 ? 268 LEU A CD2 1 
ATOM   771  N  N   . ASP A 1 100 ? 0.491   -8.487  7.739   1.00 9.31  ? 269 ASP A N   1 
ATOM   772  C  CA  . ASP A 1 100 ? -0.113  -9.238  6.657   1.00 9.05  ? 269 ASP A CA  1 
ATOM   773  C  C   . ASP A 1 100 ? 0.686   -10.508 6.419   1.00 8.58  ? 269 ASP A C   1 
ATOM   774  O  O   . ASP A 1 100 ? 1.658   -10.489 5.681   1.00 10.18 ? 269 ASP A O   1 
ATOM   775  C  CB  . ASP A 1 100 ? -0.188  -8.410  5.372   1.00 8.87  ? 269 ASP A CB  1 
ATOM   776  C  CG  . ASP A 1 100 ? -0.796  -9.194  4.228   1.00 9.75  ? 269 ASP A CG  1 
ATOM   777  O  OD1 . ASP A 1 100 ? -1.286  -10.284 4.423   1.00 8.98  ? 269 ASP A OD1 1 
ATOM   778  O  OD2 . ASP A 1 100 ? -0.722  -8.661  3.056   1.00 9.07  ? 269 ASP A OD2 1 
ATOM   779  N  N   . PRO A 1 101 ? 0.348   -11.624 7.109   1.00 9.07  ? 270 PRO A N   1 
ATOM   780  C  CA  . PRO A 1 101 ? 1.116   -12.862 6.881   1.00 9.28  ? 270 PRO A CA  1 
ATOM   781  C  C   . PRO A 1 101 ? 1.080   -13.419 5.472   1.00 10.71 ? 270 PRO A C   1 
ATOM   782  O  O   . PRO A 1 101 ? 1.943   -14.227 5.166   1.00 10.91 ? 270 PRO A O   1 
ATOM   783  C  CB  . PRO A 1 101 ? 0.492   -13.834 7.891   1.00 10.31 ? 270 PRO A CB  1 
ATOM   784  C  CG  . PRO A 1 101 ? -0.007  -12.885 9.006   1.00 9.72  ? 270 PRO A CG  1 
ATOM   785  C  CD  . PRO A 1 101 ? -0.563  -11.690 8.235   1.00 9.17  ? 270 PRO A CD  1 
ATOM   786  N  N   . SER A 1 102 ? 0.173   -12.937 4.642   1.00 9.88  ? 271 SER A N   1 
ATOM   787  C  CA  . SER A 1 102 ? 0.095   -13.285 3.205   1.00 10.01 ? 271 SER A CA  1 
ATOM   788  C  C   . SER A 1 102 ? 0.818   -12.227 2.345   1.00 8.96  ? 271 SER A C   1 
ATOM   789  O  O   . SER A 1 102 ? 0.606   -12.287 1.132   1.00 9.88  ? 271 SER A O   1 
ATOM   790  C  CB  . SER A 1 102 ? -1.310  -13.401 2.754   1.00 11.36 ? 271 SER A CB  1 
ATOM   791  O  OG  . SER A 1 102 ? -2.007  -14.375 3.532   1.00 15.83 ? 271 SER A OG  1 
ATOM   792  N  N   . LEU A 1 103 ? 1.666   -11.387 2.921   1.00 8.79  ? 272 LEU A N   1 
ATOM   793  C  CA  . LEU A 1 103 ? 2.226   -10.272 2.136   1.00 9.28  ? 272 LEU A CA  1 
ATOM   794  C  C   . LEU A 1 103 ? 3.033   -10.779 0.940   1.00 9.47  ? 272 LEU A C   1 
ATOM   795  O  O   . LEU A 1 103 ? 2.978   -10.164 -0.135  1.00 9.70  ? 272 LEU A O   1 
ATOM   796  C  CB  . LEU A 1 103 ? 3.106   -9.437  3.041   1.00 10.20 ? 272 LEU A CB  1 
ATOM   797  C  CG  . LEU A 1 103 ? 3.689   -8.208  2.354   1.00 10.99 ? 272 LEU A CG  1 
ATOM   798  C  CD1 . LEU A 1 103 ? 2.541   -7.286  1.898   1.00 12.17 ? 272 LEU A CD1 1 
ATOM   799  C  CD2 . LEU A 1 103 ? 4.633   -7.495  3.292   1.00 13.05 ? 272 LEU A CD2 1 
ATOM   800  N  N   . ALA A 1 104 ? 3.801   -11.870 1.051   1.00 9.97  ? 273 ALA A N   1 
ATOM   801  C  CA  . ALA A 1 104 ? 4.564   -12.315 -0.118  1.00 10.82 ? 273 ALA A CA  1 
ATOM   802  C  C   . ALA A 1 104 ? 3.632   -12.688 -1.268  1.00 9.76  ? 273 ALA A C   1 
ATOM   803  O  O   . ALA A 1 104 ? 3.930   -12.262 -2.424  1.00 10.82 ? 273 ALA A O   1 
ATOM   804  C  CB  . ALA A 1 104 ? 5.435   -13.487 0.281   1.00 11.15 ? 273 ALA A CB  1 
ATOM   805  N  N   . GLU A 1 105 ? 2.548   -13.404 -1.016  1.00 10.14 ? 274 GLU A N   1 
ATOM   806  C  CA  . GLU A 1 105 ? 1.548   -13.733 -2.047  1.00 11.00 ? 274 GLU A CA  1 
ATOM   807  C  C   . GLU A 1 105 ? 0.955   -12.430 -2.590  1.00 10.57 ? 274 GLU A C   1 
ATOM   808  O  O   . GLU A 1 105 ? 0.787   -12.284 -3.786  1.00 11.43 ? 274 GLU A O   1 
ATOM   809  C  CB  . GLU A 1 105 ? 0.517   -14.666 -1.448  1.00 12.94 ? 274 GLU A CB  1 
ATOM   810  C  CG  . GLU A 1 105 ? -0.631  -14.939 -2.357  1.00 17.38 ? 274 GLU A CG  1 
ATOM   811  C  CD  . GLU A 1 105 ? -1.758  -15.762 -1.740  1.00 25.61 ? 274 GLU A CD  1 
ATOM   812  O  OE1 . GLU A 1 105 ? -1.651  -16.131 -0.557  1.00 28.97 ? 274 GLU A OE1 1 
ATOM   813  O  OE2 . GLU A 1 105 ? -2.797  -15.937 -2.419  1.00 31.76 ? 274 GLU A OE2 1 
ATOM   814  N  N   . HIS A 1 106 ? 0.599   -11.520 -1.691  1.00 9.27  ? 275 HIS A N   1 
ATOM   815  C  CA  . HIS A 1 106 ? -0.111  -10.299 -2.134  1.00 8.95  ? 275 HIS A CA  1 
ATOM   816  C  C   . HIS A 1 106 ? 0.814   -9.477  -3.015  1.00 9.15  ? 275 HIS A C   1 
ATOM   817  O  O   . HIS A 1 106 ? 0.343   -8.866  -3.988  1.00 9.81  ? 275 HIS A O   1 
ATOM   818  C  CB  . HIS A 1 106 ? -0.566  -9.493  -0.926  1.00 8.35  ? 275 HIS A CB  1 
ATOM   819  C  CG  . HIS A 1 106 ? -1.683  -10.140 -0.192  1.00 9.10  ? 275 HIS A CG  1 
ATOM   820  N  ND1 . HIS A 1 106 ? -1.885  -9.918  1.167   1.00 9.48  ? 275 HIS A ND1 1 
ATOM   821  C  CD2 . HIS A 1 106 ? -2.649  -10.977 -0.614  1.00 9.77  ? 275 HIS A CD2 1 
ATOM   822  C  CE1 . HIS A 1 106 ? -2.947  -10.605 1.517   1.00 9.06  ? 275 HIS A CE1 1 
ATOM   823  N  NE2 . HIS A 1 106 ? -3.452  -11.284 0.463   1.00 10.36 ? 275 HIS A NE2 1 
ATOM   824  N  N   . LEU A 1 107 ? 2.088   -9.370  -2.685  1.00 9.40  ? 276 LEU A N   1 
ATOM   825  C  CA  . LEU A 1 107 ? 3.062   -8.599  -3.485  1.00 8.96  ? 276 LEU A CA  1 
ATOM   826  C  C   . LEU A 1 107 ? 3.364   -9.326  -4.802  1.00 9.50  ? 276 LEU A C   1 
ATOM   827  O  O   . LEU A 1 107 ? 3.545   -8.673  -5.837  1.00 10.17 ? 276 LEU A O   1 
ATOM   828  C  CB  . LEU A 1 107 ? 4.332   -8.344  -2.682  1.00 9.74  ? 276 LEU A CB  1 
ATOM   829  C  CG  . LEU A 1 107 ? 4.177   -7.354  -1.555  1.00 10.20 ? 276 LEU A CG  1 
ATOM   830  C  CD1 . LEU A 1 107 ? 5.477   -7.245  -0.807  1.00 10.71 ? 276 LEU A CD1 1 
ATOM   831  C  CD2 . LEU A 1 107 ? 3.806   -5.965  -2.063  1.00 11.33 ? 276 LEU A CD2 1 
ATOM   832  N  N   A SER A 1 108 ? 3.416   -10.654 -4.746  0.25 9.20  ? 277 SER A N   1 
ATOM   833  N  N   B SER A 1 108 ? 3.382   -10.662 -4.773  0.25 9.64  ? 277 SER A N   1 
ATOM   834  N  N   C SER A 1 108 ? 3.406   -10.658 -4.787  0.50 10.52 ? 277 SER A N   1 
ATOM   835  C  CA  A SER A 1 108 ? 3.672   -11.490 -5.939  0.25 8.93  ? 277 SER A CA  1 
ATOM   836  C  CA  B SER A 1 108 ? 3.665   -11.518 -5.954  0.25 9.64  ? 277 SER A CA  1 
ATOM   837  C  CA  C SER A 1 108 ? 3.719   -11.435 -6.012  0.50 10.97 ? 277 SER A CA  1 
ATOM   838  C  C   A SER A 1 108 ? 2.642   -11.143 -7.016  0.25 9.42  ? 277 SER A C   1 
ATOM   839  C  C   B SER A 1 108 ? 2.570   -11.346 -7.015  0.25 9.84  ? 277 SER A C   1 
ATOM   840  C  C   C SER A 1 108 ? 2.611   -11.207 -7.049  0.50 10.79 ? 277 SER A C   1 
ATOM   841  O  O   A SER A 1 108 ? 3.048   -11.053 -8.189  0.25 9.75  ? 277 SER A O   1 
ATOM   842  O  O   B SER A 1 108 ? 2.809   -11.674 -8.194  0.25 9.91  ? 277 SER A O   1 
ATOM   843  O  O   C SER A 1 108 ? 2.893   -11.309 -8.255  0.50 11.27 ? 277 SER A O   1 
ATOM   844  C  CB  A SER A 1 108 ? 3.675   -12.951 -5.615  0.25 8.78  ? 277 SER A CB  1 
ATOM   845  C  CB  B SER A 1 108 ? 3.828   -12.962 -5.548  0.25 10.02 ? 277 SER A CB  1 
ATOM   846  C  CB  C SER A 1 108 ? 3.940   -12.897 -5.734  0.50 12.83 ? 277 SER A CB  1 
ATOM   847  O  OG  A SER A 1 108 ? 4.160   -13.679 -6.729  0.25 8.23  ? 277 SER A OG  1 
ATOM   848  O  OG  B SER A 1 108 ? 5.091   -13.179 -4.935  0.25 10.36 ? 277 SER A OG  1 
ATOM   849  O  OG  C SER A 1 108 ? 2.704   -13.525 -5.437  0.50 16.20 ? 277 SER A OG  1 
ATOM   850  N  N   . HIS A 1 109 ? 1.390   -10.863 -6.613  1.00 9.84  ? 278 HIS A N   1 
ATOM   851  C  CA  . HIS A 1 109 ? 0.280   -10.554 -7.544  1.00 9.35  ? 278 HIS A CA  1 
ATOM   852  C  C   . HIS A 1 109 ? 0.743   -9.438  -8.488  1.00 9.82  ? 278 HIS A C   1 
ATOM   853  O  O   . HIS A 1 109 ? 0.295   -9.411  -9.657  1.00 11.19 ? 278 HIS A O   1 
ATOM   854  C  CB  . HIS A 1 109 ? -0.926  -10.101 -6.746  1.00 9.38  ? 278 HIS A CB  1 
ATOM   855  C  CG  . HIS A 1 109 ? -2.156  -10.016 -7.558  1.00 10.36 ? 278 HIS A CG  1 
ATOM   856  N  ND1 . HIS A 1 109 ? -2.770  -11.173 -8.034  1.00 12.60 ? 278 HIS A ND1 1 
ATOM   857  C  CD2 . HIS A 1 109 ? -2.910  -8.974  -7.964  1.00 10.51 ? 278 HIS A CD2 1 
ATOM   858  C  CE1 . HIS A 1 109 ? -3.861  -10.812 -8.689  1.00 11.77 ? 278 HIS A CE1 1 
ATOM   859  N  NE2 . HIS A 1 109 ? -3.993  -9.491  -8.635  1.00 11.05 ? 278 HIS A NE2 1 
ATOM   860  N  N   . PHE A 1 110 ? 1.607   -8.530  -8.031  1.00 9.79  ? 279 PHE A N   1 
ATOM   861  C  CA  . PHE A 1 110 ? 2.079   -7.341  -8.783  1.00 9.52  ? 279 PHE A CA  1 
ATOM   862  C  C   . PHE A 1 110 ? 3.498   -7.573  -9.289  1.00 9.86  ? 279 PHE A C   1 
ATOM   863  O  O   . PHE A 1 110 ? 4.129   -6.655  -9.758  1.00 11.65 ? 279 PHE A O   1 
ATOM   864  C  CB  . PHE A 1 110 ? 1.986   -6.069  -7.926  1.00 9.49  ? 279 PHE A CB  1 
ATOM   865  C  CG  . PHE A 1 110 ? 0.589   -5.824  -7.440  1.00 9.14  ? 279 PHE A CG  1 
ATOM   866  C  CD1 . PHE A 1 110 ? -0.432  -5.451  -8.323  1.00 8.46  ? 279 PHE A CD1 1 
ATOM   867  C  CD2 . PHE A 1 110 ? 0.260   -6.028  -6.107  1.00 9.53  ? 279 PHE A CD2 1 
ATOM   868  C  CE1 . PHE A 1 110 ? -1.741  -5.299  -7.887  1.00 9.32  ? 279 PHE A CE1 1 
ATOM   869  C  CE2 . PHE A 1 110 ? -1.026  -5.886  -5.664  1.00 10.15 ? 279 PHE A CE2 1 
ATOM   870  C  CZ  . PHE A 1 110 ? -2.037  -5.535  -6.535  1.00 9.67  ? 279 PHE A CZ  1 
ATOM   871  N  N   . GLY A 1 111 ? 3.967   -8.810  -9.270  1.00 11.30 ? 280 GLY A N   1 
ATOM   872  C  CA  . GLY A 1 111 ? 5.319   -9.096  -9.773  1.00 11.95 ? 280 GLY A CA  1 
ATOM   873  C  C   . GLY A 1 111 ? 6.408   -8.679  -8.839  1.00 13.66 ? 280 GLY A C   1 
ATOM   874  O  O   . GLY A 1 111 ? 7.561   -8.621  -9.283  1.00 17.62 ? 280 GLY A O   1 
ATOM   875  N  N   . ILE A 1 112 ? 6.114   -8.400  -7.571  1.00 13.48 ? 281 ILE A N   1 
ATOM   876  C  CA  . ILE A 1 112 ? 7.100   -7.966  -6.564  1.00 14.41 ? 281 ILE A CA  1 
ATOM   877  C  C   . ILE A 1 112 ? 7.572   -9.197  -5.796  1.00 15.84 ? 281 ILE A C   1 
ATOM   878  O  O   . ILE A 1 112 ? 6.752   -9.912  -5.256  1.00 17.57 ? 281 ILE A O   1 
ATOM   879  C  CB  . ILE A 1 112 ? 6.547   -6.895  -5.623  1.00 14.14 ? 281 ILE A CB  1 
ATOM   880  C  CG1 . ILE A 1 112 ? 6.186   -5.597  -6.344  1.00 15.28 ? 281 ILE A CG1 1 
ATOM   881  C  CG2 . ILE A 1 112 ? 7.527   -6.601  -4.486  1.00 13.30 ? 281 ILE A CG2 1 
ATOM   882  C  CD1 . ILE A 1 112 ? 5.246   -4.736  -5.498  1.00 15.60 ? 281 ILE A CD1 1 
ATOM   883  N  N   . ASP A 1 113 ? 8.897   -9.390  -5.752  1.00 21.24 ? 282 ASP A N   1 
ATOM   884  C  CA  . ASP A 1 113 ? 9.526   -10.508 -5.007  1.00 23.42 ? 282 ASP A CA  1 
ATOM   885  C  C   . ASP A 1 113 ? 10.110  -9.981  -3.692  1.00 25.88 ? 282 ASP A C   1 
ATOM   886  O  O   . ASP A 1 113 ? 11.057  -9.236  -3.742  1.00 28.21 ? 282 ASP A O   1 
ATOM   887  C  CB  . ASP A 1 113 ? 10.627  -11.105 -5.873  1.00 26.55 ? 282 ASP A CB  1 
ATOM   888  C  CG  . ASP A 1 113 ? 11.179  -12.392 -5.304  1.00 37.06 ? 282 ASP A CG  1 
ATOM   889  O  OD1 . ASP A 1 113 ? 10.588  -12.938 -4.331  1.00 36.54 ? 282 ASP A OD1 1 
ATOM   890  O  OD2 . ASP A 1 113 ? 12.166  -12.859 -5.886  1.00 41.28 ? 282 ASP A OD2 1 
ATOM   891  N  N   . MET A 1 114 ? 9.402   -10.200 -2.595  1.00 23.97 ? 283 MET A N   1 
ATOM   892  C  CA  . MET A 1 114 ? 9.773   -9.801  -1.224  1.00 28.60 ? 283 MET A CA  1 
ATOM   893  C  C   . MET A 1 114 ? 11.030  -10.588 -0.802  1.00 30.05 ? 283 MET A C   1 
ATOM   894  O  O   . MET A 1 114 ? 11.825  -9.864  -0.203  1.00 33.53 ? 283 MET A O   1 
ATOM   895  C  CB  . MET A 1 114 ? 8.555   -10.185 -0.389  1.00 29.55 ? 283 MET A CB  1 
ATOM   896  C  CG  . MET A 1 114 ? 8.321   -9.455  0.799   1.00 30.33 ? 283 MET A CG  1 
ATOM   897  S  SD  . MET A 1 114 ? 7.028   -10.317 1.638   1.00 23.46 ? 283 MET A SD  1 
ATOM   898  C  CE  . MET A 1 114 ? 7.635   -10.018 3.301   1.00 27.02 ? 283 MET A CE  1 
HETATM 899  C  C1  . ZPV B 2 .   ? 2.360   7.737   12.247  1.00 14.51 ? 301 ZPV A C1  1 
HETATM 900  C  C2  . ZPV B 2 .   ? 0.123   8.348   13.052  1.00 14.44 ? 301 ZPV A C2  1 
HETATM 901  C  C3  . ZPV B 2 .   ? 0.728   9.633   13.617  1.00 14.51 ? 301 ZPV A C3  1 
HETATM 902  C  C4  . ZPV B 2 .   ? 1.902   10.120  12.791  1.00 13.63 ? 301 ZPV A C4  1 
HETATM 903  C  C5  . ZPV B 2 .   ? 2.482   11.416  13.313  1.00 12.99 ? 301 ZPV A C5  1 
HETATM 904  C  C6  . ZPV B 2 .   ? 3.154   11.488  14.525  1.00 14.91 ? 301 ZPV A C6  1 
HETATM 905  C  C8  . ZPV B 2 .   ? 3.505   13.843  14.216  1.00 13.29 ? 301 ZPV A C8  1 
HETATM 906  C  C9  . ZPV B 2 .   ? 2.813   13.777  13.047  1.00 12.11 ? 301 ZPV A C9  1 
HETATM 907  C  C10 . ZPV B 2 .   ? 2.300   12.580  12.597  1.00 13.02 ? 301 ZPV A C10 1 
HETATM 908  C  C11 . ZPV B 2 .   ? 0.057   5.617   11.278  1.00 11.84 ? 301 ZPV A C11 1 
HETATM 909  C  C12 . ZPV B 2 .   ? -1.257  5.959   11.059  1.00 10.98 ? 301 ZPV A C12 1 
HETATM 910  C  C13 . ZPV B 2 .   ? -1.767  5.956   9.775   1.00 10.80 ? 301 ZPV A C13 1 
HETATM 911  C  C14 . ZPV B 2 .   ? -0.939  5.614   8.692   1.00 10.00 ? 301 ZPV A C14 1 
HETATM 912  C  C15 . ZPV B 2 .   ? -1.595  5.703   7.348   1.00 8.95  ? 301 ZPV A C15 1 
HETATM 913  C  C16 . ZPV B 2 .   ? -1.528  5.234   4.955   1.00 7.76  ? 301 ZPV A C16 1 
HETATM 914  C  C17 . ZPV B 2 .   ? -1.734  6.598   4.323   1.00 9.29  ? 301 ZPV A C17 1 
HETATM 915  C  C18 . ZPV B 2 .   ? 0.369   5.284   8.975   1.00 10.48 ? 301 ZPV A C18 1 
HETATM 916  C  C19 . ZPV B 2 .   ? 0.916   5.288   10.252  1.00 12.07 ? 301 ZPV A C19 1 
HETATM 917  O  O1  . ZPV B 2 .   ? -2.500  6.761   3.383   1.00 10.00 ? 301 ZPV A O1  1 
HETATM 918  O  O2  . ZPV B 2 .   ? -2.746  6.132   7.224   1.00 10.13 ? 301 ZPV A O2  1 
HETATM 919  O  O3  . ZPV B 2 .   ? 1.888   5.010   12.947  1.00 16.46 ? 301 ZPV A O3  1 
HETATM 920  O  O4  . ZPV B 2 .   ? -0.400  5.618   13.769  1.00 17.97 ? 301 ZPV A O4  1 
HETATM 921  S  S   . ZPV B 2 .   ? 0.713   5.779   12.900  1.00 15.70 ? 301 ZPV A S   1 
HETATM 922  F  F   . ZPV B 2 .   ? 1.205   4.960   7.965   1.00 11.10 ? 301 ZPV A F   1 
HETATM 923  N  N1  . ZPV B 2 .   ? -0.940  5.198   6.281   1.00 8.23  ? 301 ZPV A N1  1 
HETATM 924  O  O   . ZPV B 2 .   ? -1.082  7.558   4.919   1.00 10.53 ? 301 ZPV A O   1 
HETATM 925  N  N   . ZPV B 2 .   ? 1.188   7.343   13.042  1.00 14.45 ? 301 ZPV A N   1 
HETATM 926  C  C   . ZPV B 2 .   ? 2.964   9.043   12.741  1.00 14.50 ? 301 ZPV A C   1 
HETATM 927  C  C7  . ZPV B 2 .   ? 3.651   12.706  14.983  1.00 15.00 ? 301 ZPV A C7  1 
HETATM 928  S  S   . SO4 C 3 .   ? -6.137  6.242   -10.054 1.00 61.82 ? 302 SO4 A S   1 
HETATM 929  O  O1  . SO4 C 3 .   ? -5.835  7.337   -9.157  1.00 41.97 ? 302 SO4 A O1  1 
HETATM 930  O  O2  . SO4 C 3 .   ? -5.171  6.257   -11.133 1.00 32.31 ? 302 SO4 A O2  1 
HETATM 931  O  O3  . SO4 C 3 .   ? -7.455  6.463   -10.684 1.00 34.89 ? 302 SO4 A O3  1 
HETATM 932  O  O4  . SO4 C 3 .   ? -6.095  4.958   -9.277  1.00 29.81 ? 302 SO4 A O4  1 
HETATM 933  C  C1  . EDO D 4 .   ? -2.067  12.998  16.187  1.00 32.65 ? 303 EDO A C1  1 
HETATM 934  O  O1  . EDO D 4 .   ? -2.733  12.107  17.042  1.00 33.40 ? 303 EDO A O1  1 
HETATM 935  C  C2  . EDO D 4 .   ? -1.669  12.416  14.917  1.00 31.14 ? 303 EDO A C2  1 
HETATM 936  O  O2  . EDO D 4 .   ? -2.783  11.892  14.167  1.00 33.11 ? 303 EDO A O2  1 
HETATM 937  ZN ZN  . ZN  E 5 .   ? -0.443  12.306  -4.287  1.00 8.66  ? 304 ZN  A ZN  1 
HETATM 938  O  O   . HOH F 6 .   ? 8.967   7.941   -12.212 1.00 28.79 ? 401 HOH A O   1 
HETATM 939  O  O   . HOH F 6 .   ? 7.780   13.668  -9.531  1.00 23.49 ? 402 HOH A O   1 
HETATM 940  O  O   . HOH F 6 .   ? -1.716  0.973   14.562  1.00 24.67 ? 403 HOH A O   1 
HETATM 941  O  O   . HOH F 6 .   ? 3.274   14.770  -11.194 1.00 23.22 ? 404 HOH A O   1 
HETATM 942  O  O   . HOH F 6 .   ? 9.156   2.718   8.023   1.00 37.38 ? 405 HOH A O   1 
HETATM 943  O  O   . HOH F 6 .   ? -12.267 -11.623 5.914   1.00 42.08 ? 406 HOH A O   1 
HETATM 944  O  O   . HOH F 6 .   ? -3.904  9.914   13.217  1.00 42.54 ? 407 HOH A O   1 
HETATM 945  O  O   . HOH F 6 .   ? -8.943  5.286   -9.095  1.00 22.41 ? 408 HOH A O   1 
HETATM 946  O  O   . HOH F 6 .   ? -11.809 13.574  -2.878  1.00 33.87 ? 409 HOH A O   1 
HETATM 947  O  O   . HOH F 6 .   ? -1.078  -16.697 3.858   1.00 28.71 ? 410 HOH A O   1 
HETATM 948  O  O   . HOH F 6 .   ? -4.686  5.511   12.050  1.00 32.43 ? 411 HOH A O   1 
HETATM 949  O  O   . HOH F 6 .   ? -13.673 -3.767  -7.201  1.00 31.67 ? 412 HOH A O   1 
HETATM 950  O  O   . HOH F 6 .   ? -14.082 -0.288  4.927   1.00 28.93 ? 413 HOH A O   1 
HETATM 951  O  O   . HOH F 6 .   ? 11.581  7.917   -8.786  1.00 42.55 ? 414 HOH A O   1 
HETATM 952  O  O   . HOH F 6 .   ? -9.904  -6.063  -1.622  1.00 30.44 ? 415 HOH A O   1 
HETATM 953  O  O   . HOH F 6 .   ? -13.001 11.342  -3.609  1.00 36.81 ? 416 HOH A O   1 
HETATM 954  O  O   . HOH F 6 .   ? 9.841   7.121   -6.218  1.00 18.68 ? 417 HOH A O   1 
HETATM 955  O  O   . HOH F 6 .   ? 1.246   6.298   -10.429 1.00 12.06 ? 418 HOH A O   1 
HETATM 956  O  O   . HOH F 6 .   ? -2.171  -3.546  14.806  1.00 19.25 ? 419 HOH A O   1 
HETATM 957  O  O   . HOH F 6 .   ? -4.410  -13.011 -4.099  1.00 24.22 ? 420 HOH A O   1 
HETATM 958  O  O   . HOH F 6 .   ? 4.653   -12.844 -9.674  1.00 39.32 ? 421 HOH A O   1 
HETATM 959  O  O   . HOH F 6 .   ? -8.594  0.691   -9.266  1.00 23.86 ? 422 HOH A O   1 
HETATM 960  O  O   . HOH F 6 .   ? -10.291 10.539  -7.317  1.00 37.55 ? 423 HOH A O   1 
HETATM 961  O  O   . HOH F 6 .   ? 6.629   18.281  13.214  1.00 13.51 ? 424 HOH A O   1 
HETATM 962  O  O   . HOH F 6 .   ? -6.776  9.166   -4.877  1.00 12.08 ? 425 HOH A O   1 
HETATM 963  O  O   . HOH F 6 .   ? -7.086  -11.781 -9.179  1.00 22.71 ? 426 HOH A O   1 
HETATM 964  O  O   . HOH F 6 .   ? -1.624  -9.144  -15.321 1.00 25.11 ? 427 HOH A O   1 
HETATM 965  O  O   . HOH F 6 .   ? 0.681   8.059   6.872   1.00 11.93 ? 428 HOH A O   1 
HETATM 966  O  O   . HOH F 6 .   ? 9.285   -5.302  -8.580  1.00 22.15 ? 429 HOH A O   1 
HETATM 967  O  O   . HOH F 6 .   ? -11.601 3.287   9.349   1.00 22.26 ? 430 HOH A O   1 
HETATM 968  O  O   . HOH F 6 .   ? 11.508  -1.813  -0.055  1.00 22.59 ? 431 HOH A O   1 
HETATM 969  O  O   . HOH F 6 .   ? 7.270   10.010  -12.977 1.00 27.36 ? 432 HOH A O   1 
HETATM 970  O  O   . HOH F 6 .   ? -13.476 3.429   7.240   1.00 19.66 ? 433 HOH A O   1 
HETATM 971  O  O   . HOH F 6 .   ? 0.016   -13.977 -5.727  1.00 30.84 ? 434 HOH A O   1 
HETATM 972  O  O   . HOH F 6 .   ? -1.594  3.970   -9.501  1.00 12.05 ? 435 HOH A O   1 
HETATM 973  O  O   . HOH F 6 .   ? -8.645  -12.799 6.527   1.00 17.03 ? 436 HOH A O   1 
HETATM 974  O  O   . HOH F 6 .   ? 3.060   -3.301  9.193   1.00 11.98 ? 437 HOH A O   1 
HETATM 975  O  O   . HOH F 6 .   ? -8.450  7.464   -6.243  1.00 20.79 ? 438 HOH A O   1 
HETATM 976  O  O   . HOH F 6 .   ? 9.511   -1.238  -1.581  1.00 21.36 ? 439 HOH A O   1 
HETATM 977  O  O   . HOH F 6 .   ? -14.376 -2.616  -1.539  1.00 29.75 ? 440 HOH A O   1 
HETATM 978  O  O   . HOH F 6 .   ? 6.517   -11.484 -3.045  1.00 17.76 ? 441 HOH A O   1 
HETATM 979  O  O   . HOH F 6 .   ? 5.160   16.985  4.109   1.00 23.82 ? 442 HOH A O   1 
HETATM 980  O  O   . HOH F 6 .   ? 1.797   10.288  5.605   1.00 10.90 ? 443 HOH A O   1 
HETATM 981  O  O   . HOH F 6 .   ? -3.176  8.974   1.941   1.00 8.47  ? 444 HOH A O   1 
HETATM 982  O  O   . HOH F 6 .   ? 4.337   7.357   5.990   1.00 23.37 ? 445 HOH A O   1 
HETATM 983  O  O   . HOH F 6 .   ? -13.179 -2.135  3.416   1.00 29.47 ? 446 HOH A O   1 
HETATM 984  O  O   . HOH F 6 .   ? -1.673  -13.655 -7.680  1.00 29.31 ? 447 HOH A O   1 
HETATM 985  O  O   . HOH F 6 .   ? -5.970  -9.650  14.659  1.00 25.32 ? 448 HOH A O   1 
HETATM 986  O  O   . HOH F 6 .   ? -11.013 5.365   -7.307  1.00 26.13 ? 449 HOH A O   1 
HETATM 987  O  O   . HOH F 6 .   ? -4.663  15.394  -8.820  1.00 33.33 ? 450 HOH A O   1 
HETATM 988  O  O   . HOH F 6 .   ? 2.925   0.110   14.928  1.00 39.98 ? 451 HOH A O   1 
HETATM 989  O  O   . HOH F 6 .   ? 6.300   15.010  11.839  1.00 18.47 ? 452 HOH A O   1 
HETATM 990  O  O   . HOH F 6 .   ? 1.823   -14.487 -7.973  1.00 44.26 ? 453 HOH A O   1 
HETATM 991  O  O   . HOH F 6 .   ? -0.307  20.098  -0.612  1.00 27.20 ? 454 HOH A O   1 
HETATM 992  O  O   . HOH F 6 .   ? -14.958 -0.482  -5.014  1.00 27.07 ? 455 HOH A O   1 
HETATM 993  O  O   . HOH F 6 .   ? -5.379  13.743  6.239   1.00 16.03 ? 456 HOH A O   1 
HETATM 994  O  O   . HOH F 6 .   ? 0.617   11.178  -12.618 1.00 12.17 ? 457 HOH A O   1 
HETATM 995  O  O   . HOH F 6 .   ? -10.981 -8.895  2.982   1.00 26.43 ? 458 HOH A O   1 
HETATM 996  O  O   . HOH F 6 .   ? 4.251   12.118  9.652   1.00 25.38 ? 459 HOH A O   1 
HETATM 997  O  O   . HOH F 6 .   ? 7.389   1.097   11.095  1.00 29.56 ? 460 HOH A O   1 
HETATM 998  O  O   . HOH F 6 .   ? -11.100 -0.454  -9.051  1.00 23.07 ? 461 HOH A O   1 
HETATM 999  O  O   . HOH F 6 .   ? 10.768  -5.411  7.354   1.00 33.71 ? 462 HOH A O   1 
HETATM 1000 O  O   . HOH F 6 .   ? 1.455   -8.499  -12.027 1.00 33.09 ? 463 HOH A O   1 
HETATM 1001 O  O   . HOH F 6 .   ? -3.974  -15.502 1.899   1.00 33.38 ? 464 HOH A O   1 
HETATM 1002 O  O   . HOH F 6 .   ? -5.333  -11.955 -13.327 1.00 20.45 ? 465 HOH A O   1 
HETATM 1003 O  O   . HOH F 6 .   ? -4.299  0.323   -10.335 1.00 17.82 ? 466 HOH A O   1 
HETATM 1004 O  O   . HOH F 6 .   ? -2.915  -3.266  -11.130 1.00 15.38 ? 467 HOH A O   1 
HETATM 1005 O  O   . HOH F 6 .   ? 10.101  -2.833  7.176   1.00 31.82 ? 468 HOH A O   1 
HETATM 1006 O  O   . HOH F 6 .   ? -6.243  -3.672  -0.083  1.00 9.68  ? 469 HOH A O   1 
HETATM 1007 O  O   . HOH F 6 .   ? 3.989   -13.784 3.285   1.00 13.24 ? 470 HOH A O   1 
HETATM 1008 O  O   . HOH F 6 .   ? 3.122   -7.640  7.210   1.00 21.02 ? 471 HOH A O   1 
HETATM 1009 O  O   . HOH F 6 .   ? -5.600  -13.000 1.073   1.00 23.73 ? 472 HOH A O   1 
HETATM 1010 O  O   . HOH F 6 .   ? 7.481   5.577   -0.538  1.00 12.16 ? 473 HOH A O   1 
HETATM 1011 O  O   . HOH F 6 .   ? -14.107 0.738   9.768   1.00 34.93 ? 474 HOH A O   1 
HETATM 1012 O  O   . HOH F 6 .   ? -6.003  15.994  -5.670  1.00 26.43 ? 475 HOH A O   1 
HETATM 1013 O  O   . HOH F 6 .   ? 9.647   4.521   2.332   1.00 23.85 ? 476 HOH A O   1 
HETATM 1014 O  O   . HOH F 6 .   ? -4.620  15.294  9.599   1.00 13.03 ? 477 HOH A O   1 
HETATM 1015 O  O   . HOH F 6 .   ? -10.938 -7.986  -0.230  1.00 22.12 ? 478 HOH A O   1 
HETATM 1016 O  O   . HOH F 6 .   ? -7.583  14.956  -3.995  1.00 30.34 ? 479 HOH A O   1 
HETATM 1017 O  O   . HOH F 6 .   ? 9.342   4.821   6.017   1.00 30.67 ? 480 HOH A O   1 
HETATM 1018 O  O   . HOH F 6 .   ? -16.056 6.574   1.961   1.00 23.41 ? 481 HOH A O   1 
HETATM 1019 O  O   . HOH F 6 .   ? -8.177  13.637  3.640   1.00 16.50 ? 482 HOH A O   1 
HETATM 1020 O  O   . HOH F 6 .   ? -4.038  11.921  -11.936 1.00 20.57 ? 483 HOH A O   1 
HETATM 1021 O  O   . HOH F 6 .   ? 11.811  5.185   -6.663  1.00 22.94 ? 484 HOH A O   1 
HETATM 1022 O  O   . HOH F 6 .   ? 8.071   -2.771  8.923   1.00 30.35 ? 485 HOH A O   1 
HETATM 1023 O  O   . HOH F 6 .   ? -7.615  -12.347 8.767   1.00 32.50 ? 486 HOH A O   1 
HETATM 1024 O  O   . HOH F 6 .   ? 10.607  -7.648  -7.265  1.00 34.23 ? 487 HOH A O   1 
HETATM 1025 O  O   . HOH F 6 .   ? 9.325   7.360   1.496   1.00 19.84 ? 488 HOH A O   1 
HETATM 1026 O  O   . HOH F 6 .   ? 8.864   13.645  -3.825  1.00 23.59 ? 489 HOH A O   1 
HETATM 1027 O  O   . HOH F 6 .   ? 0.381   1.951   -9.916  1.00 13.17 ? 490 HOH A O   1 
HETATM 1028 O  O   . HOH F 6 .   ? 2.610   -0.179  -13.098 1.00 11.60 ? 491 HOH A O   1 
HETATM 1029 O  O   . HOH F 6 .   ? 0.182   -16.510 1.651   1.00 20.14 ? 492 HOH A O   1 
HETATM 1030 O  O   . HOH F 6 .   ? 0.431   -10.191 15.818  1.00 21.98 ? 493 HOH A O   1 
HETATM 1031 O  O   . HOH F 6 .   ? -11.013 -8.330  -10.694 1.00 18.79 ? 494 HOH A O   1 
HETATM 1032 O  O   . HOH F 6 .   ? 5.897   19.822  8.844   1.00 34.14 ? 495 HOH A O   1 
HETATM 1033 O  O   . HOH F 6 .   ? -0.463  -11.771 -11.168 1.00 25.86 ? 496 HOH A O   1 
HETATM 1034 O  O   . HOH F 6 .   ? -10.614 11.785  0.756   1.00 15.94 ? 497 HOH A O   1 
HETATM 1035 O  O   . HOH F 6 .   ? 8.102   8.875   4.247   1.00 37.11 ? 498 HOH A O   1 
HETATM 1036 O  O   . HOH F 6 .   ? -7.232  11.718  6.893   1.00 14.38 ? 499 HOH A O   1 
HETATM 1037 O  O   . HOH F 6 .   ? 6.774   -8.843  9.765   1.00 28.71 ? 500 HOH A O   1 
HETATM 1038 O  O   . HOH F 6 .   ? -2.780  3.380   -3.104  1.00 8.76  ? 501 HOH A O   1 
HETATM 1039 O  O   . HOH F 6 .   ? 6.927   12.439  -14.195 1.00 44.22 ? 502 HOH A O   1 
HETATM 1040 O  O   . HOH F 6 .   ? -5.103  3.257   -1.516  1.00 9.77  ? 503 HOH A O   1 
HETATM 1041 O  O   . HOH F 6 .   ? -0.521  -2.264  -10.683 1.00 19.63 ? 504 HOH A O   1 
HETATM 1042 O  O   . HOH F 6 .   ? -4.743  -6.186  -8.840  1.00 27.86 ? 505 HOH A O   1 
HETATM 1043 O  O   . HOH F 6 .   ? -4.145  2.960   -10.287 1.00 14.64 ? 506 HOH A O   1 
HETATM 1044 O  O   . HOH F 6 .   ? -6.647  14.141  -1.651  1.00 20.70 ? 507 HOH A O   1 
HETATM 1045 O  O   . HOH F 6 .   ? 2.764   18.619  -2.353  1.00 25.31 ? 508 HOH A O   1 
HETATM 1046 O  O   . HOH F 6 .   ? -7.003  -12.509 -4.748  1.00 27.14 ? 509 HOH A O   1 
HETATM 1047 O  O   . HOH F 6 .   ? 2.506   -15.178 1.391   1.00 14.17 ? 510 HOH A O   1 
HETATM 1048 O  O   . HOH F 6 .   ? -6.998  16.199  0.576   1.00 22.74 ? 511 HOH A O   1 
HETATM 1049 O  O   . HOH F 6 .   ? 5.514   12.775  3.110   1.00 19.02 ? 512 HOH A O   1 
HETATM 1050 O  O   . HOH F 6 .   ? 10.020  0.225   8.134   1.00 33.16 ? 513 HOH A O   1 
HETATM 1051 O  O   . HOH F 6 .   ? -17.011 6.156   -4.480  1.00 45.18 ? 514 HOH A O   1 
HETATM 1052 O  O   . HOH F 6 .   ? 5.361   -6.923  8.306   1.00 22.94 ? 515 HOH A O   1 
HETATM 1053 O  O   . HOH F 6 .   ? -10.356 -12.512 9.974   1.00 31.11 ? 516 HOH A O   1 
HETATM 1054 O  O   . HOH F 6 .   ? 6.908   14.620  5.975   1.00 25.29 ? 517 HOH A O   1 
HETATM 1055 O  O   . HOH F 6 .   ? -3.715  4.488   13.851  1.00 35.59 ? 518 HOH A O   1 
HETATM 1056 O  O   . HOH F 6 .   ? 4.703   -15.745 -2.977  1.00 37.35 ? 519 HOH A O   1 
HETATM 1057 O  O   . HOH F 6 .   ? 5.635   20.254  4.735   1.00 37.10 ? 520 HOH A O   1 
HETATM 1058 O  O   . HOH F 6 .   ? 6.465   14.884  -11.573 1.00 32.71 ? 521 HOH A O   1 
HETATM 1059 O  O   . HOH F 6 .   ? -4.114  13.288  19.939  1.00 32.46 ? 522 HOH A O   1 
HETATM 1060 O  O   . HOH F 6 .   ? 13.664  6.401   -8.839  1.00 35.88 ? 523 HOH A O   1 
HETATM 1061 O  O   . HOH F 6 .   ? 0.554   -14.016 -9.931  1.00 41.28 ? 524 HOH A O   1 
HETATM 1062 O  O   . HOH F 6 .   ? -3.309  -12.487 -11.566 1.00 42.94 ? 525 HOH A O   1 
HETATM 1063 O  O   . HOH F 6 .   ? 4.078   10.892  7.228   1.00 20.88 ? 526 HOH A O   1 
HETATM 1064 O  O   . HOH F 6 .   ? -6.980  -13.668 -7.458  1.00 38.51 ? 527 HOH A O   1 
HETATM 1065 O  O   . HOH F 6 .   ? -2.100  17.347  -4.857  1.00 27.32 ? 528 HOH A O   1 
HETATM 1066 O  O   . HOH F 6 .   ? 4.245   5.563   9.829   1.00 27.36 ? 529 HOH A O   1 
HETATM 1067 O  O   . HOH F 6 .   ? -14.208 1.000   -7.117  1.00 36.67 ? 530 HOH A O   1 
HETATM 1068 O  O   . HOH F 6 .   ? 2.869   14.416  -14.124 1.00 37.22 ? 531 HOH A O   1 
HETATM 1069 O  O   . HOH F 6 .   ? -11.823 6.786   13.679  1.00 41.73 ? 532 HOH A O   1 
HETATM 1070 O  O   . HOH F 6 .   ? -12.909 -3.589  -10.538 1.00 36.10 ? 533 HOH A O   1 
HETATM 1071 O  O   . HOH F 6 .   ? 3.978   -17.076 0.150   1.00 23.75 ? 534 HOH A O   1 
HETATM 1072 O  O   . HOH F 6 .   ? 3.146   7.538   8.141   1.00 21.89 ? 535 HOH A O   1 
HETATM 1073 O  O   . HOH F 6 .   ? -5.483  14.193  -10.727 1.00 36.22 ? 536 HOH A O   1 
HETATM 1074 O  O   . HOH F 6 .   ? 6.344   -16.964 1.239   1.00 35.09 ? 537 HOH A O   1 
# 
loop_
_pdbx_poly_seq_scheme.asym_id 
_pdbx_poly_seq_scheme.entity_id 
_pdbx_poly_seq_scheme.seq_id 
_pdbx_poly_seq_scheme.mon_id 
_pdbx_poly_seq_scheme.ndb_seq_num 
_pdbx_poly_seq_scheme.pdb_seq_num 
_pdbx_poly_seq_scheme.auth_seq_num 
_pdbx_poly_seq_scheme.pdb_mon_id 
_pdbx_poly_seq_scheme.auth_mon_id 
_pdbx_poly_seq_scheme.pdb_strand_id 
_pdbx_poly_seq_scheme.pdb_ins_code 
_pdbx_poly_seq_scheme.hetero 
A 1 1   GLY 1   170 ?   ?   ?   A . n 
A 1 2   GLY 2   171 ?   ?   ?   A . n 
A 1 3   GLU 3   172 ?   ?   ?   A . n 
A 1 4   VAL 4   173 173 VAL VAL A . n 
A 1 5   ARG 5   174 174 ARG ARG A . n 
A 1 6   GLN 6   175 175 GLN GLN A . n 
A 1 7   VAL 7   176 176 VAL VAL A . n 
A 1 8   SER 8   177 177 SER SER A . n 
A 1 9   LYS 9   178 178 LYS LYS A . n 
A 1 10  HIS 10  179 179 HIS HIS A . n 
A 1 11  ALA 11  180 180 ALA ALA A . n 
A 1 12  PHE 12  181 181 PHE PHE A . n 
A 1 13  SER 13  182 182 SER SER A . n 
A 1 14  LEU 14  183 183 LEU LEU A . n 
A 1 15  LYS 15  184 184 LYS LYS A . n 
A 1 16  GLN 16  185 185 GLN GLN A . n 
A 1 17  LEU 17  186 186 LEU LEU A . n 
A 1 18  ASP 18  187 187 ASP ASP A . n 
A 1 19  ASN 19  188 188 ASN ASN A . n 
A 1 20  PRO 20  189 189 PRO PRO A . n 
A 1 21  ALA 21  190 190 ALA ALA A . n 
A 1 22  ARG 22  191 191 ARG ARG A . n 
A 1 23  ILE 23  192 192 ILE ILE A . n 
A 1 24  PRO 24  193 193 PRO PRO A . n 
A 1 25  PRO 25  194 194 PRO PRO A . n 
A 1 26  CYS 26  195 195 CYS CYS A . n 
A 1 27  GLY 27  196 196 GLY GLY A . n 
A 1 28  TRP 28  197 197 TRP TRP A . n 
A 1 29  LYS 29  198 198 LYS LYS A . n 
A 1 30  CYS 30  199 199 CYS CYS A . n 
A 1 31  SER 31  200 200 SER SER A . n 
A 1 32  LYS 32  201 201 LYS LYS A . n 
A 1 33  CYS 33  202 202 CYS CYS A . n 
A 1 34  ASP 34  203 203 ASP ASP A . n 
A 1 35  MET 35  204 204 MET MET A . n 
A 1 36  ARG 36  205 205 ARG ARG A . n 
A 1 37  GLU 37  206 206 GLU GLU A . n 
A 1 38  ASN 38  207 207 ASN ASN A . n 
A 1 39  LEU 39  208 208 LEU LEU A . n 
A 1 40  TRP 40  209 209 TRP TRP A . n 
A 1 41  LEU 41  210 210 LEU LEU A . n 
A 1 42  ASN 42  211 211 ASN ASN A . n 
A 1 43  LEU 43  212 212 LEU LEU A . n 
A 1 44  THR 44  213 213 THR THR A . n 
A 1 45  ASP 45  214 214 ASP ASP A . n 
A 1 46  GLY 46  215 215 GLY GLY A . n 
A 1 47  SER 47  216 216 SER SER A . n 
A 1 48  ILE 48  217 217 ILE ILE A . n 
A 1 49  LEU 49  218 218 LEU LEU A . n 
A 1 50  CYS 50  219 219 CYS CYS A . n 
A 1 51  GLY 51  220 220 GLY GLY A . n 
A 1 52  ARG 52  221 221 ARG ARG A . n 
A 1 53  ARG 53  222 222 ARG ARG A . n 
A 1 54  TYR 54  223 223 TYR TYR A . n 
A 1 55  PHE 55  224 224 PHE PHE A . n 
A 1 56  ASP 56  225 225 ASP ASP A . n 
A 1 57  GLY 57  226 226 GLY GLY A . n 
A 1 58  SER 58  227 227 SER SER A . n 
A 1 59  GLY 59  228 228 GLY GLY A . n 
A 1 60  GLY 60  229 229 GLY GLY A . n 
A 1 61  ASN 61  230 230 ASN ASN A . n 
A 1 62  ASN 62  231 231 ASN ASN A . n 
A 1 63  HIS 63  232 232 HIS HIS A . n 
A 1 64  ALA 64  233 233 ALA ALA A . n 
A 1 65  VAL 65  234 234 VAL VAL A . n 
A 1 66  GLU 66  235 235 GLU GLU A . n 
A 1 67  HIS 67  236 236 HIS HIS A . n 
A 1 68  TYR 68  237 237 TYR TYR A . n 
A 1 69  ARG 69  238 238 ARG ARG A . n 
A 1 70  GLU 70  239 239 GLU GLU A . n 
A 1 71  THR 71  240 240 THR THR A . n 
A 1 72  GLY 72  241 241 GLY GLY A . n 
A 1 73  TYR 73  242 242 TYR TYR A . n 
A 1 74  PRO 74  243 243 PRO PRO A . n 
A 1 75  LEU 75  244 244 LEU LEU A . n 
A 1 76  ALA 76  245 245 ALA ALA A . n 
A 1 77  VAL 77  246 246 VAL VAL A . n 
A 1 78  LYS 78  247 247 LYS LYS A . n 
A 1 79  LEU 79  248 248 LEU LEU A . n 
A 1 80  GLY 80  249 249 GLY GLY A . n 
A 1 81  THR 81  250 250 THR THR A . n 
A 1 82  ILE 82  251 251 ILE ILE A . n 
A 1 83  THR 83  252 252 THR THR A . n 
A 1 84  PRO 84  253 253 PRO PRO A . n 
A 1 85  ASP 85  254 254 ASP ASP A . n 
A 1 86  GLY 86  255 255 GLY GLY A . n 
A 1 87  ALA 87  256 256 ALA ALA A . n 
A 1 88  ASP 88  257 257 ASP ASP A . n 
A 1 89  VAL 89  258 258 VAL VAL A . n 
A 1 90  TYR 90  259 259 TYR TYR A . n 
A 1 91  SER 91  260 260 SER SER A . n 
A 1 92  TYR 92  261 261 TYR TYR A . n 
A 1 93  ASP 93  262 262 ASP ASP A . n 
A 1 94  GLU 94  263 263 GLU GLU A . n 
A 1 95  ASP 95  264 264 ASP ASP A . n 
A 1 96  ASP 96  265 265 ASP ASP A . n 
A 1 97  MET 97  266 266 MET MET A . n 
A 1 98  VAL 98  267 267 VAL VAL A . n 
A 1 99  LEU 99  268 268 LEU LEU A . n 
A 1 100 ASP 100 269 269 ASP ASP A . n 
A 1 101 PRO 101 270 270 PRO PRO A . n 
A 1 102 SER 102 271 271 SER SER A . n 
A 1 103 LEU 103 272 272 LEU LEU A . n 
A 1 104 ALA 104 273 273 ALA ALA A . n 
A 1 105 GLU 105 274 274 GLU GLU A . n 
A 1 106 HIS 106 275 275 HIS HIS A . n 
A 1 107 LEU 107 276 276 LEU LEU A . n 
A 1 108 SER 108 277 277 SER SER A . n 
A 1 109 HIS 109 278 278 HIS HIS A . n 
A 1 110 PHE 110 279 279 PHE PHE A . n 
A 1 111 GLY 111 280 280 GLY GLY A . n 
A 1 112 ILE 112 281 281 ILE ILE A . n 
A 1 113 ASP 113 282 282 ASP ASP A . n 
A 1 114 MET 114 283 283 MET MET A . n 
A 1 115 LEU 115 284 ?   ?   ?   A . n 
A 1 116 LYS 116 285 ?   ?   ?   A . n 
A 1 117 MET 117 286 ?   ?   ?   A . n 
A 1 118 GLN 118 287 ?   ?   ?   A . n 
A 1 119 LYS 119 288 ?   ?   ?   A . n 
A 1 120 THR 120 289 ?   ?   ?   A . n 
A 1 121 ASP 121 290 ?   ?   ?   A . n 
# 
loop_
_pdbx_nonpoly_scheme.asym_id 
_pdbx_nonpoly_scheme.entity_id 
_pdbx_nonpoly_scheme.mon_id 
_pdbx_nonpoly_scheme.ndb_seq_num 
_pdbx_nonpoly_scheme.pdb_seq_num 
_pdbx_nonpoly_scheme.auth_seq_num 
_pdbx_nonpoly_scheme.pdb_mon_id 
_pdbx_nonpoly_scheme.auth_mon_id 
_pdbx_nonpoly_scheme.pdb_strand_id 
_pdbx_nonpoly_scheme.pdb_ins_code 
B 2 ZPV 1   301 301 ZPV 587 A . 
C 3 SO4 1   302 302 SO4 SO4 A . 
D 4 EDO 1   303 304 EDO EDO A . 
E 5 ZN  1   304 1   ZN  ZN  A . 
F 6 HOH 1   401 89  HOH HOH A . 
F 6 HOH 2   402 60  HOH HOH A . 
F 6 HOH 3   403 114 HOH HOH A . 
F 6 HOH 4   404 147 HOH HOH A . 
F 6 HOH 5   405 110 HOH HOH A . 
F 6 HOH 6   406 144 HOH HOH A . 
F 6 HOH 7   407 139 HOH HOH A . 
F 6 HOH 8   408 84  HOH HOH A . 
F 6 HOH 9   409 125 HOH HOH A . 
F 6 HOH 10  410 97  HOH HOH A . 
F 6 HOH 11  411 115 HOH HOH A . 
F 6 HOH 12  412 81  HOH HOH A . 
F 6 HOH 13  413 72  HOH HOH A . 
F 6 HOH 14  414 113 HOH HOH A . 
F 6 HOH 15  415 53  HOH HOH A . 
F 6 HOH 16  416 102 HOH HOH A . 
F 6 HOH 17  417 30  HOH HOH A . 
F 6 HOH 18  418 8   HOH HOH A . 
F 6 HOH 19  419 43  HOH HOH A . 
F 6 HOH 20  420 56  HOH HOH A . 
F 6 HOH 21  421 136 HOH HOH A . 
F 6 HOH 22  422 51  HOH HOH A . 
F 6 HOH 23  423 128 HOH HOH A . 
F 6 HOH 24  424 6   HOH HOH A . 
F 6 HOH 25  425 7   HOH HOH A . 
F 6 HOH 26  426 44  HOH HOH A . 
F 6 HOH 27  427 57  HOH HOH A . 
F 6 HOH 28  428 15  HOH HOH A . 
F 6 HOH 29  429 33  HOH HOH A . 
F 6 HOH 30  430 67  HOH HOH A . 
F 6 HOH 31  431 17  HOH HOH A . 
F 6 HOH 32  432 148 HOH HOH A . 
F 6 HOH 33  433 48  HOH HOH A . 
F 6 HOH 34  434 92  HOH HOH A . 
F 6 HOH 35  435 35  HOH HOH A . 
F 6 HOH 36  436 146 HOH HOH A . 
F 6 HOH 37  437 14  HOH HOH A . 
F 6 HOH 38  438 20  HOH HOH A . 
F 6 HOH 39  439 37  HOH HOH A . 
F 6 HOH 40  440 77  HOH HOH A . 
F 6 HOH 41  441 34  HOH HOH A . 
F 6 HOH 42  442 41  HOH HOH A . 
F 6 HOH 43  443 5   HOH HOH A . 
F 6 HOH 44  444 4   HOH HOH A . 
F 6 HOH 45  445 69  HOH HOH A . 
F 6 HOH 46  446 63  HOH HOH A . 
F 6 HOH 47  447 76  HOH HOH A . 
F 6 HOH 48  448 59  HOH HOH A . 
F 6 HOH 49  449 74  HOH HOH A . 
F 6 HOH 50  450 145 HOH HOH A . 
F 6 HOH 51  451 142 HOH HOH A . 
F 6 HOH 52  452 22  HOH HOH A . 
F 6 HOH 53  453 135 HOH HOH A . 
F 6 HOH 54  454 61  HOH HOH A . 
F 6 HOH 55  455 88  HOH HOH A . 
F 6 HOH 56  456 27  HOH HOH A . 
F 6 HOH 57  457 11  HOH HOH A . 
F 6 HOH 58  458 55  HOH HOH A . 
F 6 HOH 59  459 31  HOH HOH A . 
F 6 HOH 60  460 96  HOH HOH A . 
F 6 HOH 61  461 78  HOH HOH A . 
F 6 HOH 62  462 98  HOH HOH A . 
F 6 HOH 63  463 131 HOH HOH A . 
F 6 HOH 64  464 123 HOH HOH A . 
F 6 HOH 65  465 29  HOH HOH A . 
F 6 HOH 66  466 38  HOH HOH A . 
F 6 HOH 67  467 23  HOH HOH A . 
F 6 HOH 68  468 111 HOH HOH A . 
F 6 HOH 69  469 2   HOH HOH A . 
F 6 HOH 70  470 9   HOH HOH A . 
F 6 HOH 71  471 70  HOH HOH A . 
F 6 HOH 72  472 40  HOH HOH A . 
F 6 HOH 73  473 19  HOH HOH A . 
F 6 HOH 74  474 124 HOH HOH A . 
F 6 HOH 75  475 80  HOH HOH A . 
F 6 HOH 76  476 65  HOH HOH A . 
F 6 HOH 77  477 18  HOH HOH A . 
F 6 HOH 78  478 49  HOH HOH A . 
F 6 HOH 79  479 91  HOH HOH A . 
F 6 HOH 80  480 95  HOH HOH A . 
F 6 HOH 81  481 52  HOH HOH A . 
F 6 HOH 82  482 42  HOH HOH A . 
F 6 HOH 83  483 46  HOH HOH A . 
F 6 HOH 84  484 50  HOH HOH A . 
F 6 HOH 85  485 62  HOH HOH A . 
F 6 HOH 86  486 127 HOH HOH A . 
F 6 HOH 87  487 82  HOH HOH A . 
F 6 HOH 88  488 68  HOH HOH A . 
F 6 HOH 89  489 86  HOH HOH A . 
F 6 HOH 90  490 36  HOH HOH A . 
F 6 HOH 91  491 10  HOH HOH A . 
F 6 HOH 92  492 28  HOH HOH A . 
F 6 HOH 93  493 75  HOH HOH A . 
F 6 HOH 94  494 16  HOH HOH A . 
F 6 HOH 95  495 94  HOH HOH A . 
F 6 HOH 96  496 47  HOH HOH A . 
F 6 HOH 97  497 26  HOH HOH A . 
F 6 HOH 98  498 103 HOH HOH A . 
F 6 HOH 99  499 21  HOH HOH A . 
F 6 HOH 100 500 79  HOH HOH A . 
F 6 HOH 101 501 1   HOH HOH A . 
F 6 HOH 102 502 149 HOH HOH A . 
F 6 HOH 103 503 3   HOH HOH A . 
F 6 HOH 104 504 39  HOH HOH A . 
F 6 HOH 105 505 71  HOH HOH A . 
F 6 HOH 106 506 66  HOH HOH A . 
F 6 HOH 107 507 12  HOH HOH A . 
F 6 HOH 108 508 87  HOH HOH A . 
F 6 HOH 109 509 90  HOH HOH A . 
F 6 HOH 110 510 13  HOH HOH A . 
F 6 HOH 111 511 45  HOH HOH A . 
F 6 HOH 112 512 32  HOH HOH A . 
F 6 HOH 113 513 100 HOH HOH A . 
F 6 HOH 114 514 129 HOH HOH A . 
F 6 HOH 115 515 64  HOH HOH A . 
F 6 HOH 116 516 105 HOH HOH A . 
F 6 HOH 117 517 108 HOH HOH A . 
F 6 HOH 118 518 137 HOH HOH A . 
F 6 HOH 119 519 152 HOH HOH A . 
F 6 HOH 120 520 106 HOH HOH A . 
F 6 HOH 121 521 99  HOH HOH A . 
F 6 HOH 122 522 104 HOH HOH A . 
F 6 HOH 123 523 112 HOH HOH A . 
F 6 HOH 124 524 132 HOH HOH A . 
F 6 HOH 125 525 133 HOH HOH A . 
F 6 HOH 126 526 25  HOH HOH A . 
F 6 HOH 127 527 122 HOH HOH A . 
F 6 HOH 128 528 150 HOH HOH A . 
F 6 HOH 129 529 153 HOH HOH A . 
F 6 HOH 130 530 130 HOH HOH A . 
F 6 HOH 131 531 107 HOH HOH A . 
F 6 HOH 132 532 134 HOH HOH A . 
F 6 HOH 133 533 126 HOH HOH A . 
F 6 HOH 134 534 54  HOH HOH A . 
F 6 HOH 135 535 73  HOH HOH A . 
F 6 HOH 136 536 151 HOH HOH A . 
F 6 HOH 137 537 141 HOH HOH A . 
# 
_pdbx_struct_assembly.id                   1 
_pdbx_struct_assembly.details              author_defined_assembly 
_pdbx_struct_assembly.method_details       ? 
_pdbx_struct_assembly.oligomeric_details   monomeric 
_pdbx_struct_assembly.oligomeric_count     1 
# 
_pdbx_struct_assembly_gen.assembly_id       1 
_pdbx_struct_assembly_gen.oper_expression   1 
_pdbx_struct_assembly_gen.asym_id_list      A,B,C,D,E,F 
# 
loop_
_pdbx_struct_assembly_prop.biol_id 
_pdbx_struct_assembly_prop.type 
_pdbx_struct_assembly_prop.value 
_pdbx_struct_assembly_prop.details 
1 'ABSA (A^2)' 270  ? 
1 MORE         -9   ? 
1 'SSA (A^2)'  6420 ? 
# 
_pdbx_struct_oper_list.id                   1 
_pdbx_struct_oper_list.type                 'identity operation' 
_pdbx_struct_oper_list.name                 1_555 
_pdbx_struct_oper_list.symmetry_operation   x,y,z 
_pdbx_struct_oper_list.matrix[1][1]         1.0000000000 
_pdbx_struct_oper_list.matrix[1][2]         0.0000000000 
_pdbx_struct_oper_list.matrix[1][3]         0.0000000000 
_pdbx_struct_oper_list.vector[1]            0.0000000000 
_pdbx_struct_oper_list.matrix[2][1]         0.0000000000 
_pdbx_struct_oper_list.matrix[2][2]         1.0000000000 
_pdbx_struct_oper_list.matrix[2][3]         0.0000000000 
_pdbx_struct_oper_list.vector[2]            0.0000000000 
_pdbx_struct_oper_list.matrix[3][1]         0.0000000000 
_pdbx_struct_oper_list.matrix[3][2]         0.0000000000 
_pdbx_struct_oper_list.matrix[3][3]         1.0000000000 
_pdbx_struct_oper_list.vector[3]            0.0000000000 
# 
loop_
_pdbx_struct_conn_angle.id 
_pdbx_struct_conn_angle.ptnr1_label_atom_id 
_pdbx_struct_conn_angle.ptnr1_label_alt_id 
_pdbx_struct_conn_angle.ptnr1_label_asym_id 
_pdbx_struct_conn_angle.ptnr1_label_comp_id 
_pdbx_struct_conn_angle.ptnr1_label_seq_id 
_pdbx_struct_conn_angle.ptnr1_auth_atom_id 
_pdbx_struct_conn_angle.ptnr1_auth_asym_id 
_pdbx_struct_conn_angle.ptnr1_auth_comp_id 
_pdbx_struct_conn_angle.ptnr1_auth_seq_id 
_pdbx_struct_conn_angle.ptnr1_PDB_ins_code 
_pdbx_struct_conn_angle.ptnr1_symmetry 
_pdbx_struct_conn_angle.ptnr2_label_atom_id 
_pdbx_struct_conn_angle.ptnr2_label_alt_id 
_pdbx_struct_conn_angle.ptnr2_label_asym_id 
_pdbx_struct_conn_angle.ptnr2_label_comp_id 
_pdbx_struct_conn_angle.ptnr2_label_seq_id 
_pdbx_struct_conn_angle.ptnr2_auth_atom_id 
_pdbx_struct_conn_angle.ptnr2_auth_asym_id 
_pdbx_struct_conn_angle.ptnr2_auth_comp_id 
_pdbx_struct_conn_angle.ptnr2_auth_seq_id 
_pdbx_struct_conn_angle.ptnr2_PDB_ins_code 
_pdbx_struct_conn_angle.ptnr2_symmetry 
_pdbx_struct_conn_angle.ptnr3_label_atom_id 
_pdbx_struct_conn_angle.ptnr3_label_alt_id 
_pdbx_struct_conn_angle.ptnr3_label_asym_id 
_pdbx_struct_conn_angle.ptnr3_label_comp_id 
_pdbx_struct_conn_angle.ptnr3_label_seq_id 
_pdbx_struct_conn_angle.ptnr3_auth_atom_id 
_pdbx_struct_conn_angle.ptnr3_auth_asym_id 
_pdbx_struct_conn_angle.ptnr3_auth_comp_id 
_pdbx_struct_conn_angle.ptnr3_auth_seq_id 
_pdbx_struct_conn_angle.ptnr3_PDB_ins_code 
_pdbx_struct_conn_angle.ptnr3_symmetry 
_pdbx_struct_conn_angle.value 
_pdbx_struct_conn_angle.value_esd 
1 SG ? A CYS 30 ? A CYS 199 ? 1_555 ZN ? E ZN . ? A ZN 304 ? 1_555 SG  ? A CYS 33 ? A CYS 202 ? 1_555 115.3 ? 
2 SG ? A CYS 30 ? A CYS 199 ? 1_555 ZN ? E ZN . ? A ZN 304 ? 1_555 SG  ? A CYS 50 ? A CYS 219 ? 1_555 112.2 ? 
3 SG ? A CYS 33 ? A CYS 202 ? 1_555 ZN ? E ZN . ? A ZN 304 ? 1_555 SG  ? A CYS 50 ? A CYS 219 ? 1_555 110.1 ? 
4 SG ? A CYS 30 ? A CYS 199 ? 1_555 ZN ? E ZN . ? A ZN 304 ? 1_555 ND1 ? A HIS 63 ? A HIS 232 ? 1_555 105.7 ? 
5 SG ? A CYS 33 ? A CYS 202 ? 1_555 ZN ? E ZN . ? A ZN 304 ? 1_555 ND1 ? A HIS 63 ? A HIS 232 ? 1_555 116.1 ? 
6 SG ? A CYS 50 ? A CYS 219 ? 1_555 ZN ? E ZN . ? A ZN 304 ? 1_555 ND1 ? A HIS 63 ? A HIS 232 ? 1_555 95.8  ? 
# 
loop_
_pdbx_audit_revision_history.ordinal 
_pdbx_audit_revision_history.data_content_type 
_pdbx_audit_revision_history.major_revision 
_pdbx_audit_revision_history.minor_revision 
_pdbx_audit_revision_history.revision_date 
1 'Structure model' 1 0 2021-06-09 
2 'Structure model' 1 1 2021-10-27 
3 'Structure model' 1 2 2021-11-10 
4 'Structure model' 1 3 2023-10-18 
# 
_pdbx_audit_revision_details.ordinal             1 
_pdbx_audit_revision_details.revision_ordinal    1 
_pdbx_audit_revision_details.data_content_type   'Structure model' 
_pdbx_audit_revision_details.provider            repository 
_pdbx_audit_revision_details.type                'Initial release' 
_pdbx_audit_revision_details.description         ? 
_pdbx_audit_revision_details.details             ? 
# 
loop_
_pdbx_audit_revision_group.ordinal 
_pdbx_audit_revision_group.revision_ordinal 
_pdbx_audit_revision_group.data_content_type 
_pdbx_audit_revision_group.group 
1 2 'Structure model' 'Database references'    
2 3 'Structure model' 'Database references'    
3 4 'Structure model' 'Data collection'        
4 4 'Structure model' 'Refinement description' 
# 
loop_
_pdbx_audit_revision_category.ordinal 
_pdbx_audit_revision_category.revision_ordinal 
_pdbx_audit_revision_category.data_content_type 
_pdbx_audit_revision_category.category 
1 2 'Structure model' citation                      
2 2 'Structure model' citation_author               
3 2 'Structure model' database_2                    
4 3 'Structure model' citation                      
5 3 'Structure model' citation_author               
6 4 'Structure model' chem_comp_atom                
7 4 'Structure model' chem_comp_bond                
8 4 'Structure model' pdbx_initial_refinement_model 
# 
loop_
_pdbx_audit_revision_item.ordinal 
_pdbx_audit_revision_item.revision_ordinal 
_pdbx_audit_revision_item.data_content_type 
_pdbx_audit_revision_item.item 
1  2 'Structure model' '_citation.country'                   
2  2 'Structure model' '_citation.journal_abbrev'            
3  2 'Structure model' '_citation.journal_id_ASTM'           
4  2 'Structure model' '_citation.journal_id_CSD'            
5  2 'Structure model' '_citation.journal_id_ISSN'           
6  2 'Structure model' '_citation.pdbx_database_id_DOI'      
7  2 'Structure model' '_citation.pdbx_database_id_PubMed'   
8  2 'Structure model' '_citation.title'                     
9  2 'Structure model' '_citation.year'                      
10 2 'Structure model' '_database_2.pdbx_DOI'                
11 2 'Structure model' '_database_2.pdbx_database_accession' 
12 3 'Structure model' '_citation.journal_volume'            
13 3 'Structure model' '_citation.page_first'                
14 3 'Structure model' '_citation.page_last'                 
15 3 'Structure model' '_citation_author.identifier_ORCID'   
# 
loop_
_software.citation_id 
_software.classification 
_software.compiler_name 
_software.compiler_version 
_software.contact_author 
_software.contact_author_email 
_software.date 
_software.description 
_software.dependencies 
_software.hardware 
_software.language 
_software.location 
_software.mods 
_software.name 
_software.os 
_software.os_version 
_software.type 
_software.version 
_software.pdbx_ordinal 
? 'data scaling'    ? ? ? ? ? ? ? ? ? ? ? Aimless     ? ? ? 0.7.4    1 
? refinement        ? ? ? ? ? ? ? ? ? ? ? REFMAC      ? ? ? 5.8.0267 2 
? 'data extraction' ? ? ? ? ? ? ? ? ? ? ? PDB_EXTRACT ? ? ? 3.27     3 
? 'data reduction'  ? ? ? ? ? ? ? ? ? ? ? xia2        ? ? ? .        4 
# 
_pdbx_entry_details.entry_id                 7MS6 
_pdbx_entry_details.has_ligand_of_interest   Y 
_pdbx_entry_details.compound_details         ? 
_pdbx_entry_details.source_details           ? 
_pdbx_entry_details.nonpolymer_details       ? 
_pdbx_entry_details.sequence_details         ? 
# 
loop_
_pdbx_validate_close_contact.id 
_pdbx_validate_close_contact.PDB_model_num 
_pdbx_validate_close_contact.auth_atom_id_1 
_pdbx_validate_close_contact.auth_asym_id_1 
_pdbx_validate_close_contact.auth_comp_id_1 
_pdbx_validate_close_contact.auth_seq_id_1 
_pdbx_validate_close_contact.PDB_ins_code_1 
_pdbx_validate_close_contact.label_alt_id_1 
_pdbx_validate_close_contact.auth_atom_id_2 
_pdbx_validate_close_contact.auth_asym_id_2 
_pdbx_validate_close_contact.auth_comp_id_2 
_pdbx_validate_close_contact.auth_seq_id_2 
_pdbx_validate_close_contact.PDB_ins_code_2 
_pdbx_validate_close_contact.label_alt_id_2 
_pdbx_validate_close_contact.dist 
1 1 NH1 A ARG 205 ? B O A HOH 401 ? ? 2.14 
2 1 NE  A ARG 205 ? A O A HOH 402 ? ? 2.16 
# 
loop_
_pdbx_unobs_or_zero_occ_atoms.id 
_pdbx_unobs_or_zero_occ_atoms.PDB_model_num 
_pdbx_unobs_or_zero_occ_atoms.polymer_flag 
_pdbx_unobs_or_zero_occ_atoms.occupancy_flag 
_pdbx_unobs_or_zero_occ_atoms.auth_asym_id 
_pdbx_unobs_or_zero_occ_atoms.auth_comp_id 
_pdbx_unobs_or_zero_occ_atoms.auth_seq_id 
_pdbx_unobs_or_zero_occ_atoms.PDB_ins_code 
_pdbx_unobs_or_zero_occ_atoms.auth_atom_id 
_pdbx_unobs_or_zero_occ_atoms.label_alt_id 
_pdbx_unobs_or_zero_occ_atoms.label_asym_id 
_pdbx_unobs_or_zero_occ_atoms.label_comp_id 
_pdbx_unobs_or_zero_occ_atoms.label_seq_id 
_pdbx_unobs_or_zero_occ_atoms.label_atom_id 
1  1 Y 1 A VAL 173 ? CG1 ? A VAL 4  CG1 
2  1 Y 1 A VAL 173 ? CG2 ? A VAL 4  CG2 
3  1 Y 1 A LYS 178 ? NZ  ? A LYS 9  NZ  
4  1 Y 1 A LYS 184 ? CG  ? A LYS 15 CG  
5  1 Y 1 A LYS 184 ? CD  ? A LYS 15 CD  
6  1 Y 1 A LYS 184 ? CE  ? A LYS 15 CE  
7  1 Y 1 A LYS 184 ? NZ  ? A LYS 15 NZ  
8  1 Y 1 A ARG 191 ? CG  ? A ARG 22 CG  
9  1 Y 1 A ARG 191 ? CD  ? A ARG 22 CD  
10 1 Y 1 A ARG 191 ? NE  ? A ARG 22 NE  
11 1 Y 1 A ARG 191 ? CZ  ? A ARG 22 CZ  
12 1 Y 1 A ARG 191 ? NH1 ? A ARG 22 NH1 
13 1 Y 1 A ARG 191 ? NH2 ? A ARG 22 NH2 
# 
loop_
_pdbx_unobs_or_zero_occ_residues.id 
_pdbx_unobs_or_zero_occ_residues.PDB_model_num 
_pdbx_unobs_or_zero_occ_residues.polymer_flag 
_pdbx_unobs_or_zero_occ_residues.occupancy_flag 
_pdbx_unobs_or_zero_occ_residues.auth_asym_id 
_pdbx_unobs_or_zero_occ_residues.auth_comp_id 
_pdbx_unobs_or_zero_occ_residues.auth_seq_id 
_pdbx_unobs_or_zero_occ_residues.PDB_ins_code 
_pdbx_unobs_or_zero_occ_residues.label_asym_id 
_pdbx_unobs_or_zero_occ_residues.label_comp_id 
_pdbx_unobs_or_zero_occ_residues.label_seq_id 
1  1 Y 1 A GLY 170 ? A GLY 1   
2  1 Y 1 A GLY 171 ? A GLY 2   
3  1 Y 1 A GLU 172 ? A GLU 3   
4  1 Y 1 A LEU 284 ? A LEU 115 
5  1 Y 1 A LYS 285 ? A LYS 116 
6  1 Y 1 A MET 286 ? A MET 117 
7  1 Y 1 A GLN 287 ? A GLN 118 
8  1 Y 1 A LYS 288 ? A LYS 119 
9  1 Y 1 A THR 289 ? A THR 120 
10 1 Y 1 A ASP 290 ? A ASP 121 
# 
loop_
_chem_comp_atom.comp_id 
_chem_comp_atom.atom_id 
_chem_comp_atom.type_symbol 
_chem_comp_atom.pdbx_aromatic_flag 
_chem_comp_atom.pdbx_stereo_config 
_chem_comp_atom.pdbx_ordinal 
ALA N    N  N N 1   
ALA CA   C  N S 2   
ALA C    C  N N 3   
ALA O    O  N N 4   
ALA CB   C  N N 5   
ALA OXT  O  N N 6   
ALA H    H  N N 7   
ALA H2   H  N N 8   
ALA HA   H  N N 9   
ALA HB1  H  N N 10  
ALA HB2  H  N N 11  
ALA HB3  H  N N 12  
ALA HXT  H  N N 13  
ARG N    N  N N 14  
ARG CA   C  N S 15  
ARG C    C  N N 16  
ARG O    O  N N 17  
ARG CB   C  N N 18  
ARG CG   C  N N 19  
ARG CD   C  N N 20  
ARG NE   N  N N 21  
ARG CZ   C  N N 22  
ARG NH1  N  N N 23  
ARG NH2  N  N N 24  
ARG OXT  O  N N 25  
ARG H    H  N N 26  
ARG H2   H  N N 27  
ARG HA   H  N N 28  
ARG HB2  H  N N 29  
ARG HB3  H  N N 30  
ARG HG2  H  N N 31  
ARG HG3  H  N N 32  
ARG HD2  H  N N 33  
ARG HD3  H  N N 34  
ARG HE   H  N N 35  
ARG HH11 H  N N 36  
ARG HH12 H  N N 37  
ARG HH21 H  N N 38  
ARG HH22 H  N N 39  
ARG HXT  H  N N 40  
ASN N    N  N N 41  
ASN CA   C  N S 42  
ASN C    C  N N 43  
ASN O    O  N N 44  
ASN CB   C  N N 45  
ASN CG   C  N N 46  
ASN OD1  O  N N 47  
ASN ND2  N  N N 48  
ASN OXT  O  N N 49  
ASN H    H  N N 50  
ASN H2   H  N N 51  
ASN HA   H  N N 52  
ASN HB2  H  N N 53  
ASN HB3  H  N N 54  
ASN HD21 H  N N 55  
ASN HD22 H  N N 56  
ASN HXT  H  N N 57  
ASP N    N  N N 58  
ASP CA   C  N S 59  
ASP C    C  N N 60  
ASP O    O  N N 61  
ASP CB   C  N N 62  
ASP CG   C  N N 63  
ASP OD1  O  N N 64  
ASP OD2  O  N N 65  
ASP OXT  O  N N 66  
ASP H    H  N N 67  
ASP H2   H  N N 68  
ASP HA   H  N N 69  
ASP HB2  H  N N 70  
ASP HB3  H  N N 71  
ASP HD2  H  N N 72  
ASP HXT  H  N N 73  
CYS N    N  N N 74  
CYS CA   C  N R 75  
CYS C    C  N N 76  
CYS O    O  N N 77  
CYS CB   C  N N 78  
CYS SG   S  N N 79  
CYS OXT  O  N N 80  
CYS H    H  N N 81  
CYS H2   H  N N 82  
CYS HA   H  N N 83  
CYS HB2  H  N N 84  
CYS HB3  H  N N 85  
CYS HG   H  N N 86  
CYS HXT  H  N N 87  
EDO C1   C  N N 88  
EDO O1   O  N N 89  
EDO C2   C  N N 90  
EDO O2   O  N N 91  
EDO H11  H  N N 92  
EDO H12  H  N N 93  
EDO HO1  H  N N 94  
EDO H21  H  N N 95  
EDO H22  H  N N 96  
EDO HO2  H  N N 97  
GLN N    N  N N 98  
GLN CA   C  N S 99  
GLN C    C  N N 100 
GLN O    O  N N 101 
GLN CB   C  N N 102 
GLN CG   C  N N 103 
GLN CD   C  N N 104 
GLN OE1  O  N N 105 
GLN NE2  N  N N 106 
GLN OXT  O  N N 107 
GLN H    H  N N 108 
GLN H2   H  N N 109 
GLN HA   H  N N 110 
GLN HB2  H  N N 111 
GLN HB3  H  N N 112 
GLN HG2  H  N N 113 
GLN HG3  H  N N 114 
GLN HE21 H  N N 115 
GLN HE22 H  N N 116 
GLN HXT  H  N N 117 
GLU N    N  N N 118 
GLU CA   C  N S 119 
GLU C    C  N N 120 
GLU O    O  N N 121 
GLU CB   C  N N 122 
GLU CG   C  N N 123 
GLU CD   C  N N 124 
GLU OE1  O  N N 125 
GLU OE2  O  N N 126 
GLU OXT  O  N N 127 
GLU H    H  N N 128 
GLU H2   H  N N 129 
GLU HA   H  N N 130 
GLU HB2  H  N N 131 
GLU HB3  H  N N 132 
GLU HG2  H  N N 133 
GLU HG3  H  N N 134 
GLU HE2  H  N N 135 
GLU HXT  H  N N 136 
GLY N    N  N N 137 
GLY CA   C  N N 138 
GLY C    C  N N 139 
GLY O    O  N N 140 
GLY OXT  O  N N 141 
GLY H    H  N N 142 
GLY H2   H  N N 143 
GLY HA2  H  N N 144 
GLY HA3  H  N N 145 
GLY HXT  H  N N 146 
HIS N    N  N N 147 
HIS CA   C  N S 148 
HIS C    C  N N 149 
HIS O    O  N N 150 
HIS CB   C  N N 151 
HIS CG   C  Y N 152 
HIS ND1  N  Y N 153 
HIS CD2  C  Y N 154 
HIS CE1  C  Y N 155 
HIS NE2  N  Y N 156 
HIS OXT  O  N N 157 
HIS H    H  N N 158 
HIS H2   H  N N 159 
HIS HA   H  N N 160 
HIS HB2  H  N N 161 
HIS HB3  H  N N 162 
HIS HD1  H  N N 163 
HIS HD2  H  N N 164 
HIS HE1  H  N N 165 
HIS HE2  H  N N 166 
HIS HXT  H  N N 167 
HOH O    O  N N 168 
HOH H1   H  N N 169 
HOH H2   H  N N 170 
ILE N    N  N N 171 
ILE CA   C  N S 172 
ILE C    C  N N 173 
ILE O    O  N N 174 
ILE CB   C  N S 175 
ILE CG1  C  N N 176 
ILE CG2  C  N N 177 
ILE CD1  C  N N 178 
ILE OXT  O  N N 179 
ILE H    H  N N 180 
ILE H2   H  N N 181 
ILE HA   H  N N 182 
ILE HB   H  N N 183 
ILE HG12 H  N N 184 
ILE HG13 H  N N 185 
ILE HG21 H  N N 186 
ILE HG22 H  N N 187 
ILE HG23 H  N N 188 
ILE HD11 H  N N 189 
ILE HD12 H  N N 190 
ILE HD13 H  N N 191 
ILE HXT  H  N N 192 
LEU N    N  N N 193 
LEU CA   C  N S 194 
LEU C    C  N N 195 
LEU O    O  N N 196 
LEU CB   C  N N 197 
LEU CG   C  N N 198 
LEU CD1  C  N N 199 
LEU CD2  C  N N 200 
LEU OXT  O  N N 201 
LEU H    H  N N 202 
LEU H2   H  N N 203 
LEU HA   H  N N 204 
LEU HB2  H  N N 205 
LEU HB3  H  N N 206 
LEU HG   H  N N 207 
LEU HD11 H  N N 208 
LEU HD12 H  N N 209 
LEU HD13 H  N N 210 
LEU HD21 H  N N 211 
LEU HD22 H  N N 212 
LEU HD23 H  N N 213 
LEU HXT  H  N N 214 
LYS N    N  N N 215 
LYS CA   C  N S 216 
LYS C    C  N N 217 
LYS O    O  N N 218 
LYS CB   C  N N 219 
LYS CG   C  N N 220 
LYS CD   C  N N 221 
LYS CE   C  N N 222 
LYS NZ   N  N N 223 
LYS OXT  O  N N 224 
LYS H    H  N N 225 
LYS H2   H  N N 226 
LYS HA   H  N N 227 
LYS HB2  H  N N 228 
LYS HB3  H  N N 229 
LYS HG2  H  N N 230 
LYS HG3  H  N N 231 
LYS HD2  H  N N 232 
LYS HD3  H  N N 233 
LYS HE2  H  N N 234 
LYS HE3  H  N N 235 
LYS HZ1  H  N N 236 
LYS HZ2  H  N N 237 
LYS HZ3  H  N N 238 
LYS HXT  H  N N 239 
MET N    N  N N 240 
MET CA   C  N S 241 
MET C    C  N N 242 
MET O    O  N N 243 
MET CB   C  N N 244 
MET CG   C  N N 245 
MET SD   S  N N 246 
MET CE   C  N N 247 
MET OXT  O  N N 248 
MET H    H  N N 249 
MET H2   H  N N 250 
MET HA   H  N N 251 
MET HB2  H  N N 252 
MET HB3  H  N N 253 
MET HG2  H  N N 254 
MET HG3  H  N N 255 
MET HE1  H  N N 256 
MET HE2  H  N N 257 
MET HE3  H  N N 258 
MET HXT  H  N N 259 
PHE N    N  N N 260 
PHE CA   C  N S 261 
PHE C    C  N N 262 
PHE O    O  N N 263 
PHE CB   C  N N 264 
PHE CG   C  Y N 265 
PHE CD1  C  Y N 266 
PHE CD2  C  Y N 267 
PHE CE1  C  Y N 268 
PHE CE2  C  Y N 269 
PHE CZ   C  Y N 270 
PHE OXT  O  N N 271 
PHE H    H  N N 272 
PHE H2   H  N N 273 
PHE HA   H  N N 274 
PHE HB2  H  N N 275 
PHE HB3  H  N N 276 
PHE HD1  H  N N 277 
PHE HD2  H  N N 278 
PHE HE1  H  N N 279 
PHE HE2  H  N N 280 
PHE HZ   H  N N 281 
PHE HXT  H  N N 282 
PRO N    N  N N 283 
PRO CA   C  N S 284 
PRO C    C  N N 285 
PRO O    O  N N 286 
PRO CB   C  N N 287 
PRO CG   C  N N 288 
PRO CD   C  N N 289 
PRO OXT  O  N N 290 
PRO H    H  N N 291 
PRO HA   H  N N 292 
PRO HB2  H  N N 293 
PRO HB3  H  N N 294 
PRO HG2  H  N N 295 
PRO HG3  H  N N 296 
PRO HD2  H  N N 297 
PRO HD3  H  N N 298 
PRO HXT  H  N N 299 
SER N    N  N N 300 
SER CA   C  N S 301 
SER C    C  N N 302 
SER O    O  N N 303 
SER CB   C  N N 304 
SER OG   O  N N 305 
SER OXT  O  N N 306 
SER H    H  N N 307 
SER H2   H  N N 308 
SER HA   H  N N 309 
SER HB2  H  N N 310 
SER HB3  H  N N 311 
SER HG   H  N N 312 
SER HXT  H  N N 313 
SO4 S    S  N N 314 
SO4 O1   O  N N 315 
SO4 O2   O  N N 316 
SO4 O3   O  N N 317 
SO4 O4   O  N N 318 
THR N    N  N N 319 
THR CA   C  N S 320 
THR C    C  N N 321 
THR O    O  N N 322 
THR CB   C  N R 323 
THR OG1  O  N N 324 
THR CG2  C  N N 325 
THR OXT  O  N N 326 
THR H    H  N N 327 
THR H2   H  N N 328 
THR HA   H  N N 329 
THR HB   H  N N 330 
THR HG1  H  N N 331 
THR HG21 H  N N 332 
THR HG22 H  N N 333 
THR HG23 H  N N 334 
THR HXT  H  N N 335 
TRP N    N  N N 336 
TRP CA   C  N S 337 
TRP C    C  N N 338 
TRP O    O  N N 339 
TRP CB   C  N N 340 
TRP CG   C  Y N 341 
TRP CD1  C  Y N 342 
TRP CD2  C  Y N 343 
TRP NE1  N  Y N 344 
TRP CE2  C  Y N 345 
TRP CE3  C  Y N 346 
TRP CZ2  C  Y N 347 
TRP CZ3  C  Y N 348 
TRP CH2  C  Y N 349 
TRP OXT  O  N N 350 
TRP H    H  N N 351 
TRP H2   H  N N 352 
TRP HA   H  N N 353 
TRP HB2  H  N N 354 
TRP HB3  H  N N 355 
TRP HD1  H  N N 356 
TRP HE1  H  N N 357 
TRP HE3  H  N N 358 
TRP HZ2  H  N N 359 
TRP HZ3  H  N N 360 
TRP HH2  H  N N 361 
TRP HXT  H  N N 362 
TYR N    N  N N 363 
TYR CA   C  N S 364 
TYR C    C  N N 365 
TYR O    O  N N 366 
TYR CB   C  N N 367 
TYR CG   C  Y N 368 
TYR CD1  C  Y N 369 
TYR CD2  C  Y N 370 
TYR CE1  C  Y N 371 
TYR CE2  C  Y N 372 
TYR CZ   C  Y N 373 
TYR OH   O  N N 374 
TYR OXT  O  N N 375 
TYR H    H  N N 376 
TYR H2   H  N N 377 
TYR HA   H  N N 378 
TYR HB2  H  N N 379 
TYR HB3  H  N N 380 
TYR HD1  H  N N 381 
TYR HD2  H  N N 382 
TYR HE1  H  N N 383 
TYR HE2  H  N N 384 
TYR HH   H  N N 385 
TYR HXT  H  N N 386 
VAL N    N  N N 387 
VAL CA   C  N S 388 
VAL C    C  N N 389 
VAL O    O  N N 390 
VAL CB   C  N N 391 
VAL CG1  C  N N 392 
VAL CG2  C  N N 393 
VAL OXT  O  N N 394 
VAL H    H  N N 395 
VAL H2   H  N N 396 
VAL HA   H  N N 397 
VAL HB   H  N N 398 
VAL HG11 H  N N 399 
VAL HG12 H  N N 400 
VAL HG13 H  N N 401 
VAL HG21 H  N N 402 
VAL HG22 H  N N 403 
VAL HG23 H  N N 404 
VAL HXT  H  N N 405 
ZN  ZN   ZN N N 406 
ZPV C1   C  N N 407 
ZPV C2   C  N N 408 
ZPV C3   C  N N 409 
ZPV C4   C  N N 410 
ZPV C5   C  Y N 411 
ZPV C6   C  Y N 412 
ZPV C8   C  Y N 413 
ZPV C9   C  Y N 414 
ZPV C10  C  Y N 415 
ZPV C11  C  Y N 416 
ZPV C12  C  Y N 417 
ZPV C13  C  Y N 418 
ZPV C14  C  Y N 419 
ZPV C15  C  N N 420 
ZPV C16  C  N N 421 
ZPV C17  C  N N 422 
ZPV C18  C  Y N 423 
ZPV C19  C  Y N 424 
ZPV O1   O  N N 425 
ZPV O2   O  N N 426 
ZPV O3   O  N N 427 
ZPV O4   O  N N 428 
ZPV S    S  N N 429 
ZPV F    F  N N 430 
ZPV N1   N  N N 431 
ZPV O    O  N N 432 
ZPV N    N  N N 433 
ZPV C    C  N N 434 
ZPV C7   C  Y N 435 
ZPV H1   H  N N 436 
ZPV H2   H  N N 437 
ZPV H3   H  N N 438 
ZPV H4   H  N N 439 
ZPV H5   H  N N 440 
ZPV H6   H  N N 441 
ZPV H7   H  N N 442 
ZPV H8   H  N N 443 
ZPV H9   H  N N 444 
ZPV H10  H  N N 445 
ZPV H11  H  N N 446 
ZPV H12  H  N N 447 
ZPV H13  H  N N 448 
ZPV H14  H  N N 449 
ZPV H15  H  N N 450 
ZPV H16  H  N N 451 
ZPV H17  H  N N 452 
ZPV H18  H  N N 453 
ZPV H19  H  N N 454 
ZPV H20  H  N N 455 
ZPV H21  H  N N 456 
# 
loop_
_chem_comp_bond.comp_id 
_chem_comp_bond.atom_id_1 
_chem_comp_bond.atom_id_2 
_chem_comp_bond.value_order 
_chem_comp_bond.pdbx_aromatic_flag 
_chem_comp_bond.pdbx_stereo_config 
_chem_comp_bond.pdbx_ordinal 
ALA N   CA   sing N N 1   
ALA N   H    sing N N 2   
ALA N   H2   sing N N 3   
ALA CA  C    sing N N 4   
ALA CA  CB   sing N N 5   
ALA CA  HA   sing N N 6   
ALA C   O    doub N N 7   
ALA C   OXT  sing N N 8   
ALA CB  HB1  sing N N 9   
ALA CB  HB2  sing N N 10  
ALA CB  HB3  sing N N 11  
ALA OXT HXT  sing N N 12  
ARG N   CA   sing N N 13  
ARG N   H    sing N N 14  
ARG N   H2   sing N N 15  
ARG CA  C    sing N N 16  
ARG CA  CB   sing N N 17  
ARG CA  HA   sing N N 18  
ARG C   O    doub N N 19  
ARG C   OXT  sing N N 20  
ARG CB  CG   sing N N 21  
ARG CB  HB2  sing N N 22  
ARG CB  HB3  sing N N 23  
ARG CG  CD   sing N N 24  
ARG CG  HG2  sing N N 25  
ARG CG  HG3  sing N N 26  
ARG CD  NE   sing N N 27  
ARG CD  HD2  sing N N 28  
ARG CD  HD3  sing N N 29  
ARG NE  CZ   sing N N 30  
ARG NE  HE   sing N N 31  
ARG CZ  NH1  sing N N 32  
ARG CZ  NH2  doub N N 33  
ARG NH1 HH11 sing N N 34  
ARG NH1 HH12 sing N N 35  
ARG NH2 HH21 sing N N 36  
ARG NH2 HH22 sing N N 37  
ARG OXT HXT  sing N N 38  
ASN N   CA   sing N N 39  
ASN N   H    sing N N 40  
ASN N   H2   sing N N 41  
ASN CA  C    sing N N 42  
ASN CA  CB   sing N N 43  
ASN CA  HA   sing N N 44  
ASN C   O    doub N N 45  
ASN C   OXT  sing N N 46  
ASN CB  CG   sing N N 47  
ASN CB  HB2  sing N N 48  
ASN CB  HB3  sing N N 49  
ASN CG  OD1  doub N N 50  
ASN CG  ND2  sing N N 51  
ASN ND2 HD21 sing N N 52  
ASN ND2 HD22 sing N N 53  
ASN OXT HXT  sing N N 54  
ASP N   CA   sing N N 55  
ASP N   H    sing N N 56  
ASP N   H2   sing N N 57  
ASP CA  C    sing N N 58  
ASP CA  CB   sing N N 59  
ASP CA  HA   sing N N 60  
ASP C   O    doub N N 61  
ASP C   OXT  sing N N 62  
ASP CB  CG   sing N N 63  
ASP CB  HB2  sing N N 64  
ASP CB  HB3  sing N N 65  
ASP CG  OD1  doub N N 66  
ASP CG  OD2  sing N N 67  
ASP OD2 HD2  sing N N 68  
ASP OXT HXT  sing N N 69  
CYS N   CA   sing N N 70  
CYS N   H    sing N N 71  
CYS N   H2   sing N N 72  
CYS CA  C    sing N N 73  
CYS CA  CB   sing N N 74  
CYS CA  HA   sing N N 75  
CYS C   O    doub N N 76  
CYS C   OXT  sing N N 77  
CYS CB  SG   sing N N 78  
CYS CB  HB2  sing N N 79  
CYS CB  HB3  sing N N 80  
CYS SG  HG   sing N N 81  
CYS OXT HXT  sing N N 82  
EDO C1  O1   sing N N 83  
EDO C1  C2   sing N N 84  
EDO C1  H11  sing N N 85  
EDO C1  H12  sing N N 86  
EDO O1  HO1  sing N N 87  
EDO C2  O2   sing N N 88  
EDO C2  H21  sing N N 89  
EDO C2  H22  sing N N 90  
EDO O2  HO2  sing N N 91  
GLN N   CA   sing N N 92  
GLN N   H    sing N N 93  
GLN N   H2   sing N N 94  
GLN CA  C    sing N N 95  
GLN CA  CB   sing N N 96  
GLN CA  HA   sing N N 97  
GLN C   O    doub N N 98  
GLN C   OXT  sing N N 99  
GLN CB  CG   sing N N 100 
GLN CB  HB2  sing N N 101 
GLN CB  HB3  sing N N 102 
GLN CG  CD   sing N N 103 
GLN CG  HG2  sing N N 104 
GLN CG  HG3  sing N N 105 
GLN CD  OE1  doub N N 106 
GLN CD  NE2  sing N N 107 
GLN NE2 HE21 sing N N 108 
GLN NE2 HE22 sing N N 109 
GLN OXT HXT  sing N N 110 
GLU N   CA   sing N N 111 
GLU N   H    sing N N 112 
GLU N   H2   sing N N 113 
GLU CA  C    sing N N 114 
GLU CA  CB   sing N N 115 
GLU CA  HA   sing N N 116 
GLU C   O    doub N N 117 
GLU C   OXT  sing N N 118 
GLU CB  CG   sing N N 119 
GLU CB  HB2  sing N N 120 
GLU CB  HB3  sing N N 121 
GLU CG  CD   sing N N 122 
GLU CG  HG2  sing N N 123 
GLU CG  HG3  sing N N 124 
GLU CD  OE1  doub N N 125 
GLU CD  OE2  sing N N 126 
GLU OE2 HE2  sing N N 127 
GLU OXT HXT  sing N N 128 
GLY N   CA   sing N N 129 
GLY N   H    sing N N 130 
GLY N   H2   sing N N 131 
GLY CA  C    sing N N 132 
GLY CA  HA2  sing N N 133 
GLY CA  HA3  sing N N 134 
GLY C   O    doub N N 135 
GLY C   OXT  sing N N 136 
GLY OXT HXT  sing N N 137 
HIS N   CA   sing N N 138 
HIS N   H    sing N N 139 
HIS N   H2   sing N N 140 
HIS CA  C    sing N N 141 
HIS CA  CB   sing N N 142 
HIS CA  HA   sing N N 143 
HIS C   O    doub N N 144 
HIS C   OXT  sing N N 145 
HIS CB  CG   sing N N 146 
HIS CB  HB2  sing N N 147 
HIS CB  HB3  sing N N 148 
HIS CG  ND1  sing Y N 149 
HIS CG  CD2  doub Y N 150 
HIS ND1 CE1  doub Y N 151 
HIS ND1 HD1  sing N N 152 
HIS CD2 NE2  sing Y N 153 
HIS CD2 HD2  sing N N 154 
HIS CE1 NE2  sing Y N 155 
HIS CE1 HE1  sing N N 156 
HIS NE2 HE2  sing N N 157 
HIS OXT HXT  sing N N 158 
HOH O   H1   sing N N 159 
HOH O   H2   sing N N 160 
ILE N   CA   sing N N 161 
ILE N   H    sing N N 162 
ILE N   H2   sing N N 163 
ILE CA  C    sing N N 164 
ILE CA  CB   sing N N 165 
ILE CA  HA   sing N N 166 
ILE C   O    doub N N 167 
ILE C   OXT  sing N N 168 
ILE CB  CG1  sing N N 169 
ILE CB  CG2  sing N N 170 
ILE CB  HB   sing N N 171 
ILE CG1 CD1  sing N N 172 
ILE CG1 HG12 sing N N 173 
ILE CG1 HG13 sing N N 174 
ILE CG2 HG21 sing N N 175 
ILE CG2 HG22 sing N N 176 
ILE CG2 HG23 sing N N 177 
ILE CD1 HD11 sing N N 178 
ILE CD1 HD12 sing N N 179 
ILE CD1 HD13 sing N N 180 
ILE OXT HXT  sing N N 181 
LEU N   CA   sing N N 182 
LEU N   H    sing N N 183 
LEU N   H2   sing N N 184 
LEU CA  C    sing N N 185 
LEU CA  CB   sing N N 186 
LEU CA  HA   sing N N 187 
LEU C   O    doub N N 188 
LEU C   OXT  sing N N 189 
LEU CB  CG   sing N N 190 
LEU CB  HB2  sing N N 191 
LEU CB  HB3  sing N N 192 
LEU CG  CD1  sing N N 193 
LEU CG  CD2  sing N N 194 
LEU CG  HG   sing N N 195 
LEU CD1 HD11 sing N N 196 
LEU CD1 HD12 sing N N 197 
LEU CD1 HD13 sing N N 198 
LEU CD2 HD21 sing N N 199 
LEU CD2 HD22 sing N N 200 
LEU CD2 HD23 sing N N 201 
LEU OXT HXT  sing N N 202 
LYS N   CA   sing N N 203 
LYS N   H    sing N N 204 
LYS N   H2   sing N N 205 
LYS CA  C    sing N N 206 
LYS CA  CB   sing N N 207 
LYS CA  HA   sing N N 208 
LYS C   O    doub N N 209 
LYS C   OXT  sing N N 210 
LYS CB  CG   sing N N 211 
LYS CB  HB2  sing N N 212 
LYS CB  HB3  sing N N 213 
LYS CG  CD   sing N N 214 
LYS CG  HG2  sing N N 215 
LYS CG  HG3  sing N N 216 
LYS CD  CE   sing N N 217 
LYS CD  HD2  sing N N 218 
LYS CD  HD3  sing N N 219 
LYS CE  NZ   sing N N 220 
LYS CE  HE2  sing N N 221 
LYS CE  HE3  sing N N 222 
LYS NZ  HZ1  sing N N 223 
LYS NZ  HZ2  sing N N 224 
LYS NZ  HZ3  sing N N 225 
LYS OXT HXT  sing N N 226 
MET N   CA   sing N N 227 
MET N   H    sing N N 228 
MET N   H2   sing N N 229 
MET CA  C    sing N N 230 
MET CA  CB   sing N N 231 
MET CA  HA   sing N N 232 
MET C   O    doub N N 233 
MET C   OXT  sing N N 234 
MET CB  CG   sing N N 235 
MET CB  HB2  sing N N 236 
MET CB  HB3  sing N N 237 
MET CG  SD   sing N N 238 
MET CG  HG2  sing N N 239 
MET CG  HG3  sing N N 240 
MET SD  CE   sing N N 241 
MET CE  HE1  sing N N 242 
MET CE  HE2  sing N N 243 
MET CE  HE3  sing N N 244 
MET OXT HXT  sing N N 245 
PHE N   CA   sing N N 246 
PHE N   H    sing N N 247 
PHE N   H2   sing N N 248 
PHE CA  C    sing N N 249 
PHE CA  CB   sing N N 250 
PHE CA  HA   sing N N 251 
PHE C   O    doub N N 252 
PHE C   OXT  sing N N 253 
PHE CB  CG   sing N N 254 
PHE CB  HB2  sing N N 255 
PHE CB  HB3  sing N N 256 
PHE CG  CD1  doub Y N 257 
PHE CG  CD2  sing Y N 258 
PHE CD1 CE1  sing Y N 259 
PHE CD1 HD1  sing N N 260 
PHE CD2 CE2  doub Y N 261 
PHE CD2 HD2  sing N N 262 
PHE CE1 CZ   doub Y N 263 
PHE CE1 HE1  sing N N 264 
PHE CE2 CZ   sing Y N 265 
PHE CE2 HE2  sing N N 266 
PHE CZ  HZ   sing N N 267 
PHE OXT HXT  sing N N 268 
PRO N   CA   sing N N 269 
PRO N   CD   sing N N 270 
PRO N   H    sing N N 271 
PRO CA  C    sing N N 272 
PRO CA  CB   sing N N 273 
PRO CA  HA   sing N N 274 
PRO C   O    doub N N 275 
PRO C   OXT  sing N N 276 
PRO CB  CG   sing N N 277 
PRO CB  HB2  sing N N 278 
PRO CB  HB3  sing N N 279 
PRO CG  CD   sing N N 280 
PRO CG  HG2  sing N N 281 
PRO CG  HG3  sing N N 282 
PRO CD  HD2  sing N N 283 
PRO CD  HD3  sing N N 284 
PRO OXT HXT  sing N N 285 
SER N   CA   sing N N 286 
SER N   H    sing N N 287 
SER N   H2   sing N N 288 
SER CA  C    sing N N 289 
SER CA  CB   sing N N 290 
SER CA  HA   sing N N 291 
SER C   O    doub N N 292 
SER C   OXT  sing N N 293 
SER CB  OG   sing N N 294 
SER CB  HB2  sing N N 295 
SER CB  HB3  sing N N 296 
SER OG  HG   sing N N 297 
SER OXT HXT  sing N N 298 
SO4 S   O1   doub N N 299 
SO4 S   O2   doub N N 300 
SO4 S   O3   sing N N 301 
SO4 S   O4   sing N N 302 
THR N   CA   sing N N 303 
THR N   H    sing N N 304 
THR N   H2   sing N N 305 
THR CA  C    sing N N 306 
THR CA  CB   sing N N 307 
THR CA  HA   sing N N 308 
THR C   O    doub N N 309 
THR C   OXT  sing N N 310 
THR CB  OG1  sing N N 311 
THR CB  CG2  sing N N 312 
THR CB  HB   sing N N 313 
THR OG1 HG1  sing N N 314 
THR CG2 HG21 sing N N 315 
THR CG2 HG22 sing N N 316 
THR CG2 HG23 sing N N 317 
THR OXT HXT  sing N N 318 
TRP N   CA   sing N N 319 
TRP N   H    sing N N 320 
TRP N   H2   sing N N 321 
TRP CA  C    sing N N 322 
TRP CA  CB   sing N N 323 
TRP CA  HA   sing N N 324 
TRP C   O    doub N N 325 
TRP C   OXT  sing N N 326 
TRP CB  CG   sing N N 327 
TRP CB  HB2  sing N N 328 
TRP CB  HB3  sing N N 329 
TRP CG  CD1  doub Y N 330 
TRP CG  CD2  sing Y N 331 
TRP CD1 NE1  sing Y N 332 
TRP CD1 HD1  sing N N 333 
TRP CD2 CE2  doub Y N 334 
TRP CD2 CE3  sing Y N 335 
TRP NE1 CE2  sing Y N 336 
TRP NE1 HE1  sing N N 337 
TRP CE2 CZ2  sing Y N 338 
TRP CE3 CZ3  doub Y N 339 
TRP CE3 HE3  sing N N 340 
TRP CZ2 CH2  doub Y N 341 
TRP CZ2 HZ2  sing N N 342 
TRP CZ3 CH2  sing Y N 343 
TRP CZ3 HZ3  sing N N 344 
TRP CH2 HH2  sing N N 345 
TRP OXT HXT  sing N N 346 
TYR N   CA   sing N N 347 
TYR N   H    sing N N 348 
TYR N   H2   sing N N 349 
TYR CA  C    sing N N 350 
TYR CA  CB   sing N N 351 
TYR CA  HA   sing N N 352 
TYR C   O    doub N N 353 
TYR C   OXT  sing N N 354 
TYR CB  CG   sing N N 355 
TYR CB  HB2  sing N N 356 
TYR CB  HB3  sing N N 357 
TYR CG  CD1  doub Y N 358 
TYR CG  CD2  sing Y N 359 
TYR CD1 CE1  sing Y N 360 
TYR CD1 HD1  sing N N 361 
TYR CD2 CE2  doub Y N 362 
TYR CD2 HD2  sing N N 363 
TYR CE1 CZ   doub Y N 364 
TYR CE1 HE1  sing N N 365 
TYR CE2 CZ   sing Y N 366 
TYR CE2 HE2  sing N N 367 
TYR CZ  OH   sing N N 368 
TYR OH  HH   sing N N 369 
TYR OXT HXT  sing N N 370 
VAL N   CA   sing N N 371 
VAL N   H    sing N N 372 
VAL N   H2   sing N N 373 
VAL CA  C    sing N N 374 
VAL CA  CB   sing N N 375 
VAL CA  HA   sing N N 376 
VAL C   O    doub N N 377 
VAL C   OXT  sing N N 378 
VAL CB  CG1  sing N N 379 
VAL CB  CG2  sing N N 380 
VAL CB  HB   sing N N 381 
VAL CG1 HG11 sing N N 382 
VAL CG1 HG12 sing N N 383 
VAL CG1 HG13 sing N N 384 
VAL CG2 HG21 sing N N 385 
VAL CG2 HG22 sing N N 386 
VAL CG2 HG23 sing N N 387 
VAL OXT HXT  sing N N 388 
ZPV C8  C7   doub Y N 389 
ZPV C8  C9   sing Y N 390 
ZPV C7  C6   sing Y N 391 
ZPV C9  C10  doub Y N 392 
ZPV C6  C5   doub Y N 393 
ZPV C10 C5   sing Y N 394 
ZPV C5  C4   sing N N 395 
ZPV C4  C    sing N N 396 
ZPV C4  C3   sing N N 397 
ZPV C   C1   sing N N 398 
ZPV C3  C2   sing N N 399 
ZPV C1  N    sing N N 400 
ZPV C2  N    sing N N 401 
ZPV N   S    sing N N 402 
ZPV O3  S    doub N N 403 
ZPV S   O4   doub N N 404 
ZPV S   C11  sing N N 405 
ZPV C19 C11  doub Y N 406 
ZPV C19 C18  sing Y N 407 
ZPV C11 C12  sing Y N 408 
ZPV F   C18  sing N N 409 
ZPV C12 C13  doub Y N 410 
ZPV C18 C14  doub Y N 411 
ZPV O   C17  doub N N 412 
ZPV C13 C14  sing Y N 413 
ZPV C14 C15  sing N N 414 
ZPV C15 N1   sing N N 415 
ZPV C15 O2   doub N N 416 
ZPV C17 O1   sing N N 417 
ZPV C17 C16  sing N N 418 
ZPV N1  C16  sing N N 419 
ZPV C1  H1   sing N N 420 
ZPV C1  H2   sing N N 421 
ZPV C2  H3   sing N N 422 
ZPV C2  H4   sing N N 423 
ZPV C3  H5   sing N N 424 
ZPV C3  H6   sing N N 425 
ZPV C4  H7   sing N N 426 
ZPV C6  H8   sing N N 427 
ZPV C8  H9   sing N N 428 
ZPV C9  H10  sing N N 429 
ZPV C10 H11  sing N N 430 
ZPV C12 H12  sing N N 431 
ZPV C13 H13  sing N N 432 
ZPV C16 H14  sing N N 433 
ZPV C16 H15  sing N N 434 
ZPV C19 H16  sing N N 435 
ZPV O1  H17  sing N N 436 
ZPV N1  H18  sing N N 437 
ZPV C   H19  sing N N 438 
ZPV C   H20  sing N N 439 
ZPV C7  H21  sing N N 440 
# 
_pdbx_entity_instance_feature.ordinal        1 
_pdbx_entity_instance_feature.comp_id        ZPV 
_pdbx_entity_instance_feature.asym_id        ? 
_pdbx_entity_instance_feature.seq_num        ? 
_pdbx_entity_instance_feature.auth_comp_id   ZPV 
_pdbx_entity_instance_feature.auth_asym_id   ? 
_pdbx_entity_instance_feature.auth_seq_num   ? 
_pdbx_entity_instance_feature.feature_type   'SUBJECT OF INVESTIGATION' 
_pdbx_entity_instance_feature.details        ? 
# 
loop_
_pdbx_entity_nonpoly.entity_id 
_pdbx_entity_nonpoly.name 
_pdbx_entity_nonpoly.comp_id 
2 'N-[2-fluoro-4-(4-phenylpiperidine-1-sulfonyl)benzoyl]glycine' ZPV 
3 'SULFATE ION'                                                  SO4 
4 1,2-ETHANEDIOL                                                 EDO 
5 'ZINC ION'                                                     ZN  
6 water                                                          HOH 
# 
_pdbx_initial_refinement_model.id               1 
_pdbx_initial_refinement_model.entity_id_list   ? 
_pdbx_initial_refinement_model.type             'experimental model' 
_pdbx_initial_refinement_model.source_name      PDB 
_pdbx_initial_refinement_model.accession_code   6NFT 
_pdbx_initial_refinement_model.details          ? 
# 
_pdbx_struct_assembly_auth_evidence.id                     1 
_pdbx_struct_assembly_auth_evidence.assembly_id            1 
_pdbx_struct_assembly_auth_evidence.experimental_support   'light scattering' 
_pdbx_struct_assembly_auth_evidence.details                
'Protein is monomeric in solution as tested by multiple orthogonal methods' 
# 
